data_4XYQ
# 
_entry.id   4XYQ 
# 
_audit_conform.dict_name       mmcif_pdbx.dic 
_audit_conform.dict_version    5.387 
_audit_conform.dict_location   http://mmcif.pdb.org/dictionaries/ascii/mmcif_pdbx.dic 
# 
loop_
_database_2.database_id 
_database_2.database_code 
_database_2.pdbx_database_accession 
_database_2.pdbx_DOI 
PDB   4XYQ         pdb_00004xyq 10.2210/pdb4xyq/pdb 
WWPDB D_1000206531 ?            ?                   
# 
loop_
_pdbx_audit_revision_history.ordinal 
_pdbx_audit_revision_history.data_content_type 
_pdbx_audit_revision_history.major_revision 
_pdbx_audit_revision_history.minor_revision 
_pdbx_audit_revision_history.revision_date 
1 'Structure model' 1 0 2016-04-06 
2 'Structure model' 1 1 2019-12-18 
3 'Structure model' 1 2 2024-03-20 
# 
_pdbx_audit_revision_details.ordinal             1 
_pdbx_audit_revision_details.revision_ordinal    1 
_pdbx_audit_revision_details.data_content_type   'Structure model' 
_pdbx_audit_revision_details.provider            repository 
_pdbx_audit_revision_details.type                'Initial release' 
_pdbx_audit_revision_details.description         ? 
_pdbx_audit_revision_details.details             ? 
# 
loop_
_pdbx_audit_revision_group.ordinal 
_pdbx_audit_revision_group.revision_ordinal 
_pdbx_audit_revision_group.data_content_type 
_pdbx_audit_revision_group.group 
1 2 'Structure model' 'Database references'  
2 2 'Structure model' 'Derived calculations' 
3 3 'Structure model' 'Data collection'      
4 3 'Structure model' 'Database references'  
# 
loop_
_pdbx_audit_revision_category.ordinal 
_pdbx_audit_revision_category.revision_ordinal 
_pdbx_audit_revision_category.data_content_type 
_pdbx_audit_revision_category.category 
1 2 'Structure model' citation              
2 2 'Structure model' citation_author       
3 2 'Structure model' pdbx_struct_oper_list 
4 3 'Structure model' chem_comp_atom        
5 3 'Structure model' chem_comp_bond        
6 3 'Structure model' database_2            
# 
loop_
_pdbx_audit_revision_item.ordinal 
_pdbx_audit_revision_item.revision_ordinal 
_pdbx_audit_revision_item.data_content_type 
_pdbx_audit_revision_item.item 
1 2 'Structure model' '_citation.journal_volume'                  
2 2 'Structure model' '_citation.page_first'                      
3 2 'Structure model' '_citation.page_last'                       
4 2 'Structure model' '_citation.pdbx_database_id_PubMed'         
5 2 'Structure model' '_citation.title'                           
6 2 'Structure model' '_pdbx_struct_oper_list.symmetry_operation' 
7 3 'Structure model' '_database_2.pdbx_DOI'                      
8 3 'Structure model' '_database_2.pdbx_database_accession'       
# 
_pdbx_database_status.status_code                     REL 
_pdbx_database_status.status_code_sf                  REL 
_pdbx_database_status.status_code_mr                  ? 
_pdbx_database_status.entry_id                        4XYQ 
_pdbx_database_status.recvd_initial_deposition_date   2015-02-03 
_pdbx_database_status.SG_entry                        N 
_pdbx_database_status.deposit_site                    RCSB 
_pdbx_database_status.process_site                    PDBJ 
_pdbx_database_status.status_code_cs                  ? 
_pdbx_database_status.methods_development_category    ? 
_pdbx_database_status.pdb_format_compatible           Y 
_pdbx_database_status.status_code_nmr_data            ? 
# 
_pdbx_database_related.db_name        PDB 
_pdbx_database_related.details        . 
_pdbx_database_related.db_id          4XYO 
_pdbx_database_related.content_type   unspecified 
# 
loop_
_audit_author.name 
_audit_author.pdbx_ordinal 
'Gopal, B.'    1 
'Rajasree, K.' 2 
# 
_citation.abstract                  ? 
_citation.abstract_id_CAS           ? 
_citation.book_id_ISBN              ? 
_citation.book_publisher            ? 
_citation.book_publisher_city       ? 
_citation.book_title                ? 
_citation.coordinate_linkage        ? 
_citation.country                   NE 
_citation.database_id_Medline       ? 
_citation.details                   ? 
_citation.id                        primary 
_citation.journal_abbrev            'Biochem Biophys Rep' 
_citation.journal_id_ASTM           ? 
_citation.journal_id_CSD            ? 
_citation.journal_id_ISSN           2405-5808 
_citation.journal_full              ? 
_citation.journal_issue             ? 
_citation.journal_volume            6 
_citation.language                  ? 
_citation.page_first                124 
_citation.page_last                 134 
_citation.title                     
'Conformational features of theStaphylococcus aureusAgrA-promoter interactions rationalize quorum-sensing triggered gene expression.' 
_citation.year                      2016 
_citation.database_id_CSD           ? 
_citation.pdbx_database_id_DOI      10.1016/j.bbrep.2016.03.012 
_citation.pdbx_database_id_PubMed   28955870 
_citation.unpublished_flag          ? 
# 
loop_
_citation_author.citation_id 
_citation_author.name 
_citation_author.ordinal 
_citation_author.identifier_ORCID 
primary 'Rajasree, K.' 1 ? 
primary 'Fasim, A.'    2 ? 
primary 'Gopal, B.'    3 ? 
# 
loop_
_entity.id 
_entity.type 
_entity.src_method 
_entity.pdbx_description 
_entity.formula_weight 
_entity.pdbx_number_of_molecules 
_entity.pdbx_ec 
_entity.pdbx_mutation 
_entity.pdbx_fragment 
_entity.details 
1 polymer     syn 
;DNA (5'-D(*TP*TP*TP*AP*AP*CP*AP*GP*TP*TP*AP*AP*GP*TP*AP*T)-3')
;
4911.227  1  ? ? ?                                     ? 
2 polymer     syn 
;DNA (5'-D(*AP*AP*TP*AP*CP*TP*TP*AP*AP*CP*TP*GP*TP*TP*AP*A)-3')
;
4880.216  1  ? ? ?                                     ? 
3 polymer     man 'Accessory gene regulator A'                                     12357.919 1  ? ? 
'LytTR domain (UNP RESIDUES 137-238)' ? 
4 non-polymer nat 1,2-ETHANEDIOL                                                   62.068    1  ? ? ? ? 
5 water       nat water                                                            18.015    22 ? ? ? ? 
# 
loop_
_entity_poly.entity_id 
_entity_poly.type 
_entity_poly.nstd_linkage 
_entity_poly.nstd_monomer 
_entity_poly.pdbx_seq_one_letter_code 
_entity_poly.pdbx_seq_one_letter_code_can 
_entity_poly.pdbx_strand_id 
_entity_poly.pdbx_target_identifier 
1 polydeoxyribonucleotide no no '(DT)(DT)(DT)(DA)(DA)(DC)(DA)(DG)(DT)(DT)(DA)(DA)(DG)(DT)(DA)(DT)' TTTAACAGTTAAGTAT B ? 
2 polydeoxyribonucleotide no no '(DA)(DA)(DT)(DA)(DC)(DT)(DT)(DA)(DA)(DC)(DT)(DG)(DT)(DT)(DA)(DA)' AATACTTAACTGTTAA C ? 
3 'polypeptide(L)'        no no 
;MDNSVETIELKRGSNSVYVQYDDIMFFESSTKSHRLIAHLDNRQIEFYGNLKELSQLDDRFFRCHNSFVVNRHNIESIDS
KERIVYFKNKEHCYASVRNVKKI
;
;MDNSVETIELKRGSNSVYVQYDDIMFFESSTKSHRLIAHLDNRQIEFYGNLKELSQLDDRFFRCHNSFVVNRHNIESIDS
KERIVYFKNKEHCYASVRNVKKI
;
A ? 
# 
loop_
_pdbx_entity_nonpoly.entity_id 
_pdbx_entity_nonpoly.name 
_pdbx_entity_nonpoly.comp_id 
4 1,2-ETHANEDIOL EDO 
5 water          HOH 
# 
loop_
_entity_poly_seq.entity_id 
_entity_poly_seq.num 
_entity_poly_seq.mon_id 
_entity_poly_seq.hetero 
1 1   DT  n 
1 2   DT  n 
1 3   DT  n 
1 4   DA  n 
1 5   DA  n 
1 6   DC  n 
1 7   DA  n 
1 8   DG  n 
1 9   DT  n 
1 10  DT  n 
1 11  DA  n 
1 12  DA  n 
1 13  DG  n 
1 14  DT  n 
1 15  DA  n 
1 16  DT  n 
2 1   DA  n 
2 2   DA  n 
2 3   DT  n 
2 4   DA  n 
2 5   DC  n 
2 6   DT  n 
2 7   DT  n 
2 8   DA  n 
2 9   DA  n 
2 10  DC  n 
2 11  DT  n 
2 12  DG  n 
2 13  DT  n 
2 14  DT  n 
2 15  DA  n 
2 16  DA  n 
3 1   MET n 
3 2   ASP n 
3 3   ASN n 
3 4   SER n 
3 5   VAL n 
3 6   GLU n 
3 7   THR n 
3 8   ILE n 
3 9   GLU n 
3 10  LEU n 
3 11  LYS n 
3 12  ARG n 
3 13  GLY n 
3 14  SER n 
3 15  ASN n 
3 16  SER n 
3 17  VAL n 
3 18  TYR n 
3 19  VAL n 
3 20  GLN n 
3 21  TYR n 
3 22  ASP n 
3 23  ASP n 
3 24  ILE n 
3 25  MET n 
3 26  PHE n 
3 27  PHE n 
3 28  GLU n 
3 29  SER n 
3 30  SER n 
3 31  THR n 
3 32  LYS n 
3 33  SER n 
3 34  HIS n 
3 35  ARG n 
3 36  LEU n 
3 37  ILE n 
3 38  ALA n 
3 39  HIS n 
3 40  LEU n 
3 41  ASP n 
3 42  ASN n 
3 43  ARG n 
3 44  GLN n 
3 45  ILE n 
3 46  GLU n 
3 47  PHE n 
3 48  TYR n 
3 49  GLY n 
3 50  ASN n 
3 51  LEU n 
3 52  LYS n 
3 53  GLU n 
3 54  LEU n 
3 55  SER n 
3 56  GLN n 
3 57  LEU n 
3 58  ASP n 
3 59  ASP n 
3 60  ARG n 
3 61  PHE n 
3 62  PHE n 
3 63  ARG n 
3 64  CYS n 
3 65  HIS n 
3 66  ASN n 
3 67  SER n 
3 68  PHE n 
3 69  VAL n 
3 70  VAL n 
3 71  ASN n 
3 72  ARG n 
3 73  HIS n 
3 74  ASN n 
3 75  ILE n 
3 76  GLU n 
3 77  SER n 
3 78  ILE n 
3 79  ASP n 
3 80  SER n 
3 81  LYS n 
3 82  GLU n 
3 83  ARG n 
3 84  ILE n 
3 85  VAL n 
3 86  TYR n 
3 87  PHE n 
3 88  LYS n 
3 89  ASN n 
3 90  LYS n 
3 91  GLU n 
3 92  HIS n 
3 93  CYS n 
3 94  TYR n 
3 95  ALA n 
3 96  SER n 
3 97  VAL n 
3 98  ARG n 
3 99  ASN n 
3 100 VAL n 
3 101 LYS n 
3 102 LYS n 
3 103 ILE n 
# 
_entity_src_gen.entity_id                          3 
_entity_src_gen.pdbx_src_id                        1 
_entity_src_gen.pdbx_alt_source_flag               sample 
_entity_src_gen.pdbx_seq_type                      'Biological sequence' 
_entity_src_gen.pdbx_beg_seq_num                   1 
_entity_src_gen.pdbx_end_seq_num                   103 
_entity_src_gen.gene_src_common_name               ? 
_entity_src_gen.gene_src_genus                     ? 
_entity_src_gen.pdbx_gene_src_gene                 'agrA, SACOL2026' 
_entity_src_gen.gene_src_species                   ? 
_entity_src_gen.gene_src_strain                    COL 
_entity_src_gen.gene_src_tissue                    ? 
_entity_src_gen.gene_src_tissue_fraction           ? 
_entity_src_gen.gene_src_details                   ? 
_entity_src_gen.pdbx_gene_src_fragment             ? 
_entity_src_gen.pdbx_gene_src_scientific_name      'Staphylococcus aureus (strain COL)' 
_entity_src_gen.pdbx_gene_src_ncbi_taxonomy_id     93062 
_entity_src_gen.pdbx_gene_src_variant              ? 
_entity_src_gen.pdbx_gene_src_cell_line            ? 
_entity_src_gen.pdbx_gene_src_atcc                 ? 
_entity_src_gen.pdbx_gene_src_organ                ? 
_entity_src_gen.pdbx_gene_src_organelle            ? 
_entity_src_gen.pdbx_gene_src_cell                 ? 
_entity_src_gen.pdbx_gene_src_cellular_location    ? 
_entity_src_gen.host_org_common_name               ? 
_entity_src_gen.pdbx_host_org_scientific_name      'Escherichia coli' 
_entity_src_gen.pdbx_host_org_ncbi_taxonomy_id     562 
_entity_src_gen.host_org_genus                     ? 
_entity_src_gen.pdbx_host_org_gene                 ? 
_entity_src_gen.pdbx_host_org_organ                ? 
_entity_src_gen.host_org_species                   ? 
_entity_src_gen.pdbx_host_org_tissue               ? 
_entity_src_gen.pdbx_host_org_tissue_fraction      ? 
_entity_src_gen.pdbx_host_org_strain               RosettapLysS 
_entity_src_gen.pdbx_host_org_variant              ? 
_entity_src_gen.pdbx_host_org_cell_line            ? 
_entity_src_gen.pdbx_host_org_atcc                 ? 
_entity_src_gen.pdbx_host_org_culture_collection   ? 
_entity_src_gen.pdbx_host_org_cell                 ? 
_entity_src_gen.pdbx_host_org_organelle            ? 
_entity_src_gen.pdbx_host_org_cellular_location    ? 
_entity_src_gen.pdbx_host_org_vector_type          Plasmid 
_entity_src_gen.pdbx_host_org_vector               ? 
_entity_src_gen.host_org_details                   ? 
_entity_src_gen.expression_system_id               ? 
_entity_src_gen.plasmid_name                       pET22b 
_entity_src_gen.plasmid_details                    ? 
_entity_src_gen.pdbx_description                   ? 
# 
loop_
_pdbx_entity_src_syn.entity_id 
_pdbx_entity_src_syn.pdbx_src_id 
_pdbx_entity_src_syn.pdbx_alt_source_flag 
_pdbx_entity_src_syn.pdbx_beg_seq_num 
_pdbx_entity_src_syn.pdbx_end_seq_num 
_pdbx_entity_src_syn.organism_scientific 
_pdbx_entity_src_syn.organism_common_name 
_pdbx_entity_src_syn.ncbi_taxonomy_id 
_pdbx_entity_src_syn.details 
1 1 sample 1 16 'synthetic construct' ? 32630 ? 
2 1 sample 1 16 'synthetic construct' ? 32630 ? 
# 
loop_
_chem_comp.id 
_chem_comp.type 
_chem_comp.mon_nstd_flag 
_chem_comp.name 
_chem_comp.pdbx_synonyms 
_chem_comp.formula 
_chem_comp.formula_weight 
ALA 'L-peptide linking' y ALANINE                              ?                 'C3 H7 N O2'      89.093  
ARG 'L-peptide linking' y ARGININE                             ?                 'C6 H15 N4 O2 1'  175.209 
ASN 'L-peptide linking' y ASPARAGINE                           ?                 'C4 H8 N2 O3'     132.118 
ASP 'L-peptide linking' y 'ASPARTIC ACID'                      ?                 'C4 H7 N O4'      133.103 
CYS 'L-peptide linking' y CYSTEINE                             ?                 'C3 H7 N O2 S'    121.158 
DA  'DNA linking'       y "2'-DEOXYADENOSINE-5'-MONOPHOSPHATE" ?                 'C10 H14 N5 O6 P' 331.222 
DC  'DNA linking'       y "2'-DEOXYCYTIDINE-5'-MONOPHOSPHATE"  ?                 'C9 H14 N3 O7 P'  307.197 
DG  'DNA linking'       y "2'-DEOXYGUANOSINE-5'-MONOPHOSPHATE" ?                 'C10 H14 N5 O7 P' 347.221 
DT  'DNA linking'       y "THYMIDINE-5'-MONOPHOSPHATE"         ?                 'C10 H15 N2 O8 P' 322.208 
EDO non-polymer         . 1,2-ETHANEDIOL                       'ETHYLENE GLYCOL' 'C2 H6 O2'        62.068  
GLN 'L-peptide linking' y GLUTAMINE                            ?                 'C5 H10 N2 O3'    146.144 
GLU 'L-peptide linking' y 'GLUTAMIC ACID'                      ?                 'C5 H9 N O4'      147.129 
GLY 'peptide linking'   y GLYCINE                              ?                 'C2 H5 N O2'      75.067  
HIS 'L-peptide linking' y HISTIDINE                            ?                 'C6 H10 N3 O2 1'  156.162 
HOH non-polymer         . WATER                                ?                 'H2 O'            18.015  
ILE 'L-peptide linking' y ISOLEUCINE                           ?                 'C6 H13 N O2'     131.173 
LEU 'L-peptide linking' y LEUCINE                              ?                 'C6 H13 N O2'     131.173 
LYS 'L-peptide linking' y LYSINE                               ?                 'C6 H15 N2 O2 1'  147.195 
MET 'L-peptide linking' y METHIONINE                           ?                 'C5 H11 N O2 S'   149.211 
PHE 'L-peptide linking' y PHENYLALANINE                        ?                 'C9 H11 N O2'     165.189 
SER 'L-peptide linking' y SERINE                               ?                 'C3 H7 N O3'      105.093 
THR 'L-peptide linking' y THREONINE                            ?                 'C4 H9 N O3'      119.119 
TYR 'L-peptide linking' y TYROSINE                             ?                 'C9 H11 N O3'     181.189 
VAL 'L-peptide linking' y VALINE                               ?                 'C5 H11 N O2'     117.146 
# 
loop_
_pdbx_poly_seq_scheme.asym_id 
_pdbx_poly_seq_scheme.entity_id 
_pdbx_poly_seq_scheme.seq_id 
_pdbx_poly_seq_scheme.mon_id 
_pdbx_poly_seq_scheme.ndb_seq_num 
_pdbx_poly_seq_scheme.pdb_seq_num 
_pdbx_poly_seq_scheme.auth_seq_num 
_pdbx_poly_seq_scheme.pdb_mon_id 
_pdbx_poly_seq_scheme.auth_mon_id 
_pdbx_poly_seq_scheme.pdb_strand_id 
_pdbx_poly_seq_scheme.pdb_ins_code 
_pdbx_poly_seq_scheme.hetero 
A 1 1   DT  1   1   1   DT  DT  B . n 
A 1 2   DT  2   2   2   DT  DT  B . n 
A 1 3   DT  3   3   3   DT  DT  B . n 
A 1 4   DA  4   4   4   DA  DA  B . n 
A 1 5   DA  5   5   5   DA  DA  B . n 
A 1 6   DC  6   6   6   DC  DC  B . n 
A 1 7   DA  7   7   7   DA  DA  B . n 
A 1 8   DG  8   8   8   DG  DG  B . n 
A 1 9   DT  9   9   9   DT  DT  B . n 
A 1 10  DT  10  10  10  DT  DT  B . n 
A 1 11  DA  11  11  11  DA  DA  B . n 
A 1 12  DA  12  12  12  DA  DA  B . n 
A 1 13  DG  13  13  13  DG  DG  B . n 
A 1 14  DT  14  14  14  DT  DT  B . n 
A 1 15  DA  15  15  15  DA  DA  B . n 
A 1 16  DT  16  16  16  DT  DT  B . n 
B 2 1   DA  1   1   1   DA  DA  C . n 
B 2 2   DA  2   2   2   DA  DA  C . n 
B 2 3   DT  3   3   3   DT  DT  C . n 
B 2 4   DA  4   4   4   DA  DA  C . n 
B 2 5   DC  5   5   5   DC  DC  C . n 
B 2 6   DT  6   6   6   DT  DT  C . n 
B 2 7   DT  7   7   7   DT  DT  C . n 
B 2 8   DA  8   8   8   DA  DA  C . n 
B 2 9   DA  9   9   9   DA  DA  C . n 
B 2 10  DC  10  10  10  DC  DC  C . n 
B 2 11  DT  11  11  11  DT  DT  C . n 
B 2 12  DG  12  12  12  DG  DG  C . n 
B 2 13  DT  13  13  13  DT  DT  C . n 
B 2 14  DT  14  14  14  DT  DT  C . n 
B 2 15  DA  15  15  15  DA  DA  C . n 
B 2 16  DA  16  16  16  DA  DA  C . n 
C 3 1   MET 1   136 136 MET MET A . n 
C 3 2   ASP 2   137 137 ASP ASP A . n 
C 3 3   ASN 3   138 138 ASN ASN A . n 
C 3 4   SER 4   139 139 SER SER A . n 
C 3 5   VAL 5   140 140 VAL VAL A . n 
C 3 6   GLU 6   141 141 GLU GLU A . n 
C 3 7   THR 7   142 142 THR THR A . n 
C 3 8   ILE 8   143 143 ILE ILE A . n 
C 3 9   GLU 9   144 144 GLU GLU A . n 
C 3 10  LEU 10  145 145 LEU LEU A . n 
C 3 11  LYS 11  146 146 LYS LYS A . n 
C 3 12  ARG 12  147 147 ARG ARG A . n 
C 3 13  GLY 13  148 148 GLY GLY A . n 
C 3 14  SER 14  149 149 SER SER A . n 
C 3 15  ASN 15  150 150 ASN ASN A . n 
C 3 16  SER 16  151 151 SER SER A . n 
C 3 17  VAL 17  152 152 VAL VAL A . n 
C 3 18  TYR 18  153 153 TYR TYR A . n 
C 3 19  VAL 19  154 154 VAL VAL A . n 
C 3 20  GLN 20  155 155 GLN GLN A . n 
C 3 21  TYR 21  156 156 TYR TYR A . n 
C 3 22  ASP 22  157 157 ASP ASP A . n 
C 3 23  ASP 23  158 158 ASP ASP A . n 
C 3 24  ILE 24  159 159 ILE ILE A . n 
C 3 25  MET 25  160 160 MET MET A . n 
C 3 26  PHE 26  161 161 PHE PHE A . n 
C 3 27  PHE 27  162 162 PHE PHE A . n 
C 3 28  GLU 28  163 163 GLU GLU A . n 
C 3 29  SER 29  164 164 SER SER A . n 
C 3 30  SER 30  165 165 SER SER A . n 
C 3 31  THR 31  166 166 THR THR A . n 
C 3 32  LYS 32  167 167 LYS LYS A . n 
C 3 33  SER 33  168 168 SER SER A . n 
C 3 34  HIS 34  169 169 HIS HIS A . n 
C 3 35  ARG 35  170 170 ARG ARG A . n 
C 3 36  LEU 36  171 171 LEU LEU A . n 
C 3 37  ILE 37  172 172 ILE ILE A . n 
C 3 38  ALA 38  173 173 ALA ALA A . n 
C 3 39  HIS 39  174 174 HIS HIS A . n 
C 3 40  LEU 40  175 175 LEU LEU A . n 
C 3 41  ASP 41  176 176 ASP ASP A . n 
C 3 42  ASN 42  177 177 ASN ASN A . n 
C 3 43  ARG 43  178 178 ARG ARG A . n 
C 3 44  GLN 44  179 179 GLN GLN A . n 
C 3 45  ILE 45  180 180 ILE ILE A . n 
C 3 46  GLU 46  181 181 GLU GLU A . n 
C 3 47  PHE 47  182 182 PHE PHE A . n 
C 3 48  TYR 48  183 183 TYR TYR A . n 
C 3 49  GLY 49  184 184 GLY GLY A . n 
C 3 50  ASN 50  185 185 ASN ASN A . n 
C 3 51  LEU 51  186 186 LEU LEU A . n 
C 3 52  LYS 52  187 187 LYS LYS A . n 
C 3 53  GLU 53  188 188 GLU GLU A . n 
C 3 54  LEU 54  189 189 LEU LEU A . n 
C 3 55  SER 55  190 190 SER SER A . n 
C 3 56  GLN 56  191 191 GLN GLN A . n 
C 3 57  LEU 57  192 192 LEU LEU A . n 
C 3 58  ASP 58  193 193 ASP ASP A . n 
C 3 59  ASP 59  194 194 ASP ASP A . n 
C 3 60  ARG 60  195 195 ARG ARG A . n 
C 3 61  PHE 61  196 196 PHE PHE A . n 
C 3 62  PHE 62  197 197 PHE PHE A . n 
C 3 63  ARG 63  198 198 ARG ARG A . n 
C 3 64  CYS 64  199 199 CYS CYS A . n 
C 3 65  HIS 65  200 200 HIS HIS A . n 
C 3 66  ASN 66  201 201 ASN ASN A . n 
C 3 67  SER 67  202 202 SER SER A . n 
C 3 68  PHE 68  203 203 PHE PHE A . n 
C 3 69  VAL 69  204 204 VAL VAL A . n 
C 3 70  VAL 70  205 205 VAL VAL A . n 
C 3 71  ASN 71  206 206 ASN ASN A . n 
C 3 72  ARG 72  207 207 ARG ARG A . n 
C 3 73  HIS 73  208 208 HIS HIS A . n 
C 3 74  ASN 74  209 209 ASN ASN A . n 
C 3 75  ILE 75  210 210 ILE ILE A . n 
C 3 76  GLU 76  211 211 GLU GLU A . n 
C 3 77  SER 77  212 212 SER SER A . n 
C 3 78  ILE 78  213 213 ILE ILE A . n 
C 3 79  ASP 79  214 214 ASP ASP A . n 
C 3 80  SER 80  215 215 SER SER A . n 
C 3 81  LYS 81  216 216 LYS LYS A . n 
C 3 82  GLU 82  217 217 GLU GLU A . n 
C 3 83  ARG 83  218 218 ARG ARG A . n 
C 3 84  ILE 84  219 219 ILE ILE A . n 
C 3 85  VAL 85  220 220 VAL VAL A . n 
C 3 86  TYR 86  221 221 TYR TYR A . n 
C 3 87  PHE 87  222 222 PHE PHE A . n 
C 3 88  LYS 88  223 223 LYS LYS A . n 
C 3 89  ASN 89  224 224 ASN ASN A . n 
C 3 90  LYS 90  225 225 LYS LYS A . n 
C 3 91  GLU 91  226 226 GLU GLU A . n 
C 3 92  HIS 92  227 227 HIS HIS A . n 
C 3 93  CYS 93  228 228 CYS CYS A . n 
C 3 94  TYR 94  229 229 TYR TYR A . n 
C 3 95  ALA 95  230 230 ALA ALA A . n 
C 3 96  SER 96  231 231 SER SER A . n 
C 3 97  VAL 97  232 232 VAL VAL A . n 
C 3 98  ARG 98  233 233 ARG ARG A . n 
C 3 99  ASN 99  234 234 ASN ASN A . n 
C 3 100 VAL 100 235 235 VAL VAL A . n 
C 3 101 LYS 101 236 236 LYS LYS A . n 
C 3 102 LYS 102 237 237 LYS LYS A . n 
C 3 103 ILE 103 238 238 ILE ILE A . n 
# 
loop_
_pdbx_nonpoly_scheme.asym_id 
_pdbx_nonpoly_scheme.entity_id 
_pdbx_nonpoly_scheme.mon_id 
_pdbx_nonpoly_scheme.ndb_seq_num 
_pdbx_nonpoly_scheme.pdb_seq_num 
_pdbx_nonpoly_scheme.auth_seq_num 
_pdbx_nonpoly_scheme.pdb_mon_id 
_pdbx_nonpoly_scheme.auth_mon_id 
_pdbx_nonpoly_scheme.pdb_strand_id 
_pdbx_nonpoly_scheme.pdb_ins_code 
D 4 EDO 1  301 1  EDO EDO A . 
E 5 HOH 1  101 16 HOH HOH B . 
E 5 HOH 2  102 7  HOH HOH B . 
E 5 HOH 3  103 14 HOH HOH B . 
F 5 HOH 1  101 11 HOH HOH C . 
F 5 HOH 2  102 2  HOH HOH C . 
F 5 HOH 3  103 12 HOH HOH C . 
F 5 HOH 4  104 3  HOH HOH C . 
F 5 HOH 5  105 13 HOH HOH C . 
G 5 HOH 1  401 21 HOH HOH A . 
G 5 HOH 2  402 6  HOH HOH A . 
G 5 HOH 3  403 8  HOH HOH A . 
G 5 HOH 4  404 1  HOH HOH A . 
G 5 HOH 5  405 10 HOH HOH A . 
G 5 HOH 6  406 9  HOH HOH A . 
G 5 HOH 7  407 17 HOH HOH A . 
G 5 HOH 8  408 4  HOH HOH A . 
G 5 HOH 9  409 5  HOH HOH A . 
G 5 HOH 10 410 22 HOH HOH A . 
G 5 HOH 11 411 20 HOH HOH A . 
G 5 HOH 12 412 18 HOH HOH A . 
G 5 HOH 13 413 15 HOH HOH A . 
G 5 HOH 14 414 19 HOH HOH A . 
# 
loop_
_pdbx_unobs_or_zero_occ_atoms.id 
_pdbx_unobs_or_zero_occ_atoms.PDB_model_num 
_pdbx_unobs_or_zero_occ_atoms.polymer_flag 
_pdbx_unobs_or_zero_occ_atoms.occupancy_flag 
_pdbx_unobs_or_zero_occ_atoms.auth_asym_id 
_pdbx_unobs_or_zero_occ_atoms.auth_comp_id 
_pdbx_unobs_or_zero_occ_atoms.auth_seq_id 
_pdbx_unobs_or_zero_occ_atoms.PDB_ins_code 
_pdbx_unobs_or_zero_occ_atoms.auth_atom_id 
_pdbx_unobs_or_zero_occ_atoms.label_alt_id 
_pdbx_unobs_or_zero_occ_atoms.label_asym_id 
_pdbx_unobs_or_zero_occ_atoms.label_comp_id 
_pdbx_unobs_or_zero_occ_atoms.label_seq_id 
_pdbx_unobs_or_zero_occ_atoms.label_atom_id 
1 1 Y 1 A MET 136 ? CG ? C MET 1  CG 
2 1 Y 1 A MET 136 ? SD ? C MET 1  SD 
3 1 Y 1 A MET 136 ? CE ? C MET 1  CE 
4 1 Y 1 A SER 149 ? OG ? C SER 14 OG 
# 
loop_
_software.citation_id 
_software.classification 
_software.compiler_name 
_software.compiler_version 
_software.contact_author 
_software.contact_author_email 
_software.date 
_software.description 
_software.dependencies 
_software.hardware 
_software.language 
_software.location 
_software.mods 
_software.name 
_software.os 
_software.os_version 
_software.type 
_software.version 
_software.pdbx_ordinal 
? refinement       ? ? ? ? ? ? ? ? ? ? ? REFMAC ? ? ? 5.8.0107 1 
? 'data reduction' ? ? ? ? ? ? ? ? ? ? ? SCALA  ? ? ? .        2 
? 'data scaling'   ? ? ? ? ? ? ? ? ? ? ? SCALA  ? ? ? .        3 
? phasing          ? ? ? ? ? ? ? ? ? ? ? PHASER ? ? ? .        4 
# 
_cell.entry_id           4XYQ 
_cell.length_a           47.770 
_cell.length_b           47.770 
_cell.length_c           100.250 
_cell.angle_alpha        90.00 
_cell.angle_beta         90.00 
_cell.angle_gamma        90.00 
_cell.Z_PDB              4 
_cell.pdbx_unique_axis   ? 
# 
_symmetry.entry_id                         4XYQ 
_symmetry.space_group_name_H-M             'P 41' 
_symmetry.pdbx_full_space_group_name_H-M   ? 
_symmetry.cell_setting                     ? 
_symmetry.Int_Tables_number                76 
# 
_exptl.absorpt_coefficient_mu     ? 
_exptl.absorpt_correction_T_max   ? 
_exptl.absorpt_correction_T_min   ? 
_exptl.absorpt_correction_type    ? 
_exptl.absorpt_process_details    ? 
_exptl.entry_id                   4XYQ 
_exptl.crystals_number            ? 
_exptl.details                    ? 
_exptl.method                     'X-RAY DIFFRACTION' 
_exptl.method_details             ? 
# 
_exptl_crystal.colour                      ? 
_exptl_crystal.density_diffrn              ? 
_exptl_crystal.density_Matthews            2.72 
_exptl_crystal.density_method              ? 
_exptl_crystal.density_percent_sol         54.87 
_exptl_crystal.description                 ? 
_exptl_crystal.F_000                       ? 
_exptl_crystal.id                          1 
_exptl_crystal.preparation                 ? 
_exptl_crystal.size_max                    ? 
_exptl_crystal.size_mid                    ? 
_exptl_crystal.size_min                    ? 
_exptl_crystal.size_rad                    ? 
_exptl_crystal.colour_lustre               ? 
_exptl_crystal.colour_modifier             ? 
_exptl_crystal.colour_primary              ? 
_exptl_crystal.density_meas                ? 
_exptl_crystal.density_meas_esd            ? 
_exptl_crystal.density_meas_gt             ? 
_exptl_crystal.density_meas_lt             ? 
_exptl_crystal.density_meas_temp           ? 
_exptl_crystal.density_meas_temp_esd       ? 
_exptl_crystal.density_meas_temp_gt        ? 
_exptl_crystal.density_meas_temp_lt        ? 
_exptl_crystal.pdbx_crystal_image_url      ? 
_exptl_crystal.pdbx_crystal_image_format   ? 
_exptl_crystal.pdbx_mosaicity              ? 
_exptl_crystal.pdbx_mosaicity_esd          ? 
# 
_exptl_crystal_grow.apparatus       ? 
_exptl_crystal_grow.atmosphere      ? 
_exptl_crystal_grow.crystal_id      1 
_exptl_crystal_grow.details         ? 
_exptl_crystal_grow.method          'VAPOR DIFFUSION, HANGING DROP' 
_exptl_crystal_grow.method_ref      ? 
_exptl_crystal_grow.pH              6.0 
_exptl_crystal_grow.pressure        ? 
_exptl_crystal_grow.pressure_esd    ? 
_exptl_crystal_grow.seeding         ? 
_exptl_crystal_grow.seeding_ref     ? 
_exptl_crystal_grow.temp            298 
_exptl_crystal_grow.temp_details    ? 
_exptl_crystal_grow.temp_esd        ? 
_exptl_crystal_grow.time            ? 
_exptl_crystal_grow.pdbx_details    
;0.1M Bis-Tris pH 6.0,
40% PEG 400.
;
_exptl_crystal_grow.pdbx_pH_range   ? 
# 
_diffrn.ambient_environment    ? 
_diffrn.ambient_temp           100 
_diffrn.ambient_temp_details   ? 
_diffrn.ambient_temp_esd       ? 
_diffrn.crystal_id             1 
_diffrn.crystal_support        ? 
_diffrn.crystal_treatment      ? 
_diffrn.details                ? 
_diffrn.id                     1 
_diffrn.ambient_pressure       ? 
_diffrn.ambient_pressure_esd   ? 
_diffrn.ambient_pressure_gt    ? 
_diffrn.ambient_pressure_lt    ? 
_diffrn.ambient_temp_gt        ? 
_diffrn.ambient_temp_lt        ? 
# 
_diffrn_detector.details                      ? 
_diffrn_detector.detector                     'IMAGE PLATE' 
_diffrn_detector.diffrn_id                    1 
_diffrn_detector.type                         'MAR scanner 300 mm plate' 
_diffrn_detector.area_resol_mean              ? 
_diffrn_detector.dtime                        ? 
_diffrn_detector.pdbx_frames_total            ? 
_diffrn_detector.pdbx_collection_time_total   ? 
_diffrn_detector.pdbx_collection_date         2012-11-24 
# 
_diffrn_radiation.collimation                      ? 
_diffrn_radiation.diffrn_id                        1 
_diffrn_radiation.filter_edge                      ? 
_diffrn_radiation.inhomogeneity                    ? 
_diffrn_radiation.monochromator                    ? 
_diffrn_radiation.polarisn_norm                    ? 
_diffrn_radiation.polarisn_ratio                   ? 
_diffrn_radiation.probe                            ? 
_diffrn_radiation.type                             ? 
_diffrn_radiation.xray_symbol                      ? 
_diffrn_radiation.wavelength_id                    1 
_diffrn_radiation.pdbx_monochromatic_or_laue_m_l   M 
_diffrn_radiation.pdbx_wavelength_list             ? 
_diffrn_radiation.pdbx_wavelength                  ? 
_diffrn_radiation.pdbx_diffrn_protocol             'SINGLE WAVELENGTH' 
_diffrn_radiation.pdbx_analyzer                    ? 
_diffrn_radiation.pdbx_scattering_type             x-ray 
# 
_diffrn_radiation_wavelength.id           1 
_diffrn_radiation_wavelength.wavelength   1.54179 
_diffrn_radiation_wavelength.wt           1.0 
# 
_diffrn_source.current                     ? 
_diffrn_source.details                     ? 
_diffrn_source.diffrn_id                   1 
_diffrn_source.power                       ? 
_diffrn_source.size                        ? 
_diffrn_source.source                      'ROTATING ANODE' 
_diffrn_source.target                      ? 
_diffrn_source.type                        'RIGAKU MICROMAX-002' 
_diffrn_source.voltage                     ? 
_diffrn_source.take-off_angle              ? 
_diffrn_source.pdbx_wavelength_list        1.54179 
_diffrn_source.pdbx_wavelength             ? 
_diffrn_source.pdbx_synchrotron_beamline   ? 
_diffrn_source.pdbx_synchrotron_site       ? 
# 
_reflns.B_iso_Wilson_estimate            ? 
_reflns.entry_id                         4XYQ 
_reflns.data_reduction_details           ? 
_reflns.data_reduction_method            ? 
_reflns.d_resolution_high                2.38 
_reflns.d_resolution_low                 50.12 
_reflns.details                          ? 
_reflns.limit_h_max                      ? 
_reflns.limit_h_min                      ? 
_reflns.limit_k_max                      ? 
_reflns.limit_k_min                      ? 
_reflns.limit_l_max                      ? 
_reflns.limit_l_min                      ? 
_reflns.number_all                       ? 
_reflns.number_obs                       8820 
_reflns.observed_criterion               ? 
_reflns.observed_criterion_F_max         ? 
_reflns.observed_criterion_F_min         ? 
_reflns.observed_criterion_I_max         ? 
_reflns.observed_criterion_I_min         ? 
_reflns.observed_criterion_sigma_F       ? 
_reflns.observed_criterion_sigma_I       ? 
_reflns.percent_possible_obs             99.7 
_reflns.R_free_details                   ? 
_reflns.Rmerge_F_all                     ? 
_reflns.Rmerge_F_obs                     ? 
_reflns.Friedel_coverage                 ? 
_reflns.number_gt                        ? 
_reflns.threshold_expression             ? 
_reflns.pdbx_redundancy                  4.2 
_reflns.pdbx_Rmerge_I_obs                ? 
_reflns.pdbx_Rmerge_I_all                ? 
_reflns.pdbx_Rsym_value                  0.081 
_reflns.pdbx_netI_over_av_sigmaI         ? 
_reflns.pdbx_netI_over_sigmaI            9.6 
_reflns.pdbx_res_netI_over_av_sigmaI_2   ? 
_reflns.pdbx_res_netI_over_sigmaI_2      ? 
_reflns.pdbx_chi_squared                 ? 
_reflns.pdbx_scaling_rejects             ? 
_reflns.pdbx_d_res_high_opt              ? 
_reflns.pdbx_d_res_low_opt               ? 
_reflns.pdbx_d_res_opt_method            ? 
_reflns.phase_calculation_details        ? 
_reflns.pdbx_Rrim_I_all                  ? 
_reflns.pdbx_Rpim_I_all                  ? 
_reflns.pdbx_d_opt                       ? 
_reflns.pdbx_number_measured_all         ? 
_reflns.pdbx_diffrn_id                   1 
_reflns.pdbx_ordinal                     1 
_reflns.pdbx_CC_half                     ? 
_reflns.pdbx_R_split                     ? 
# 
_reflns_shell.d_res_high                  2.4 
_reflns_shell.d_res_low                   2.49 
_reflns_shell.meanI_over_sigI_all         ? 
_reflns_shell.meanI_over_sigI_obs         2.9 
_reflns_shell.number_measured_all         ? 
_reflns_shell.number_measured_obs         ? 
_reflns_shell.number_possible             ? 
_reflns_shell.number_unique_all           ? 
_reflns_shell.number_unique_obs           ? 
_reflns_shell.percent_possible_all        100 
_reflns_shell.percent_possible_obs        ? 
_reflns_shell.Rmerge_F_all                ? 
_reflns_shell.Rmerge_F_obs                ? 
_reflns_shell.Rmerge_I_all                ? 
_reflns_shell.Rmerge_I_obs                0.461 
_reflns_shell.meanI_over_sigI_gt          ? 
_reflns_shell.meanI_over_uI_all           ? 
_reflns_shell.meanI_over_uI_gt            ? 
_reflns_shell.number_measured_gt          ? 
_reflns_shell.number_unique_gt            ? 
_reflns_shell.percent_possible_gt         ? 
_reflns_shell.Rmerge_F_gt                 ? 
_reflns_shell.Rmerge_I_gt                 ? 
_reflns_shell.pdbx_redundancy             4.5 
_reflns_shell.pdbx_Rsym_value             ? 
_reflns_shell.pdbx_chi_squared            ? 
_reflns_shell.pdbx_netI_over_sigmaI_all   ? 
_reflns_shell.pdbx_netI_over_sigmaI_obs   ? 
_reflns_shell.pdbx_Rrim_I_all             ? 
_reflns_shell.pdbx_Rpim_I_all             ? 
_reflns_shell.pdbx_rejects                ? 
_reflns_shell.pdbx_ordinal                1 
_reflns_shell.pdbx_diffrn_id              1 
_reflns_shell.pdbx_CC_half                ? 
_reflns_shell.pdbx_R_split                ? 
# 
_refine.pdbx_refine_id                           'X-RAY DIFFRACTION' 
_refine.entry_id                                 4XYQ 
_refine.pdbx_diffrn_id                           1 
_refine.pdbx_TLS_residual_ADP_flag               ? 
_refine.ls_number_reflns_obs                     8347 
_refine.ls_number_reflns_all                     ? 
_refine.pdbx_ls_sigma_I                          ? 
_refine.pdbx_ls_sigma_F                          ? 
_refine.pdbx_data_cutoff_high_absF               ? 
_refine.pdbx_data_cutoff_low_absF                ? 
_refine.pdbx_data_cutoff_high_rms_absF           ? 
_refine.ls_d_res_low                             47.77 
_refine.ls_d_res_high                            2.40 
_refine.ls_percent_reflns_obs                    99.60 
_refine.ls_R_factor_obs                          0.20260 
_refine.ls_R_factor_all                          ? 
_refine.ls_R_factor_R_work                       0.20084 
_refine.ls_R_factor_R_free                       0.23752 
_refine.ls_R_factor_R_free_error                 ? 
_refine.ls_R_factor_R_free_error_details         ? 
_refine.ls_percent_reflns_R_free                 5.0 
_refine.ls_number_reflns_R_free                  437 
_refine.ls_number_parameters                     ? 
_refine.ls_number_restraints                     ? 
_refine.occupancy_min                            ? 
_refine.occupancy_max                            ? 
_refine.correlation_coeff_Fo_to_Fc               0.943 
_refine.correlation_coeff_Fo_to_Fc_free          0.930 
_refine.B_iso_mean                               43.988 
_refine.aniso_B[1][1]                            1.80 
_refine.aniso_B[2][2]                            1.80 
_refine.aniso_B[3][3]                            -3.60 
_refine.aniso_B[1][2]                            -0.00 
_refine.aniso_B[1][3]                            -0.00 
_refine.aniso_B[2][3]                            -0.00 
_refine.solvent_model_details                    MASK 
_refine.solvent_model_param_ksol                 ? 
_refine.solvent_model_param_bsol                 ? 
_refine.pdbx_solvent_vdw_probe_radii             1.20 
_refine.pdbx_solvent_ion_probe_radii             0.80 
_refine.pdbx_solvent_shrinkage_radii             0.80 
_refine.pdbx_ls_cross_valid_method               THROUGHOUT 
_refine.details                                  'HYDROGENS HAVE BEEN ADDED IN THE RIDING POSITIONS' 
_refine.pdbx_starting_model                      ? 
_refine.pdbx_method_to_determine_struct          ? 
_refine.pdbx_isotropic_thermal_model             ? 
_refine.pdbx_stereochemistry_target_values       'MAXIMUM LIKELIHOOD' 
_refine.pdbx_stereochem_target_val_spec_case     ? 
_refine.pdbx_R_Free_selection_details            RANDOM 
_refine.pdbx_overall_ESU_R                       0.414 
_refine.pdbx_overall_ESU_R_Free                  0.250 
_refine.overall_SU_ML                            0.195 
_refine.pdbx_overall_phase_error                 ? 
_refine.overall_SU_B                             8.583 
_refine.overall_SU_R_Cruickshank_DPI             ? 
_refine.pdbx_overall_SU_R_free_Cruickshank_DPI   ? 
_refine.pdbx_overall_SU_R_Blow_DPI               ? 
_refine.pdbx_overall_SU_R_free_Blow_DPI          ? 
# 
_refine_hist.pdbx_refine_id                   'X-RAY DIFFRACTION' 
_refine_hist.cycle_id                         LAST 
_refine_hist.pdbx_number_atoms_protein        865 
_refine_hist.pdbx_number_atoms_nucleic_acid   650 
_refine_hist.pdbx_number_atoms_ligand         4 
_refine_hist.number_atoms_solvent             22 
_refine_hist.number_atoms_total               1541 
_refine_hist.d_res_high                       2.40 
_refine_hist.d_res_low                        47.77 
# 
loop_
_refine_ls_restr.type 
_refine_ls_restr.dev_ideal 
_refine_ls_restr.dev_ideal_target 
_refine_ls_restr.weight 
_refine_ls_restr.number 
_refine_ls_restr.pdbx_refine_id 
_refine_ls_restr.pdbx_restraint_function 
r_bond_refined_d             0.012  0.015  ? 1616 'X-RAY DIFFRACTION' ? 
r_bond_other_d               0.004  0.020  ? 1199 'X-RAY DIFFRACTION' ? 
r_angle_refined_deg          1.537  1.566  ? 2311 'X-RAY DIFFRACTION' ? 
r_angle_other_deg            1.306  3.000  ? 2777 'X-RAY DIFFRACTION' ? 
r_dihedral_angle_1_deg       6.327  5.000  ? 104  'X-RAY DIFFRACTION' ? 
r_dihedral_angle_2_deg       36.947 23.654 ? 52   'X-RAY DIFFRACTION' ? 
r_dihedral_angle_3_deg       14.175 15.000 ? 165  'X-RAY DIFFRACTION' ? 
r_dihedral_angle_4_deg       16.831 15.000 ? 8    'X-RAY DIFFRACTION' ? 
r_chiral_restr               0.093  0.200  ? 222  'X-RAY DIFFRACTION' ? 
r_gen_planes_refined         0.009  0.020  ? 1388 'X-RAY DIFFRACTION' ? 
r_gen_planes_other           0.002  0.020  ? 372  'X-RAY DIFFRACTION' ? 
r_nbd_refined                ?      ?      ? ?    'X-RAY DIFFRACTION' ? 
r_nbd_other                  ?      ?      ? ?    'X-RAY DIFFRACTION' ? 
r_nbtor_refined              ?      ?      ? ?    'X-RAY DIFFRACTION' ? 
r_nbtor_other                ?      ?      ? ?    'X-RAY DIFFRACTION' ? 
r_xyhbond_nbd_refined        ?      ?      ? ?    'X-RAY DIFFRACTION' ? 
r_xyhbond_nbd_other          ?      ?      ? ?    'X-RAY DIFFRACTION' ? 
r_metal_ion_refined          ?      ?      ? ?    'X-RAY DIFFRACTION' ? 
r_metal_ion_other            ?      ?      ? ?    'X-RAY DIFFRACTION' ? 
r_symmetry_vdw_refined       ?      ?      ? ?    'X-RAY DIFFRACTION' ? 
r_symmetry_vdw_other         ?      ?      ? ?    'X-RAY DIFFRACTION' ? 
r_symmetry_hbond_refined     ?      ?      ? ?    'X-RAY DIFFRACTION' ? 
r_symmetry_hbond_other       ?      ?      ? ?    'X-RAY DIFFRACTION' ? 
r_symmetry_metal_ion_refined ?      ?      ? ?    'X-RAY DIFFRACTION' ? 
r_symmetry_metal_ion_other   ?      ?      ? ?    'X-RAY DIFFRACTION' ? 
r_mcbond_it                  3.115  3.738  ? 413  'X-RAY DIFFRACTION' ? 
r_mcbond_other               3.092  3.738  ? 412  'X-RAY DIFFRACTION' ? 
r_mcangle_it                 4.630  5.589  ? 515  'X-RAY DIFFRACTION' ? 
r_mcangle_other              4.629  5.590  ? 516  'X-RAY DIFFRACTION' ? 
r_scbond_it                  4.485  4.831  ? 1203 'X-RAY DIFFRACTION' ? 
r_scbond_other               4.485  4.831  ? 1203 'X-RAY DIFFRACTION' ? 
r_scangle_it                 ?      ?      ? ?    'X-RAY DIFFRACTION' ? 
r_scangle_other              6.691  7.212  ? 1796 'X-RAY DIFFRACTION' ? 
r_long_range_B_refined       9.083  42.527 ? 6645 'X-RAY DIFFRACTION' ? 
r_long_range_B_other         9.083  42.528 ? 6646 'X-RAY DIFFRACTION' ? 
r_rigid_bond_restr           ?      ?      ? ?    'X-RAY DIFFRACTION' ? 
r_sphericity_free            ?      ?      ? ?    'X-RAY DIFFRACTION' ? 
r_sphericity_bonded          ?      ?      ? ?    'X-RAY DIFFRACTION' ? 
# 
_refine_ls_shell.pdbx_refine_id                   'X-RAY DIFFRACTION' 
_refine_ls_shell.pdbx_total_number_of_bins_used   20 
_refine_ls_shell.d_res_high                       2.400 
_refine_ls_shell.d_res_low                        2.462 
_refine_ls_shell.number_reflns_R_work             589 
_refine_ls_shell.R_factor_R_work                  0.261 
_refine_ls_shell.percent_reflns_obs               100.00 
_refine_ls_shell.R_factor_R_free                  0.284 
_refine_ls_shell.R_factor_R_free_error            ? 
_refine_ls_shell.percent_reflns_R_free            ? 
_refine_ls_shell.number_reflns_R_free             47 
_refine_ls_shell.number_reflns_all                ? 
_refine_ls_shell.R_factor_all                     ? 
# 
_struct.entry_id                     4XYQ 
_struct.title                        'Structure of AgrA LytTR domain in complex with promoters' 
_struct.pdbx_model_details           ? 
_struct.pdbx_formula_weight          ? 
_struct.pdbx_formula_weight_method   ? 
_struct.pdbx_model_type_details      ? 
_struct.pdbx_CASP_flag               ? 
# 
_struct_keywords.entry_id        4XYQ 
_struct_keywords.text            'Protein-DNA complex, DNA-DNA BINDING PROTEIN complex' 
_struct_keywords.pdbx_keywords   'DNA/DNA BINDING PROTEIN' 
# 
loop_
_struct_asym.id 
_struct_asym.pdbx_blank_PDB_chainid_flag 
_struct_asym.pdbx_modified 
_struct_asym.entity_id 
_struct_asym.details 
A N N 1 ? 
B N N 2 ? 
C N N 3 ? 
D N N 4 ? 
E N N 5 ? 
F N N 5 ? 
G N N 5 ? 
# 
loop_
_struct_ref.id 
_struct_ref.db_name 
_struct_ref.db_code 
_struct_ref.pdbx_db_accession 
_struct_ref.pdbx_db_isoform 
_struct_ref.entity_id 
_struct_ref.pdbx_seq_one_letter_code 
_struct_ref.pdbx_align_begin 
1 PDB 4XYQ       4XYQ   ? 1 ? 1   
2 PDB 4XYQ       4XYQ   ? 2 ? 1   
3 UNP AGRA_STAAC Q5HEG2 ? 3 
;DNSVETIELKRGSNSVYVQYDDIMFFESSTKSHRLIAHLDNRQIEFYGNLKELSQLDDRFFRCHNSFVVNRHNIESIDSK
ERIVYFKNKEHCYASVRNVKKI
;
137 
# 
loop_
_struct_ref_seq.align_id 
_struct_ref_seq.ref_id 
_struct_ref_seq.pdbx_PDB_id_code 
_struct_ref_seq.pdbx_strand_id 
_struct_ref_seq.seq_align_beg 
_struct_ref_seq.pdbx_seq_align_beg_ins_code 
_struct_ref_seq.seq_align_end 
_struct_ref_seq.pdbx_seq_align_end_ins_code 
_struct_ref_seq.pdbx_db_accession 
_struct_ref_seq.db_align_beg 
_struct_ref_seq.pdbx_db_align_beg_ins_code 
_struct_ref_seq.db_align_end 
_struct_ref_seq.pdbx_db_align_end_ins_code 
_struct_ref_seq.pdbx_auth_seq_align_beg 
_struct_ref_seq.pdbx_auth_seq_align_end 
1 1 4XYQ B 1 ? 16  ? 4XYQ   1   ? 16  ? 1   16  
2 2 4XYQ C 1 ? 16  ? 4XYQ   1   ? 16  ? 1   16  
3 3 4XYQ A 2 ? 103 ? Q5HEG2 137 ? 238 ? 137 238 
# 
_struct_ref_seq_dif.align_id                     3 
_struct_ref_seq_dif.pdbx_pdb_id_code             4XYQ 
_struct_ref_seq_dif.mon_id                       MET 
_struct_ref_seq_dif.pdbx_pdb_strand_id           A 
_struct_ref_seq_dif.seq_num                      1 
_struct_ref_seq_dif.pdbx_pdb_ins_code            ? 
_struct_ref_seq_dif.pdbx_seq_db_name             UNP 
_struct_ref_seq_dif.pdbx_seq_db_accession_code   Q5HEG2 
_struct_ref_seq_dif.db_mon_id                    ? 
_struct_ref_seq_dif.pdbx_seq_db_seq_num          ? 
_struct_ref_seq_dif.details                      'expression tag' 
_struct_ref_seq_dif.pdbx_auth_seq_num            136 
_struct_ref_seq_dif.pdbx_ordinal                 1 
# 
_pdbx_struct_assembly.id                   1 
_pdbx_struct_assembly.details              author_and_software_defined_assembly 
_pdbx_struct_assembly.method_details       PISA 
_pdbx_struct_assembly.oligomeric_details   trimeric 
_pdbx_struct_assembly.oligomeric_count     3 
# 
loop_
_pdbx_struct_assembly_prop.biol_id 
_pdbx_struct_assembly_prop.type 
_pdbx_struct_assembly_prop.value 
_pdbx_struct_assembly_prop.details 
1 'ABSA (A^2)' 3220  ? 
1 MORE         -12   ? 
1 'SSA (A^2)'  10870 ? 
# 
_pdbx_struct_assembly_gen.assembly_id       1 
_pdbx_struct_assembly_gen.oper_expression   1 
_pdbx_struct_assembly_gen.asym_id_list      A,B,C,D,E,F,G 
# 
_pdbx_struct_oper_list.id                   1 
_pdbx_struct_oper_list.type                 'identity operation' 
_pdbx_struct_oper_list.name                 1_555 
_pdbx_struct_oper_list.symmetry_operation   x,y,z 
_pdbx_struct_oper_list.matrix[1][1]         1.0000000000 
_pdbx_struct_oper_list.matrix[1][2]         0.0000000000 
_pdbx_struct_oper_list.matrix[1][3]         0.0000000000 
_pdbx_struct_oper_list.vector[1]            0.0000000000 
_pdbx_struct_oper_list.matrix[2][1]         0.0000000000 
_pdbx_struct_oper_list.matrix[2][2]         1.0000000000 
_pdbx_struct_oper_list.matrix[2][3]         0.0000000000 
_pdbx_struct_oper_list.vector[2]            0.0000000000 
_pdbx_struct_oper_list.matrix[3][1]         0.0000000000 
_pdbx_struct_oper_list.matrix[3][2]         0.0000000000 
_pdbx_struct_oper_list.matrix[3][3]         1.0000000000 
_pdbx_struct_oper_list.vector[3]            0.0000000000 
# 
loop_
_struct_conf.conf_type_id 
_struct_conf.id 
_struct_conf.pdbx_PDB_helix_id 
_struct_conf.beg_label_comp_id 
_struct_conf.beg_label_asym_id 
_struct_conf.beg_label_seq_id 
_struct_conf.pdbx_beg_PDB_ins_code 
_struct_conf.end_label_comp_id 
_struct_conf.end_label_asym_id 
_struct_conf.end_label_seq_id 
_struct_conf.pdbx_end_PDB_ins_code 
_struct_conf.beg_auth_comp_id 
_struct_conf.beg_auth_asym_id 
_struct_conf.beg_auth_seq_id 
_struct_conf.end_auth_comp_id 
_struct_conf.end_auth_asym_id 
_struct_conf.end_auth_seq_id 
_struct_conf.pdbx_PDB_helix_class 
_struct_conf.details 
_struct_conf.pdbx_PDB_helix_length 
HELX_P HELX_P1 AA1 ASN C 50 ? ASP C 58  ? ASN A 185 ASP A 193 1 ? 9 
HELX_P HELX_P2 AA2 ASN C 99 ? ILE C 103 ? ASN A 234 ILE A 238 5 ? 5 
# 
_struct_conf_type.id          HELX_P 
_struct_conf_type.criteria    ? 
_struct_conf_type.reference   ? 
# 
loop_
_struct_conn.id 
_struct_conn.conn_type_id 
_struct_conn.pdbx_leaving_atom_flag 
_struct_conn.pdbx_PDB_id 
_struct_conn.ptnr1_label_asym_id 
_struct_conn.ptnr1_label_comp_id 
_struct_conn.ptnr1_label_seq_id 
_struct_conn.ptnr1_label_atom_id 
_struct_conn.pdbx_ptnr1_label_alt_id 
_struct_conn.pdbx_ptnr1_PDB_ins_code 
_struct_conn.pdbx_ptnr1_standard_comp_id 
_struct_conn.ptnr1_symmetry 
_struct_conn.ptnr2_label_asym_id 
_struct_conn.ptnr2_label_comp_id 
_struct_conn.ptnr2_label_seq_id 
_struct_conn.ptnr2_label_atom_id 
_struct_conn.pdbx_ptnr2_label_alt_id 
_struct_conn.pdbx_ptnr2_PDB_ins_code 
_struct_conn.ptnr1_auth_asym_id 
_struct_conn.ptnr1_auth_comp_id 
_struct_conn.ptnr1_auth_seq_id 
_struct_conn.ptnr2_auth_asym_id 
_struct_conn.ptnr2_auth_comp_id 
_struct_conn.ptnr2_auth_seq_id 
_struct_conn.ptnr2_symmetry 
_struct_conn.pdbx_ptnr3_label_atom_id 
_struct_conn.pdbx_ptnr3_label_seq_id 
_struct_conn.pdbx_ptnr3_label_comp_id 
_struct_conn.pdbx_ptnr3_label_asym_id 
_struct_conn.pdbx_ptnr3_label_alt_id 
_struct_conn.pdbx_ptnr3_PDB_ins_code 
_struct_conn.details 
_struct_conn.pdbx_dist_value 
_struct_conn.pdbx_value_order 
_struct_conn.pdbx_role 
hydrog1  hydrog ? ? A DT 2  N3 ? ? ? 1_555 B DA 16 N1 ? ? B DT 2  C DA 16 1_555 ? ? ? ? ? ? WATSON-CRICK ? ? ? 
hydrog2  hydrog ? ? A DT 2  O4 ? ? ? 1_555 B DA 16 N6 ? ? B DT 2  C DA 16 1_555 ? ? ? ? ? ? WATSON-CRICK ? ? ? 
hydrog3  hydrog ? ? A DT 3  N3 ? ? ? 1_555 B DA 15 N1 ? ? B DT 3  C DA 15 1_555 ? ? ? ? ? ? WATSON-CRICK ? ? ? 
hydrog4  hydrog ? ? A DT 3  O4 ? ? ? 1_555 B DA 15 N6 ? ? B DT 3  C DA 15 1_555 ? ? ? ? ? ? WATSON-CRICK ? ? ? 
hydrog5  hydrog ? ? A DA 4  N1 ? ? ? 1_555 B DT 14 N3 ? ? B DA 4  C DT 14 1_555 ? ? ? ? ? ? WATSON-CRICK ? ? ? 
hydrog6  hydrog ? ? A DA 4  N6 ? ? ? 1_555 B DT 14 O4 ? ? B DA 4  C DT 14 1_555 ? ? ? ? ? ? WATSON-CRICK ? ? ? 
hydrog7  hydrog ? ? A DA 5  N1 ? ? ? 1_555 B DT 13 N3 ? ? B DA 5  C DT 13 1_555 ? ? ? ? ? ? WATSON-CRICK ? ? ? 
hydrog8  hydrog ? ? A DA 5  N6 ? ? ? 1_555 B DT 13 O4 ? ? B DA 5  C DT 13 1_555 ? ? ? ? ? ? WATSON-CRICK ? ? ? 
hydrog9  hydrog ? ? A DC 6  N3 ? ? ? 1_555 B DG 12 N1 ? ? B DC 6  C DG 12 1_555 ? ? ? ? ? ? WATSON-CRICK ? ? ? 
hydrog10 hydrog ? ? A DC 6  N4 ? ? ? 1_555 B DG 12 O6 ? ? B DC 6  C DG 12 1_555 ? ? ? ? ? ? WATSON-CRICK ? ? ? 
hydrog11 hydrog ? ? A DC 6  O2 ? ? ? 1_555 B DG 12 N2 ? ? B DC 6  C DG 12 1_555 ? ? ? ? ? ? WATSON-CRICK ? ? ? 
hydrog12 hydrog ? ? A DA 7  N1 ? ? ? 1_555 B DT 11 N3 ? ? B DA 7  C DT 11 1_555 ? ? ? ? ? ? WATSON-CRICK ? ? ? 
hydrog13 hydrog ? ? A DA 7  N6 ? ? ? 1_555 B DT 11 O4 ? ? B DA 7  C DT 11 1_555 ? ? ? ? ? ? WATSON-CRICK ? ? ? 
hydrog14 hydrog ? ? A DG 8  N1 ? ? ? 1_555 B DC 10 N3 ? ? B DG 8  C DC 10 1_555 ? ? ? ? ? ? WATSON-CRICK ? ? ? 
hydrog15 hydrog ? ? A DG 8  N2 ? ? ? 1_555 B DC 10 O2 ? ? B DG 8  C DC 10 1_555 ? ? ? ? ? ? WATSON-CRICK ? ? ? 
hydrog16 hydrog ? ? A DG 8  O6 ? ? ? 1_555 B DC 10 N4 ? ? B DG 8  C DC 10 1_555 ? ? ? ? ? ? WATSON-CRICK ? ? ? 
hydrog17 hydrog ? ? A DT 9  N3 ? ? ? 1_555 B DA 9  N1 ? ? B DT 9  C DA 9  1_555 ? ? ? ? ? ? WATSON-CRICK ? ? ? 
hydrog18 hydrog ? ? A DT 9  O4 ? ? ? 1_555 B DA 9  N6 ? ? B DT 9  C DA 9  1_555 ? ? ? ? ? ? WATSON-CRICK ? ? ? 
hydrog19 hydrog ? ? A DT 10 N3 ? ? ? 1_555 B DA 8  N1 ? ? B DT 10 C DA 8  1_555 ? ? ? ? ? ? WATSON-CRICK ? ? ? 
hydrog20 hydrog ? ? A DT 10 O4 ? ? ? 1_555 B DA 8  N6 ? ? B DT 10 C DA 8  1_555 ? ? ? ? ? ? WATSON-CRICK ? ? ? 
hydrog21 hydrog ? ? A DA 11 N1 ? ? ? 1_555 B DT 7  N3 ? ? B DA 11 C DT 7  1_555 ? ? ? ? ? ? WATSON-CRICK ? ? ? 
hydrog22 hydrog ? ? A DA 11 N6 ? ? ? 1_555 B DT 7  O4 ? ? B DA 11 C DT 7  1_555 ? ? ? ? ? ? WATSON-CRICK ? ? ? 
hydrog23 hydrog ? ? A DA 12 N1 ? ? ? 1_555 B DT 6  N3 ? ? B DA 12 C DT 6  1_555 ? ? ? ? ? ? WATSON-CRICK ? ? ? 
hydrog24 hydrog ? ? A DA 12 N6 ? ? ? 1_555 B DT 6  O4 ? ? B DA 12 C DT 6  1_555 ? ? ? ? ? ? WATSON-CRICK ? ? ? 
hydrog25 hydrog ? ? A DG 13 N1 ? ? ? 1_555 B DC 5  N3 ? ? B DG 13 C DC 5  1_555 ? ? ? ? ? ? WATSON-CRICK ? ? ? 
hydrog26 hydrog ? ? A DG 13 N2 ? ? ? 1_555 B DC 5  O2 ? ? B DG 13 C DC 5  1_555 ? ? ? ? ? ? WATSON-CRICK ? ? ? 
hydrog27 hydrog ? ? A DG 13 O6 ? ? ? 1_555 B DC 5  N4 ? ? B DG 13 C DC 5  1_555 ? ? ? ? ? ? WATSON-CRICK ? ? ? 
hydrog28 hydrog ? ? A DT 14 N3 ? ? ? 1_555 B DA 4  N1 ? ? B DT 14 C DA 4  1_555 ? ? ? ? ? ? WATSON-CRICK ? ? ? 
hydrog29 hydrog ? ? A DT 14 O4 ? ? ? 1_555 B DA 4  N6 ? ? B DT 14 C DA 4  1_555 ? ? ? ? ? ? WATSON-CRICK ? ? ? 
hydrog30 hydrog ? ? A DA 15 N1 ? ? ? 1_555 B DT 3  N3 ? ? B DA 15 C DT 3  1_555 ? ? ? ? ? ? WATSON-CRICK ? ? ? 
hydrog31 hydrog ? ? A DA 15 N6 ? ? ? 1_555 B DT 3  O4 ? ? B DA 15 C DT 3  1_555 ? ? ? ? ? ? WATSON-CRICK ? ? ? 
hydrog32 hydrog ? ? A DT 16 N3 ? ? ? 1_555 B DA 2  N1 ? ? B DT 16 C DA 2  1_555 ? ? ? ? ? ? WATSON-CRICK ? ? ? 
hydrog33 hydrog ? ? A DT 16 O4 ? ? ? 1_555 B DA 2  N6 ? ? B DT 16 C DA 2  1_555 ? ? ? ? ? ? WATSON-CRICK ? ? ? 
# 
_struct_conn_type.id          hydrog 
_struct_conn_type.criteria    ? 
_struct_conn_type.reference   ? 
# 
loop_
_struct_sheet.id 
_struct_sheet.type 
_struct_sheet.number_strands 
_struct_sheet.details 
AA1 ? 2 ? 
AA2 ? 5 ? 
AA3 ? 3 ? 
# 
loop_
_struct_sheet_order.sheet_id 
_struct_sheet_order.range_id_1 
_struct_sheet_order.range_id_2 
_struct_sheet_order.offset 
_struct_sheet_order.sense 
AA1 1 2 ? anti-parallel 
AA2 1 2 ? anti-parallel 
AA2 2 3 ? anti-parallel 
AA2 3 4 ? anti-parallel 
AA2 4 5 ? anti-parallel 
AA3 1 2 ? anti-parallel 
AA3 2 3 ? anti-parallel 
# 
loop_
_struct_sheet_range.sheet_id 
_struct_sheet_range.id 
_struct_sheet_range.beg_label_comp_id 
_struct_sheet_range.beg_label_asym_id 
_struct_sheet_range.beg_label_seq_id 
_struct_sheet_range.pdbx_beg_PDB_ins_code 
_struct_sheet_range.end_label_comp_id 
_struct_sheet_range.end_label_asym_id 
_struct_sheet_range.end_label_seq_id 
_struct_sheet_range.pdbx_end_PDB_ins_code 
_struct_sheet_range.beg_auth_comp_id 
_struct_sheet_range.beg_auth_asym_id 
_struct_sheet_range.beg_auth_seq_id 
_struct_sheet_range.end_auth_comp_id 
_struct_sheet_range.end_auth_asym_id 
_struct_sheet_range.end_auth_seq_id 
AA1 1 THR C 7  ? ARG C 12 ? THR A 142 ARG A 147 
AA1 2 ASN C 15 ? GLN C 20 ? ASN A 150 GLN A 155 
AA2 1 GLN C 44 ? TYR C 48 ? GLN A 179 TYR A 183 
AA2 2 ARG C 35 ? LEU C 40 ? ARG A 170 LEU A 175 
AA2 3 ILE C 24 ? SER C 29 ? ILE A 159 SER A 164 
AA2 4 PHE C 68 ? ASN C 71 ? PHE A 203 ASN A 206 
AA2 5 PHE C 61 ? HIS C 65 ? PHE A 196 HIS A 200 
AA3 1 ILE C 75 ? ASP C 79 ? ILE A 210 ASP A 214 
AA3 2 ILE C 84 ? PHE C 87 ? ILE A 219 PHE A 222 
AA3 3 HIS C 92 ? TYR C 94 ? HIS A 227 TYR A 229 
# 
loop_
_pdbx_struct_sheet_hbond.sheet_id 
_pdbx_struct_sheet_hbond.range_id_1 
_pdbx_struct_sheet_hbond.range_id_2 
_pdbx_struct_sheet_hbond.range_1_label_atom_id 
_pdbx_struct_sheet_hbond.range_1_label_comp_id 
_pdbx_struct_sheet_hbond.range_1_label_asym_id 
_pdbx_struct_sheet_hbond.range_1_label_seq_id 
_pdbx_struct_sheet_hbond.range_1_PDB_ins_code 
_pdbx_struct_sheet_hbond.range_1_auth_atom_id 
_pdbx_struct_sheet_hbond.range_1_auth_comp_id 
_pdbx_struct_sheet_hbond.range_1_auth_asym_id 
_pdbx_struct_sheet_hbond.range_1_auth_seq_id 
_pdbx_struct_sheet_hbond.range_2_label_atom_id 
_pdbx_struct_sheet_hbond.range_2_label_comp_id 
_pdbx_struct_sheet_hbond.range_2_label_asym_id 
_pdbx_struct_sheet_hbond.range_2_label_seq_id 
_pdbx_struct_sheet_hbond.range_2_PDB_ins_code 
_pdbx_struct_sheet_hbond.range_2_auth_atom_id 
_pdbx_struct_sheet_hbond.range_2_auth_comp_id 
_pdbx_struct_sheet_hbond.range_2_auth_asym_id 
_pdbx_struct_sheet_hbond.range_2_auth_seq_id 
AA1 1 2 N ILE C 8  ? N ILE A 143 O VAL C 19 ? O VAL A 154 
AA2 1 2 O PHE C 47 ? O PHE A 182 N LEU C 36 ? N LEU A 171 
AA2 2 3 O HIS C 39 ? O HIS A 174 N MET C 25 ? N MET A 160 
AA2 3 4 N PHE C 27 ? N PHE A 162 O VAL C 69 ? O VAL A 204 
AA2 4 5 O VAL C 70 ? O VAL A 205 N PHE C 62 ? N PHE A 197 
AA3 1 2 N ASP C 79 ? N ASP A 214 O ILE C 84 ? O ILE A 219 
AA3 2 3 N VAL C 85 ? N VAL A 220 O CYS C 93 ? O CYS A 228 
# 
_struct_site.id                   AC1 
_struct_site.pdbx_evidence_code   Software 
_struct_site.pdbx_auth_asym_id    A 
_struct_site.pdbx_auth_comp_id    EDO 
_struct_site.pdbx_auth_seq_id     301 
_struct_site.pdbx_auth_ins_code   ? 
_struct_site.pdbx_num_residues    1 
_struct_site.details              'binding site for residue EDO A 301' 
# 
_struct_site_gen.id                   1 
_struct_site_gen.site_id              AC1 
_struct_site_gen.pdbx_num_res         1 
_struct_site_gen.label_comp_id        GLU 
_struct_site_gen.label_asym_id        C 
_struct_site_gen.label_seq_id         28 
_struct_site_gen.pdbx_auth_ins_code   ? 
_struct_site_gen.auth_comp_id         GLU 
_struct_site_gen.auth_asym_id         A 
_struct_site_gen.auth_seq_id          163 
_struct_site_gen.label_atom_id        . 
_struct_site_gen.label_alt_id         ? 
_struct_site_gen.symmetry             1_555 
_struct_site_gen.details              ? 
# 
_pdbx_validate_rmsd_bond.id                        1 
_pdbx_validate_rmsd_bond.PDB_model_num             1 
_pdbx_validate_rmsd_bond.auth_atom_id_1            "O3'" 
_pdbx_validate_rmsd_bond.auth_asym_id_1            C 
_pdbx_validate_rmsd_bond.auth_comp_id_1            DT 
_pdbx_validate_rmsd_bond.auth_seq_id_1             11 
_pdbx_validate_rmsd_bond.PDB_ins_code_1            ? 
_pdbx_validate_rmsd_bond.label_alt_id_1            ? 
_pdbx_validate_rmsd_bond.auth_atom_id_2            P 
_pdbx_validate_rmsd_bond.auth_asym_id_2            C 
_pdbx_validate_rmsd_bond.auth_comp_id_2            DG 
_pdbx_validate_rmsd_bond.auth_seq_id_2             12 
_pdbx_validate_rmsd_bond.PDB_ins_code_2            ? 
_pdbx_validate_rmsd_bond.label_alt_id_2            ? 
_pdbx_validate_rmsd_bond.bond_value                1.509 
_pdbx_validate_rmsd_bond.bond_target_value         1.607 
_pdbx_validate_rmsd_bond.bond_deviation            -0.098 
_pdbx_validate_rmsd_bond.bond_standard_deviation   0.012 
_pdbx_validate_rmsd_bond.linker_flag               Y 
# 
_pdbx_validate_rmsd_angle.id                         1 
_pdbx_validate_rmsd_angle.PDB_model_num              1 
_pdbx_validate_rmsd_angle.auth_atom_id_1             NE 
_pdbx_validate_rmsd_angle.auth_asym_id_1             A 
_pdbx_validate_rmsd_angle.auth_comp_id_1             ARG 
_pdbx_validate_rmsd_angle.auth_seq_id_1              147 
_pdbx_validate_rmsd_angle.PDB_ins_code_1             ? 
_pdbx_validate_rmsd_angle.label_alt_id_1             ? 
_pdbx_validate_rmsd_angle.auth_atom_id_2             CZ 
_pdbx_validate_rmsd_angle.auth_asym_id_2             A 
_pdbx_validate_rmsd_angle.auth_comp_id_2             ARG 
_pdbx_validate_rmsd_angle.auth_seq_id_2              147 
_pdbx_validate_rmsd_angle.PDB_ins_code_2             ? 
_pdbx_validate_rmsd_angle.label_alt_id_2             ? 
_pdbx_validate_rmsd_angle.auth_atom_id_3             NH1 
_pdbx_validate_rmsd_angle.auth_asym_id_3             A 
_pdbx_validate_rmsd_angle.auth_comp_id_3             ARG 
_pdbx_validate_rmsd_angle.auth_seq_id_3              147 
_pdbx_validate_rmsd_angle.PDB_ins_code_3             ? 
_pdbx_validate_rmsd_angle.label_alt_id_3             ? 
_pdbx_validate_rmsd_angle.angle_value                124.12 
_pdbx_validate_rmsd_angle.angle_target_value         120.30 
_pdbx_validate_rmsd_angle.angle_deviation            3.82 
_pdbx_validate_rmsd_angle.angle_standard_deviation   0.50 
_pdbx_validate_rmsd_angle.linker_flag                N 
# 
_pdbx_validate_torsion.id              1 
_pdbx_validate_torsion.PDB_model_num   1 
_pdbx_validate_torsion.auth_comp_id    LYS 
_pdbx_validate_torsion.auth_asym_id    A 
_pdbx_validate_torsion.auth_seq_id     225 
_pdbx_validate_torsion.PDB_ins_code    ? 
_pdbx_validate_torsion.label_alt_id    ? 
_pdbx_validate_torsion.phi             83.10 
_pdbx_validate_torsion.psi             -4.25 
# 
loop_
_chem_comp_atom.comp_id 
_chem_comp_atom.atom_id 
_chem_comp_atom.type_symbol 
_chem_comp_atom.pdbx_aromatic_flag 
_chem_comp_atom.pdbx_stereo_config 
_chem_comp_atom.pdbx_ordinal 
ALA N      N N N 1   
ALA CA     C N S 2   
ALA C      C N N 3   
ALA O      O N N 4   
ALA CB     C N N 5   
ALA OXT    O N N 6   
ALA H      H N N 7   
ALA H2     H N N 8   
ALA HA     H N N 9   
ALA HB1    H N N 10  
ALA HB2    H N N 11  
ALA HB3    H N N 12  
ALA HXT    H N N 13  
ARG N      N N N 14  
ARG CA     C N S 15  
ARG C      C N N 16  
ARG O      O N N 17  
ARG CB     C N N 18  
ARG CG     C N N 19  
ARG CD     C N N 20  
ARG NE     N N N 21  
ARG CZ     C N N 22  
ARG NH1    N N N 23  
ARG NH2    N N N 24  
ARG OXT    O N N 25  
ARG H      H N N 26  
ARG H2     H N N 27  
ARG HA     H N N 28  
ARG HB2    H N N 29  
ARG HB3    H N N 30  
ARG HG2    H N N 31  
ARG HG3    H N N 32  
ARG HD2    H N N 33  
ARG HD3    H N N 34  
ARG HE     H N N 35  
ARG HH11   H N N 36  
ARG HH12   H N N 37  
ARG HH21   H N N 38  
ARG HH22   H N N 39  
ARG HXT    H N N 40  
ASN N      N N N 41  
ASN CA     C N S 42  
ASN C      C N N 43  
ASN O      O N N 44  
ASN CB     C N N 45  
ASN CG     C N N 46  
ASN OD1    O N N 47  
ASN ND2    N N N 48  
ASN OXT    O N N 49  
ASN H      H N N 50  
ASN H2     H N N 51  
ASN HA     H N N 52  
ASN HB2    H N N 53  
ASN HB3    H N N 54  
ASN HD21   H N N 55  
ASN HD22   H N N 56  
ASN HXT    H N N 57  
ASP N      N N N 58  
ASP CA     C N S 59  
ASP C      C N N 60  
ASP O      O N N 61  
ASP CB     C N N 62  
ASP CG     C N N 63  
ASP OD1    O N N 64  
ASP OD2    O N N 65  
ASP OXT    O N N 66  
ASP H      H N N 67  
ASP H2     H N N 68  
ASP HA     H N N 69  
ASP HB2    H N N 70  
ASP HB3    H N N 71  
ASP HD2    H N N 72  
ASP HXT    H N N 73  
CYS N      N N N 74  
CYS CA     C N R 75  
CYS C      C N N 76  
CYS O      O N N 77  
CYS CB     C N N 78  
CYS SG     S N N 79  
CYS OXT    O N N 80  
CYS H      H N N 81  
CYS H2     H N N 82  
CYS HA     H N N 83  
CYS HB2    H N N 84  
CYS HB3    H N N 85  
CYS HG     H N N 86  
CYS HXT    H N N 87  
DA  OP3    O N N 88  
DA  P      P N N 89  
DA  OP1    O N N 90  
DA  OP2    O N N 91  
DA  "O5'"  O N N 92  
DA  "C5'"  C N N 93  
DA  "C4'"  C N R 94  
DA  "O4'"  O N N 95  
DA  "C3'"  C N S 96  
DA  "O3'"  O N N 97  
DA  "C2'"  C N N 98  
DA  "C1'"  C N R 99  
DA  N9     N Y N 100 
DA  C8     C Y N 101 
DA  N7     N Y N 102 
DA  C5     C Y N 103 
DA  C6     C Y N 104 
DA  N6     N N N 105 
DA  N1     N Y N 106 
DA  C2     C Y N 107 
DA  N3     N Y N 108 
DA  C4     C Y N 109 
DA  HOP3   H N N 110 
DA  HOP2   H N N 111 
DA  "H5'"  H N N 112 
DA  "H5''" H N N 113 
DA  "H4'"  H N N 114 
DA  "H3'"  H N N 115 
DA  "HO3'" H N N 116 
DA  "H2'"  H N N 117 
DA  "H2''" H N N 118 
DA  "H1'"  H N N 119 
DA  H8     H N N 120 
DA  H61    H N N 121 
DA  H62    H N N 122 
DA  H2     H N N 123 
DC  OP3    O N N 124 
DC  P      P N N 125 
DC  OP1    O N N 126 
DC  OP2    O N N 127 
DC  "O5'"  O N N 128 
DC  "C5'"  C N N 129 
DC  "C4'"  C N R 130 
DC  "O4'"  O N N 131 
DC  "C3'"  C N S 132 
DC  "O3'"  O N N 133 
DC  "C2'"  C N N 134 
DC  "C1'"  C N R 135 
DC  N1     N N N 136 
DC  C2     C N N 137 
DC  O2     O N N 138 
DC  N3     N N N 139 
DC  C4     C N N 140 
DC  N4     N N N 141 
DC  C5     C N N 142 
DC  C6     C N N 143 
DC  HOP3   H N N 144 
DC  HOP2   H N N 145 
DC  "H5'"  H N N 146 
DC  "H5''" H N N 147 
DC  "H4'"  H N N 148 
DC  "H3'"  H N N 149 
DC  "HO3'" H N N 150 
DC  "H2'"  H N N 151 
DC  "H2''" H N N 152 
DC  "H1'"  H N N 153 
DC  H41    H N N 154 
DC  H42    H N N 155 
DC  H5     H N N 156 
DC  H6     H N N 157 
DG  OP3    O N N 158 
DG  P      P N N 159 
DG  OP1    O N N 160 
DG  OP2    O N N 161 
DG  "O5'"  O N N 162 
DG  "C5'"  C N N 163 
DG  "C4'"  C N R 164 
DG  "O4'"  O N N 165 
DG  "C3'"  C N S 166 
DG  "O3'"  O N N 167 
DG  "C2'"  C N N 168 
DG  "C1'"  C N R 169 
DG  N9     N Y N 170 
DG  C8     C Y N 171 
DG  N7     N Y N 172 
DG  C5     C Y N 173 
DG  C6     C N N 174 
DG  O6     O N N 175 
DG  N1     N N N 176 
DG  C2     C N N 177 
DG  N2     N N N 178 
DG  N3     N N N 179 
DG  C4     C Y N 180 
DG  HOP3   H N N 181 
DG  HOP2   H N N 182 
DG  "H5'"  H N N 183 
DG  "H5''" H N N 184 
DG  "H4'"  H N N 185 
DG  "H3'"  H N N 186 
DG  "HO3'" H N N 187 
DG  "H2'"  H N N 188 
DG  "H2''" H N N 189 
DG  "H1'"  H N N 190 
DG  H8     H N N 191 
DG  H1     H N N 192 
DG  H21    H N N 193 
DG  H22    H N N 194 
DT  OP3    O N N 195 
DT  P      P N N 196 
DT  OP1    O N N 197 
DT  OP2    O N N 198 
DT  "O5'"  O N N 199 
DT  "C5'"  C N N 200 
DT  "C4'"  C N R 201 
DT  "O4'"  O N N 202 
DT  "C3'"  C N S 203 
DT  "O3'"  O N N 204 
DT  "C2'"  C N N 205 
DT  "C1'"  C N R 206 
DT  N1     N N N 207 
DT  C2     C N N 208 
DT  O2     O N N 209 
DT  N3     N N N 210 
DT  C4     C N N 211 
DT  O4     O N N 212 
DT  C5     C N N 213 
DT  C7     C N N 214 
DT  C6     C N N 215 
DT  HOP3   H N N 216 
DT  HOP2   H N N 217 
DT  "H5'"  H N N 218 
DT  "H5''" H N N 219 
DT  "H4'"  H N N 220 
DT  "H3'"  H N N 221 
DT  "HO3'" H N N 222 
DT  "H2'"  H N N 223 
DT  "H2''" H N N 224 
DT  "H1'"  H N N 225 
DT  H3     H N N 226 
DT  H71    H N N 227 
DT  H72    H N N 228 
DT  H73    H N N 229 
DT  H6     H N N 230 
EDO C1     C N N 231 
EDO O1     O N N 232 
EDO C2     C N N 233 
EDO O2     O N N 234 
EDO H11    H N N 235 
EDO H12    H N N 236 
EDO HO1    H N N 237 
EDO H21    H N N 238 
EDO H22    H N N 239 
EDO HO2    H N N 240 
GLN N      N N N 241 
GLN CA     C N S 242 
GLN C      C N N 243 
GLN O      O N N 244 
GLN CB     C N N 245 
GLN CG     C N N 246 
GLN CD     C N N 247 
GLN OE1    O N N 248 
GLN NE2    N N N 249 
GLN OXT    O N N 250 
GLN H      H N N 251 
GLN H2     H N N 252 
GLN HA     H N N 253 
GLN HB2    H N N 254 
GLN HB3    H N N 255 
GLN HG2    H N N 256 
GLN HG3    H N N 257 
GLN HE21   H N N 258 
GLN HE22   H N N 259 
GLN HXT    H N N 260 
GLU N      N N N 261 
GLU CA     C N S 262 
GLU C      C N N 263 
GLU O      O N N 264 
GLU CB     C N N 265 
GLU CG     C N N 266 
GLU CD     C N N 267 
GLU OE1    O N N 268 
GLU OE2    O N N 269 
GLU OXT    O N N 270 
GLU H      H N N 271 
GLU H2     H N N 272 
GLU HA     H N N 273 
GLU HB2    H N N 274 
GLU HB3    H N N 275 
GLU HG2    H N N 276 
GLU HG3    H N N 277 
GLU HE2    H N N 278 
GLU HXT    H N N 279 
GLY N      N N N 280 
GLY CA     C N N 281 
GLY C      C N N 282 
GLY O      O N N 283 
GLY OXT    O N N 284 
GLY H      H N N 285 
GLY H2     H N N 286 
GLY HA2    H N N 287 
GLY HA3    H N N 288 
GLY HXT    H N N 289 
HIS N      N N N 290 
HIS CA     C N S 291 
HIS C      C N N 292 
HIS O      O N N 293 
HIS CB     C N N 294 
HIS CG     C Y N 295 
HIS ND1    N Y N 296 
HIS CD2    C Y N 297 
HIS CE1    C Y N 298 
HIS NE2    N Y N 299 
HIS OXT    O N N 300 
HIS H      H N N 301 
HIS H2     H N N 302 
HIS HA     H N N 303 
HIS HB2    H N N 304 
HIS HB3    H N N 305 
HIS HD1    H N N 306 
HIS HD2    H N N 307 
HIS HE1    H N N 308 
HIS HE2    H N N 309 
HIS HXT    H N N 310 
HOH O      O N N 311 
HOH H1     H N N 312 
HOH H2     H N N 313 
ILE N      N N N 314 
ILE CA     C N S 315 
ILE C      C N N 316 
ILE O      O N N 317 
ILE CB     C N S 318 
ILE CG1    C N N 319 
ILE CG2    C N N 320 
ILE CD1    C N N 321 
ILE OXT    O N N 322 
ILE H      H N N 323 
ILE H2     H N N 324 
ILE HA     H N N 325 
ILE HB     H N N 326 
ILE HG12   H N N 327 
ILE HG13   H N N 328 
ILE HG21   H N N 329 
ILE HG22   H N N 330 
ILE HG23   H N N 331 
ILE HD11   H N N 332 
ILE HD12   H N N 333 
ILE HD13   H N N 334 
ILE HXT    H N N 335 
LEU N      N N N 336 
LEU CA     C N S 337 
LEU C      C N N 338 
LEU O      O N N 339 
LEU CB     C N N 340 
LEU CG     C N N 341 
LEU CD1    C N N 342 
LEU CD2    C N N 343 
LEU OXT    O N N 344 
LEU H      H N N 345 
LEU H2     H N N 346 
LEU HA     H N N 347 
LEU HB2    H N N 348 
LEU HB3    H N N 349 
LEU HG     H N N 350 
LEU HD11   H N N 351 
LEU HD12   H N N 352 
LEU HD13   H N N 353 
LEU HD21   H N N 354 
LEU HD22   H N N 355 
LEU HD23   H N N 356 
LEU HXT    H N N 357 
LYS N      N N N 358 
LYS CA     C N S 359 
LYS C      C N N 360 
LYS O      O N N 361 
LYS CB     C N N 362 
LYS CG     C N N 363 
LYS CD     C N N 364 
LYS CE     C N N 365 
LYS NZ     N N N 366 
LYS OXT    O N N 367 
LYS H      H N N 368 
LYS H2     H N N 369 
LYS HA     H N N 370 
LYS HB2    H N N 371 
LYS HB3    H N N 372 
LYS HG2    H N N 373 
LYS HG3    H N N 374 
LYS HD2    H N N 375 
LYS HD3    H N N 376 
LYS HE2    H N N 377 
LYS HE3    H N N 378 
LYS HZ1    H N N 379 
LYS HZ2    H N N 380 
LYS HZ3    H N N 381 
LYS HXT    H N N 382 
MET N      N N N 383 
MET CA     C N S 384 
MET C      C N N 385 
MET O      O N N 386 
MET CB     C N N 387 
MET CG     C N N 388 
MET SD     S N N 389 
MET CE     C N N 390 
MET OXT    O N N 391 
MET H      H N N 392 
MET H2     H N N 393 
MET HA     H N N 394 
MET HB2    H N N 395 
MET HB3    H N N 396 
MET HG2    H N N 397 
MET HG3    H N N 398 
MET HE1    H N N 399 
MET HE2    H N N 400 
MET HE3    H N N 401 
MET HXT    H N N 402 
PHE N      N N N 403 
PHE CA     C N S 404 
PHE C      C N N 405 
PHE O      O N N 406 
PHE CB     C N N 407 
PHE CG     C Y N 408 
PHE CD1    C Y N 409 
PHE CD2    C Y N 410 
PHE CE1    C Y N 411 
PHE CE2    C Y N 412 
PHE CZ     C Y N 413 
PHE OXT    O N N 414 
PHE H      H N N 415 
PHE H2     H N N 416 
PHE HA     H N N 417 
PHE HB2    H N N 418 
PHE HB3    H N N 419 
PHE HD1    H N N 420 
PHE HD2    H N N 421 
PHE HE1    H N N 422 
PHE HE2    H N N 423 
PHE HZ     H N N 424 
PHE HXT    H N N 425 
SER N      N N N 426 
SER CA     C N S 427 
SER C      C N N 428 
SER O      O N N 429 
SER CB     C N N 430 
SER OG     O N N 431 
SER OXT    O N N 432 
SER H      H N N 433 
SER H2     H N N 434 
SER HA     H N N 435 
SER HB2    H N N 436 
SER HB3    H N N 437 
SER HG     H N N 438 
SER HXT    H N N 439 
THR N      N N N 440 
THR CA     C N S 441 
THR C      C N N 442 
THR O      O N N 443 
THR CB     C N R 444 
THR OG1    O N N 445 
THR CG2    C N N 446 
THR OXT    O N N 447 
THR H      H N N 448 
THR H2     H N N 449 
THR HA     H N N 450 
THR HB     H N N 451 
THR HG1    H N N 452 
THR HG21   H N N 453 
THR HG22   H N N 454 
THR HG23   H N N 455 
THR HXT    H N N 456 
TYR N      N N N 457 
TYR CA     C N S 458 
TYR C      C N N 459 
TYR O      O N N 460 
TYR CB     C N N 461 
TYR CG     C Y N 462 
TYR CD1    C Y N 463 
TYR CD2    C Y N 464 
TYR CE1    C Y N 465 
TYR CE2    C Y N 466 
TYR CZ     C Y N 467 
TYR OH     O N N 468 
TYR OXT    O N N 469 
TYR H      H N N 470 
TYR H2     H N N 471 
TYR HA     H N N 472 
TYR HB2    H N N 473 
TYR HB3    H N N 474 
TYR HD1    H N N 475 
TYR HD2    H N N 476 
TYR HE1    H N N 477 
TYR HE2    H N N 478 
TYR HH     H N N 479 
TYR HXT    H N N 480 
VAL N      N N N 481 
VAL CA     C N S 482 
VAL C      C N N 483 
VAL O      O N N 484 
VAL CB     C N N 485 
VAL CG1    C N N 486 
VAL CG2    C N N 487 
VAL OXT    O N N 488 
VAL H      H N N 489 
VAL H2     H N N 490 
VAL HA     H N N 491 
VAL HB     H N N 492 
VAL HG11   H N N 493 
VAL HG12   H N N 494 
VAL HG13   H N N 495 
VAL HG21   H N N 496 
VAL HG22   H N N 497 
VAL HG23   H N N 498 
VAL HXT    H N N 499 
# 
loop_
_chem_comp_bond.comp_id 
_chem_comp_bond.atom_id_1 
_chem_comp_bond.atom_id_2 
_chem_comp_bond.value_order 
_chem_comp_bond.pdbx_aromatic_flag 
_chem_comp_bond.pdbx_stereo_config 
_chem_comp_bond.pdbx_ordinal 
ALA N     CA     sing N N 1   
ALA N     H      sing N N 2   
ALA N     H2     sing N N 3   
ALA CA    C      sing N N 4   
ALA CA    CB     sing N N 5   
ALA CA    HA     sing N N 6   
ALA C     O      doub N N 7   
ALA C     OXT    sing N N 8   
ALA CB    HB1    sing N N 9   
ALA CB    HB2    sing N N 10  
ALA CB    HB3    sing N N 11  
ALA OXT   HXT    sing N N 12  
ARG N     CA     sing N N 13  
ARG N     H      sing N N 14  
ARG N     H2     sing N N 15  
ARG CA    C      sing N N 16  
ARG CA    CB     sing N N 17  
ARG CA    HA     sing N N 18  
ARG C     O      doub N N 19  
ARG C     OXT    sing N N 20  
ARG CB    CG     sing N N 21  
ARG CB    HB2    sing N N 22  
ARG CB    HB3    sing N N 23  
ARG CG    CD     sing N N 24  
ARG CG    HG2    sing N N 25  
ARG CG    HG3    sing N N 26  
ARG CD    NE     sing N N 27  
ARG CD    HD2    sing N N 28  
ARG CD    HD3    sing N N 29  
ARG NE    CZ     sing N N 30  
ARG NE    HE     sing N N 31  
ARG CZ    NH1    sing N N 32  
ARG CZ    NH2    doub N N 33  
ARG NH1   HH11   sing N N 34  
ARG NH1   HH12   sing N N 35  
ARG NH2   HH21   sing N N 36  
ARG NH2   HH22   sing N N 37  
ARG OXT   HXT    sing N N 38  
ASN N     CA     sing N N 39  
ASN N     H      sing N N 40  
ASN N     H2     sing N N 41  
ASN CA    C      sing N N 42  
ASN CA    CB     sing N N 43  
ASN CA    HA     sing N N 44  
ASN C     O      doub N N 45  
ASN C     OXT    sing N N 46  
ASN CB    CG     sing N N 47  
ASN CB    HB2    sing N N 48  
ASN CB    HB3    sing N N 49  
ASN CG    OD1    doub N N 50  
ASN CG    ND2    sing N N 51  
ASN ND2   HD21   sing N N 52  
ASN ND2   HD22   sing N N 53  
ASN OXT   HXT    sing N N 54  
ASP N     CA     sing N N 55  
ASP N     H      sing N N 56  
ASP N     H2     sing N N 57  
ASP CA    C      sing N N 58  
ASP CA    CB     sing N N 59  
ASP CA    HA     sing N N 60  
ASP C     O      doub N N 61  
ASP C     OXT    sing N N 62  
ASP CB    CG     sing N N 63  
ASP CB    HB2    sing N N 64  
ASP CB    HB3    sing N N 65  
ASP CG    OD1    doub N N 66  
ASP CG    OD2    sing N N 67  
ASP OD2   HD2    sing N N 68  
ASP OXT   HXT    sing N N 69  
CYS N     CA     sing N N 70  
CYS N     H      sing N N 71  
CYS N     H2     sing N N 72  
CYS CA    C      sing N N 73  
CYS CA    CB     sing N N 74  
CYS CA    HA     sing N N 75  
CYS C     O      doub N N 76  
CYS C     OXT    sing N N 77  
CYS CB    SG     sing N N 78  
CYS CB    HB2    sing N N 79  
CYS CB    HB3    sing N N 80  
CYS SG    HG     sing N N 81  
CYS OXT   HXT    sing N N 82  
DA  OP3   P      sing N N 83  
DA  OP3   HOP3   sing N N 84  
DA  P     OP1    doub N N 85  
DA  P     OP2    sing N N 86  
DA  P     "O5'"  sing N N 87  
DA  OP2   HOP2   sing N N 88  
DA  "O5'" "C5'"  sing N N 89  
DA  "C5'" "C4'"  sing N N 90  
DA  "C5'" "H5'"  sing N N 91  
DA  "C5'" "H5''" sing N N 92  
DA  "C4'" "O4'"  sing N N 93  
DA  "C4'" "C3'"  sing N N 94  
DA  "C4'" "H4'"  sing N N 95  
DA  "O4'" "C1'"  sing N N 96  
DA  "C3'" "O3'"  sing N N 97  
DA  "C3'" "C2'"  sing N N 98  
DA  "C3'" "H3'"  sing N N 99  
DA  "O3'" "HO3'" sing N N 100 
DA  "C2'" "C1'"  sing N N 101 
DA  "C2'" "H2'"  sing N N 102 
DA  "C2'" "H2''" sing N N 103 
DA  "C1'" N9     sing N N 104 
DA  "C1'" "H1'"  sing N N 105 
DA  N9    C8     sing Y N 106 
DA  N9    C4     sing Y N 107 
DA  C8    N7     doub Y N 108 
DA  C8    H8     sing N N 109 
DA  N7    C5     sing Y N 110 
DA  C5    C6     sing Y N 111 
DA  C5    C4     doub Y N 112 
DA  C6    N6     sing N N 113 
DA  C6    N1     doub Y N 114 
DA  N6    H61    sing N N 115 
DA  N6    H62    sing N N 116 
DA  N1    C2     sing Y N 117 
DA  C2    N3     doub Y N 118 
DA  C2    H2     sing N N 119 
DA  N3    C4     sing Y N 120 
DC  OP3   P      sing N N 121 
DC  OP3   HOP3   sing N N 122 
DC  P     OP1    doub N N 123 
DC  P     OP2    sing N N 124 
DC  P     "O5'"  sing N N 125 
DC  OP2   HOP2   sing N N 126 
DC  "O5'" "C5'"  sing N N 127 
DC  "C5'" "C4'"  sing N N 128 
DC  "C5'" "H5'"  sing N N 129 
DC  "C5'" "H5''" sing N N 130 
DC  "C4'" "O4'"  sing N N 131 
DC  "C4'" "C3'"  sing N N 132 
DC  "C4'" "H4'"  sing N N 133 
DC  "O4'" "C1'"  sing N N 134 
DC  "C3'" "O3'"  sing N N 135 
DC  "C3'" "C2'"  sing N N 136 
DC  "C3'" "H3'"  sing N N 137 
DC  "O3'" "HO3'" sing N N 138 
DC  "C2'" "C1'"  sing N N 139 
DC  "C2'" "H2'"  sing N N 140 
DC  "C2'" "H2''" sing N N 141 
DC  "C1'" N1     sing N N 142 
DC  "C1'" "H1'"  sing N N 143 
DC  N1    C2     sing N N 144 
DC  N1    C6     sing N N 145 
DC  C2    O2     doub N N 146 
DC  C2    N3     sing N N 147 
DC  N3    C4     doub N N 148 
DC  C4    N4     sing N N 149 
DC  C4    C5     sing N N 150 
DC  N4    H41    sing N N 151 
DC  N4    H42    sing N N 152 
DC  C5    C6     doub N N 153 
DC  C5    H5     sing N N 154 
DC  C6    H6     sing N N 155 
DG  OP3   P      sing N N 156 
DG  OP3   HOP3   sing N N 157 
DG  P     OP1    doub N N 158 
DG  P     OP2    sing N N 159 
DG  P     "O5'"  sing N N 160 
DG  OP2   HOP2   sing N N 161 
DG  "O5'" "C5'"  sing N N 162 
DG  "C5'" "C4'"  sing N N 163 
DG  "C5'" "H5'"  sing N N 164 
DG  "C5'" "H5''" sing N N 165 
DG  "C4'" "O4'"  sing N N 166 
DG  "C4'" "C3'"  sing N N 167 
DG  "C4'" "H4'"  sing N N 168 
DG  "O4'" "C1'"  sing N N 169 
DG  "C3'" "O3'"  sing N N 170 
DG  "C3'" "C2'"  sing N N 171 
DG  "C3'" "H3'"  sing N N 172 
DG  "O3'" "HO3'" sing N N 173 
DG  "C2'" "C1'"  sing N N 174 
DG  "C2'" "H2'"  sing N N 175 
DG  "C2'" "H2''" sing N N 176 
DG  "C1'" N9     sing N N 177 
DG  "C1'" "H1'"  sing N N 178 
DG  N9    C8     sing Y N 179 
DG  N9    C4     sing Y N 180 
DG  C8    N7     doub Y N 181 
DG  C8    H8     sing N N 182 
DG  N7    C5     sing Y N 183 
DG  C5    C6     sing N N 184 
DG  C5    C4     doub Y N 185 
DG  C6    O6     doub N N 186 
DG  C6    N1     sing N N 187 
DG  N1    C2     sing N N 188 
DG  N1    H1     sing N N 189 
DG  C2    N2     sing N N 190 
DG  C2    N3     doub N N 191 
DG  N2    H21    sing N N 192 
DG  N2    H22    sing N N 193 
DG  N3    C4     sing N N 194 
DT  OP3   P      sing N N 195 
DT  OP3   HOP3   sing N N 196 
DT  P     OP1    doub N N 197 
DT  P     OP2    sing N N 198 
DT  P     "O5'"  sing N N 199 
DT  OP2   HOP2   sing N N 200 
DT  "O5'" "C5'"  sing N N 201 
DT  "C5'" "C4'"  sing N N 202 
DT  "C5'" "H5'"  sing N N 203 
DT  "C5'" "H5''" sing N N 204 
DT  "C4'" "O4'"  sing N N 205 
DT  "C4'" "C3'"  sing N N 206 
DT  "C4'" "H4'"  sing N N 207 
DT  "O4'" "C1'"  sing N N 208 
DT  "C3'" "O3'"  sing N N 209 
DT  "C3'" "C2'"  sing N N 210 
DT  "C3'" "H3'"  sing N N 211 
DT  "O3'" "HO3'" sing N N 212 
DT  "C2'" "C1'"  sing N N 213 
DT  "C2'" "H2'"  sing N N 214 
DT  "C2'" "H2''" sing N N 215 
DT  "C1'" N1     sing N N 216 
DT  "C1'" "H1'"  sing N N 217 
DT  N1    C2     sing N N 218 
DT  N1    C6     sing N N 219 
DT  C2    O2     doub N N 220 
DT  C2    N3     sing N N 221 
DT  N3    C4     sing N N 222 
DT  N3    H3     sing N N 223 
DT  C4    O4     doub N N 224 
DT  C4    C5     sing N N 225 
DT  C5    C7     sing N N 226 
DT  C5    C6     doub N N 227 
DT  C7    H71    sing N N 228 
DT  C7    H72    sing N N 229 
DT  C7    H73    sing N N 230 
DT  C6    H6     sing N N 231 
EDO C1    O1     sing N N 232 
EDO C1    C2     sing N N 233 
EDO C1    H11    sing N N 234 
EDO C1    H12    sing N N 235 
EDO O1    HO1    sing N N 236 
EDO C2    O2     sing N N 237 
EDO C2    H21    sing N N 238 
EDO C2    H22    sing N N 239 
EDO O2    HO2    sing N N 240 
GLN N     CA     sing N N 241 
GLN N     H      sing N N 242 
GLN N     H2     sing N N 243 
GLN CA    C      sing N N 244 
GLN CA    CB     sing N N 245 
GLN CA    HA     sing N N 246 
GLN C     O      doub N N 247 
GLN C     OXT    sing N N 248 
GLN CB    CG     sing N N 249 
GLN CB    HB2    sing N N 250 
GLN CB    HB3    sing N N 251 
GLN CG    CD     sing N N 252 
GLN CG    HG2    sing N N 253 
GLN CG    HG3    sing N N 254 
GLN CD    OE1    doub N N 255 
GLN CD    NE2    sing N N 256 
GLN NE2   HE21   sing N N 257 
GLN NE2   HE22   sing N N 258 
GLN OXT   HXT    sing N N 259 
GLU N     CA     sing N N 260 
GLU N     H      sing N N 261 
GLU N     H2     sing N N 262 
GLU CA    C      sing N N 263 
GLU CA    CB     sing N N 264 
GLU CA    HA     sing N N 265 
GLU C     O      doub N N 266 
GLU C     OXT    sing N N 267 
GLU CB    CG     sing N N 268 
GLU CB    HB2    sing N N 269 
GLU CB    HB3    sing N N 270 
GLU CG    CD     sing N N 271 
GLU CG    HG2    sing N N 272 
GLU CG    HG3    sing N N 273 
GLU CD    OE1    doub N N 274 
GLU CD    OE2    sing N N 275 
GLU OE2   HE2    sing N N 276 
GLU OXT   HXT    sing N N 277 
GLY N     CA     sing N N 278 
GLY N     H      sing N N 279 
GLY N     H2     sing N N 280 
GLY CA    C      sing N N 281 
GLY CA    HA2    sing N N 282 
GLY CA    HA3    sing N N 283 
GLY C     O      doub N N 284 
GLY C     OXT    sing N N 285 
GLY OXT   HXT    sing N N 286 
HIS N     CA     sing N N 287 
HIS N     H      sing N N 288 
HIS N     H2     sing N N 289 
HIS CA    C      sing N N 290 
HIS CA    CB     sing N N 291 
HIS CA    HA     sing N N 292 
HIS C     O      doub N N 293 
HIS C     OXT    sing N N 294 
HIS CB    CG     sing N N 295 
HIS CB    HB2    sing N N 296 
HIS CB    HB3    sing N N 297 
HIS CG    ND1    sing Y N 298 
HIS CG    CD2    doub Y N 299 
HIS ND1   CE1    doub Y N 300 
HIS ND1   HD1    sing N N 301 
HIS CD2   NE2    sing Y N 302 
HIS CD2   HD2    sing N N 303 
HIS CE1   NE2    sing Y N 304 
HIS CE1   HE1    sing N N 305 
HIS NE2   HE2    sing N N 306 
HIS OXT   HXT    sing N N 307 
HOH O     H1     sing N N 308 
HOH O     H2     sing N N 309 
ILE N     CA     sing N N 310 
ILE N     H      sing N N 311 
ILE N     H2     sing N N 312 
ILE CA    C      sing N N 313 
ILE CA    CB     sing N N 314 
ILE CA    HA     sing N N 315 
ILE C     O      doub N N 316 
ILE C     OXT    sing N N 317 
ILE CB    CG1    sing N N 318 
ILE CB    CG2    sing N N 319 
ILE CB    HB     sing N N 320 
ILE CG1   CD1    sing N N 321 
ILE CG1   HG12   sing N N 322 
ILE CG1   HG13   sing N N 323 
ILE CG2   HG21   sing N N 324 
ILE CG2   HG22   sing N N 325 
ILE CG2   HG23   sing N N 326 
ILE CD1   HD11   sing N N 327 
ILE CD1   HD12   sing N N 328 
ILE CD1   HD13   sing N N 329 
ILE OXT   HXT    sing N N 330 
LEU N     CA     sing N N 331 
LEU N     H      sing N N 332 
LEU N     H2     sing N N 333 
LEU CA    C      sing N N 334 
LEU CA    CB     sing N N 335 
LEU CA    HA     sing N N 336 
LEU C     O      doub N N 337 
LEU C     OXT    sing N N 338 
LEU CB    CG     sing N N 339 
LEU CB    HB2    sing N N 340 
LEU CB    HB3    sing N N 341 
LEU CG    CD1    sing N N 342 
LEU CG    CD2    sing N N 343 
LEU CG    HG     sing N N 344 
LEU CD1   HD11   sing N N 345 
LEU CD1   HD12   sing N N 346 
LEU CD1   HD13   sing N N 347 
LEU CD2   HD21   sing N N 348 
LEU CD2   HD22   sing N N 349 
LEU CD2   HD23   sing N N 350 
LEU OXT   HXT    sing N N 351 
LYS N     CA     sing N N 352 
LYS N     H      sing N N 353 
LYS N     H2     sing N N 354 
LYS CA    C      sing N N 355 
LYS CA    CB     sing N N 356 
LYS CA    HA     sing N N 357 
LYS C     O      doub N N 358 
LYS C     OXT    sing N N 359 
LYS CB    CG     sing N N 360 
LYS CB    HB2    sing N N 361 
LYS CB    HB3    sing N N 362 
LYS CG    CD     sing N N 363 
LYS CG    HG2    sing N N 364 
LYS CG    HG3    sing N N 365 
LYS CD    CE     sing N N 366 
LYS CD    HD2    sing N N 367 
LYS CD    HD3    sing N N 368 
LYS CE    NZ     sing N N 369 
LYS CE    HE2    sing N N 370 
LYS CE    HE3    sing N N 371 
LYS NZ    HZ1    sing N N 372 
LYS NZ    HZ2    sing N N 373 
LYS NZ    HZ3    sing N N 374 
LYS OXT   HXT    sing N N 375 
MET N     CA     sing N N 376 
MET N     H      sing N N 377 
MET N     H2     sing N N 378 
MET CA    C      sing N N 379 
MET CA    CB     sing N N 380 
MET CA    HA     sing N N 381 
MET C     O      doub N N 382 
MET C     OXT    sing N N 383 
MET CB    CG     sing N N 384 
MET CB    HB2    sing N N 385 
MET CB    HB3    sing N N 386 
MET CG    SD     sing N N 387 
MET CG    HG2    sing N N 388 
MET CG    HG3    sing N N 389 
MET SD    CE     sing N N 390 
MET CE    HE1    sing N N 391 
MET CE    HE2    sing N N 392 
MET CE    HE3    sing N N 393 
MET OXT   HXT    sing N N 394 
PHE N     CA     sing N N 395 
PHE N     H      sing N N 396 
PHE N     H2     sing N N 397 
PHE CA    C      sing N N 398 
PHE CA    CB     sing N N 399 
PHE CA    HA     sing N N 400 
PHE C     O      doub N N 401 
PHE C     OXT    sing N N 402 
PHE CB    CG     sing N N 403 
PHE CB    HB2    sing N N 404 
PHE CB    HB3    sing N N 405 
PHE CG    CD1    doub Y N 406 
PHE CG    CD2    sing Y N 407 
PHE CD1   CE1    sing Y N 408 
PHE CD1   HD1    sing N N 409 
PHE CD2   CE2    doub Y N 410 
PHE CD2   HD2    sing N N 411 
PHE CE1   CZ     doub Y N 412 
PHE CE1   HE1    sing N N 413 
PHE CE2   CZ     sing Y N 414 
PHE CE2   HE2    sing N N 415 
PHE CZ    HZ     sing N N 416 
PHE OXT   HXT    sing N N 417 
SER N     CA     sing N N 418 
SER N     H      sing N N 419 
SER N     H2     sing N N 420 
SER CA    C      sing N N 421 
SER CA    CB     sing N N 422 
SER CA    HA     sing N N 423 
SER C     O      doub N N 424 
SER C     OXT    sing N N 425 
SER CB    OG     sing N N 426 
SER CB    HB2    sing N N 427 
SER CB    HB3    sing N N 428 
SER OG    HG     sing N N 429 
SER OXT   HXT    sing N N 430 
THR N     CA     sing N N 431 
THR N     H      sing N N 432 
THR N     H2     sing N N 433 
THR CA    C      sing N N 434 
THR CA    CB     sing N N 435 
THR CA    HA     sing N N 436 
THR C     O      doub N N 437 
THR C     OXT    sing N N 438 
THR CB    OG1    sing N N 439 
THR CB    CG2    sing N N 440 
THR CB    HB     sing N N 441 
THR OG1   HG1    sing N N 442 
THR CG2   HG21   sing N N 443 
THR CG2   HG22   sing N N 444 
THR CG2   HG23   sing N N 445 
THR OXT   HXT    sing N N 446 
TYR N     CA     sing N N 447 
TYR N     H      sing N N 448 
TYR N     H2     sing N N 449 
TYR CA    C      sing N N 450 
TYR CA    CB     sing N N 451 
TYR CA    HA     sing N N 452 
TYR C     O      doub N N 453 
TYR C     OXT    sing N N 454 
TYR CB    CG     sing N N 455 
TYR CB    HB2    sing N N 456 
TYR CB    HB3    sing N N 457 
TYR CG    CD1    doub Y N 458 
TYR CG    CD2    sing Y N 459 
TYR CD1   CE1    sing Y N 460 
TYR CD1   HD1    sing N N 461 
TYR CD2   CE2    doub Y N 462 
TYR CD2   HD2    sing N N 463 
TYR CE1   CZ     doub Y N 464 
TYR CE1   HE1    sing N N 465 
TYR CE2   CZ     sing Y N 466 
TYR CE2   HE2    sing N N 467 
TYR CZ    OH     sing N N 468 
TYR OH    HH     sing N N 469 
TYR OXT   HXT    sing N N 470 
VAL N     CA     sing N N 471 
VAL N     H      sing N N 472 
VAL N     H2     sing N N 473 
VAL CA    C      sing N N 474 
VAL CA    CB     sing N N 475 
VAL CA    HA     sing N N 476 
VAL C     O      doub N N 477 
VAL C     OXT    sing N N 478 
VAL CB    CG1    sing N N 479 
VAL CB    CG2    sing N N 480 
VAL CB    HB     sing N N 481 
VAL CG1   HG11   sing N N 482 
VAL CG1   HG12   sing N N 483 
VAL CG1   HG13   sing N N 484 
VAL CG2   HG21   sing N N 485 
VAL CG2   HG22   sing N N 486 
VAL CG2   HG23   sing N N 487 
VAL OXT   HXT    sing N N 488 
# 
loop_
_ndb_struct_conf_na.entry_id 
_ndb_struct_conf_na.feature 
4XYQ 'double helix'        
4XYQ 'b-form double helix' 
# 
loop_
_ndb_struct_na_base_pair.model_number 
_ndb_struct_na_base_pair.i_label_asym_id 
_ndb_struct_na_base_pair.i_label_comp_id 
_ndb_struct_na_base_pair.i_label_seq_id 
_ndb_struct_na_base_pair.i_symmetry 
_ndb_struct_na_base_pair.j_label_asym_id 
_ndb_struct_na_base_pair.j_label_comp_id 
_ndb_struct_na_base_pair.j_label_seq_id 
_ndb_struct_na_base_pair.j_symmetry 
_ndb_struct_na_base_pair.shear 
_ndb_struct_na_base_pair.stretch 
_ndb_struct_na_base_pair.stagger 
_ndb_struct_na_base_pair.buckle 
_ndb_struct_na_base_pair.propeller 
_ndb_struct_na_base_pair.opening 
_ndb_struct_na_base_pair.pair_number 
_ndb_struct_na_base_pair.pair_name 
_ndb_struct_na_base_pair.i_auth_asym_id 
_ndb_struct_na_base_pair.i_auth_seq_id 
_ndb_struct_na_base_pair.i_PDB_ins_code 
_ndb_struct_na_base_pair.j_auth_asym_id 
_ndb_struct_na_base_pair.j_auth_seq_id 
_ndb_struct_na_base_pair.j_PDB_ins_code 
_ndb_struct_na_base_pair.hbond_type_28 
_ndb_struct_na_base_pair.hbond_type_12 
1 A DT 2  1_555 B DA 16 1_555 -0.362 -0.080 0.160  -15.355 -13.851 1.358  1  B_DT2:DA16_C B 2  ? C 16 ? 20 1 
1 A DT 3  1_555 B DA 15 1_555 -0.154 0.126  -0.198 3.541   -3.523  0.562  2  B_DT3:DA15_C B 3  ? C 15 ? 20 1 
1 A DA 4  1_555 B DT 14 1_555 0.115  -0.161 -0.215 6.895   -2.837  -0.566 3  B_DA4:DT14_C B 4  ? C 14 ? 20 1 
1 A DA 5  1_555 B DT 13 1_555 -0.066 -0.134 -0.056 0.933   -8.277  0.088  4  B_DA5:DT13_C B 5  ? C 13 ? 20 1 
1 A DC 6  1_555 B DG 12 1_555 0.112  -0.021 -0.192 -0.951  -6.610  -1.011 5  B_DC6:DG12_C B 6  ? C 12 ? 19 1 
1 A DA 7  1_555 B DT 11 1_555 0.135  0.072  0.278  17.671  -11.017 3.860  6  B_DA7:DT11_C B 7  ? C 11 ? 20 1 
1 A DG 8  1_555 B DC 10 1_555 -0.257 0.048  0.068  0.333   -18.864 1.359  7  B_DG8:DC10_C B 8  ? C 10 ? 19 1 
1 A DT 9  1_555 B DA 9  1_555 -0.210 0.002  0.163  -15.625 -9.260  -3.896 8  B_DT9:DA9_C  B 9  ? C 9  ? 20 1 
1 A DT 10 1_555 B DA 8  1_555 0.279  0.068  0.088  -12.911 -14.245 4.883  9  B_DT10:DA8_C B 10 ? C 8  ? 20 1 
1 A DA 11 1_555 B DT 7  1_555 -0.054 0.017  -0.167 -5.869  -5.455  4.729  10 B_DA11:DT7_C B 11 ? C 7  ? 20 1 
1 A DA 12 1_555 B DT 6  1_555 -0.009 -0.040 0.200  8.193   -10.254 9.591  11 B_DA12:DT6_C B 12 ? C 6  ? 20 1 
1 A DG 13 1_555 B DC 5  1_555 -0.468 -0.266 -0.086 -3.532  -8.864  -1.000 12 B_DG13:DC5_C B 13 ? C 5  ? 19 1 
1 A DT 14 1_555 B DA 4  1_555 0.717  0.306  -0.272 4.577   -6.984  -0.671 13 B_DT14:DA4_C B 14 ? C 4  ? 20 1 
1 A DA 15 1_555 B DT 3  1_555 0.153  0.176  0.281  4.252   -11.129 6.781  14 B_DA15:DT3_C B 15 ? C 3  ? 20 1 
1 A DT 16 1_555 B DA 2  1_555 0.448  -0.079 -0.028 5.377   -1.864  6.861  15 B_DT16:DA2_C B 16 ? C 2  ? 20 1 
# 
loop_
_ndb_struct_na_base_pair_step.model_number 
_ndb_struct_na_base_pair_step.i_label_asym_id_1 
_ndb_struct_na_base_pair_step.i_label_comp_id_1 
_ndb_struct_na_base_pair_step.i_label_seq_id_1 
_ndb_struct_na_base_pair_step.i_symmetry_1 
_ndb_struct_na_base_pair_step.j_label_asym_id_1 
_ndb_struct_na_base_pair_step.j_label_comp_id_1 
_ndb_struct_na_base_pair_step.j_label_seq_id_1 
_ndb_struct_na_base_pair_step.j_symmetry_1 
_ndb_struct_na_base_pair_step.i_label_asym_id_2 
_ndb_struct_na_base_pair_step.i_label_comp_id_2 
_ndb_struct_na_base_pair_step.i_label_seq_id_2 
_ndb_struct_na_base_pair_step.i_symmetry_2 
_ndb_struct_na_base_pair_step.j_label_asym_id_2 
_ndb_struct_na_base_pair_step.j_label_comp_id_2 
_ndb_struct_na_base_pair_step.j_label_seq_id_2 
_ndb_struct_na_base_pair_step.j_symmetry_2 
_ndb_struct_na_base_pair_step.shift 
_ndb_struct_na_base_pair_step.slide 
_ndb_struct_na_base_pair_step.rise 
_ndb_struct_na_base_pair_step.tilt 
_ndb_struct_na_base_pair_step.roll 
_ndb_struct_na_base_pair_step.twist 
_ndb_struct_na_base_pair_step.x_displacement 
_ndb_struct_na_base_pair_step.y_displacement 
_ndb_struct_na_base_pair_step.helical_rise 
_ndb_struct_na_base_pair_step.inclination 
_ndb_struct_na_base_pair_step.tip 
_ndb_struct_na_base_pair_step.helical_twist 
_ndb_struct_na_base_pair_step.step_number 
_ndb_struct_na_base_pair_step.step_name 
_ndb_struct_na_base_pair_step.i_auth_asym_id_1 
_ndb_struct_na_base_pair_step.i_auth_seq_id_1 
_ndb_struct_na_base_pair_step.i_PDB_ins_code_1 
_ndb_struct_na_base_pair_step.j_auth_asym_id_1 
_ndb_struct_na_base_pair_step.j_auth_seq_id_1 
_ndb_struct_na_base_pair_step.j_PDB_ins_code_1 
_ndb_struct_na_base_pair_step.i_auth_asym_id_2 
_ndb_struct_na_base_pair_step.i_auth_seq_id_2 
_ndb_struct_na_base_pair_step.i_PDB_ins_code_2 
_ndb_struct_na_base_pair_step.j_auth_asym_id_2 
_ndb_struct_na_base_pair_step.j_auth_seq_id_2 
_ndb_struct_na_base_pair_step.j_PDB_ins_code_2 
1 A DT 2  1_555 B DA 16 1_555 A DT 3  1_555 B DA 15 1_555 -0.154 -0.466 2.937 3.084  3.206  31.094 -1.396 0.799  2.848 5.942  
-5.716 31.403 1  BB_DT2DT3:DA15DA16_CC B 2  ? C 16 ? B 3  ? C 15 ? 
1 A DT 3  1_555 B DA 15 1_555 A DA 4  1_555 B DT 14 1_555 -0.056 -0.624 3.304 -0.455 4.385  28.058 -2.277 0.010  3.172 8.974  
0.931  28.396 2  BB_DT3DA4:DT14DA15_CC B 3  ? C 15 ? B 4  ? C 14 ? 
1 A DA 4  1_555 B DT 14 1_555 A DA 5  1_555 B DT 13 1_555 -1.403 0.186  3.377 -5.852 1.663  39.052 0.067  1.343  3.547 2.469  
8.690  39.505 3  BB_DA4DA5:DT13DT14_CC B 4  ? C 14 ? B 5  ? C 13 ? 
1 A DA 5  1_555 B DT 13 1_555 A DC 6  1_555 B DG 12 1_555 0.083  -0.463 3.407 -0.063 1.314  31.914 -1.088 -0.163 3.386 2.389  
0.114  31.941 4  BB_DA5DC6:DG12DT13_CC B 5  ? C 13 ? B 6  ? C 12 ? 
1 A DC 6  1_555 B DG 12 1_555 A DA 7  1_555 B DT 11 1_555 0.538  1.100  3.092 -2.256 14.360 26.704 -0.866 -1.493 3.200 28.559 
4.488  30.341 5  BB_DC6DA7:DT11DG12_CC B 6  ? C 12 ? B 7  ? C 11 ? 
1 A DA 7  1_555 B DT 11 1_555 A DG 8  1_555 B DC 10 1_555 -0.168 -0.277 3.786 -1.515 5.158  38.807 -1.126 0.041  3.724 7.718  
2.267  39.164 6  BB_DA7DG8:DC10DT11_CC B 7  ? C 11 ? B 8  ? C 10 ? 
1 A DG 8  1_555 B DC 10 1_555 A DT 9  1_555 B DA 9  1_555 -0.354 -0.785 3.734 0.500  -5.074 37.982 -0.461 0.611  3.799 -7.753 
-0.764 38.310 7  BB_DG8DT9:DA9DC10_CC  B 8  ? C 10 ? B 9  ? C 9  ? 
1 A DT 9  1_555 B DA 9  1_555 A DT 10 1_555 B DA 8  1_555 -0.169 -0.259 3.234 1.844  -1.601 34.749 -0.191 0.560  3.229 -2.676 
-3.083 34.833 8  BB_DT9DT10:DA8DA9_CC  B 9  ? C 9  ? B 10 ? C 8  ? 
1 A DT 10 1_555 B DA 8  1_555 A DA 11 1_555 B DT 7  1_555 -0.104 2.088  3.223 -0.189 -6.391 45.745 3.178  0.117  2.922 -8.174 
0.242  46.166 9  BB_DT10DA11:DT7DA8_CC B 10 ? C 8  ? B 11 ? C 7  ? 
1 A DA 11 1_555 B DT 7  1_555 A DA 12 1_555 B DT 6  1_555 0.275  0.605  3.089 -5.509 9.107  24.933 -0.945 -1.940 2.993 19.971 
12.081 27.076 10 BB_DA11DA12:DT6DT7_CC B 11 ? C 7  ? B 12 ? C 6  ? 
1 A DA 12 1_555 B DT 6  1_555 A DG 13 1_555 B DC 5  1_555 -1.533 -0.311 3.390 -5.857 8.503  36.073 -1.670 1.569  3.431 13.396 
9.228  37.474 11 BB_DA12DG13:DC5DT6_CC B 12 ? C 6  ? B 13 ? C 5  ? 
1 A DG 13 1_555 B DC 5  1_555 A DT 14 1_555 B DA 4  1_555 -0.082 -0.089 3.162 0.131  1.828  34.446 -0.424 0.158  3.153 3.085  
-0.221 34.493 12 BB_DG13DT14:DA4DC5_CC B 13 ? C 5  ? B 14 ? C 4  ? 
1 A DT 14 1_555 B DA 4  1_555 A DA 15 1_555 B DT 3  1_555 0.423  -0.522 3.339 -3.205 9.047  35.231 -2.084 -1.119 3.068 14.615 
5.178  36.475 13 BB_DT14DA15:DT3DA4_CC B 14 ? C 4  ? B 15 ? C 3  ? 
1 A DA 15 1_555 B DT 3  1_555 A DT 16 1_555 B DA 2  1_555 0.400  -0.298 3.272 4.142  -2.675 30.353 -0.031 0.066  3.309 -5.067 
-7.845 30.742 14 BB_DA15DT16:DA2DT3_CC B 15 ? C 3  ? B 16 ? C 2  ? 
# 
_atom_sites.entry_id                    4XYQ 
_atom_sites.fract_transf_matrix[1][1]   0.01805931 
_atom_sites.fract_transf_matrix[1][2]   -0.01025821 
_atom_sites.fract_transf_matrix[1][3]   -0.00261974 
_atom_sites.fract_transf_matrix[2][1]   0.00302062 
_atom_sites.fract_transf_matrix[2][2]   0.00995674 
_atom_sites.fract_transf_matrix[2][3]   -0.01816512 
_atom_sites.fract_transf_matrix[3][1]   0.00483521 
_atom_sites.fract_transf_matrix[3][2]   0.00728691 
_atom_sites.fract_transf_matrix[3][3]   0.00479816 
_atom_sites.fract_transf_vector[1]      -0.097926 
_atom_sites.fract_transf_vector[2]      0.784237 
_atom_sites.fract_transf_vector[3]      0.066418 
# 
loop_
_atom_type.symbol 
C 
N 
O 
P 
S 
# 
loop_
_atom_site.group_PDB 
_atom_site.id 
_atom_site.type_symbol 
_atom_site.label_atom_id 
_atom_site.label_alt_id 
_atom_site.label_comp_id 
_atom_site.label_asym_id 
_atom_site.label_entity_id 
_atom_site.label_seq_id 
_atom_site.pdbx_PDB_ins_code 
_atom_site.Cartn_x 
_atom_site.Cartn_y 
_atom_site.Cartn_z 
_atom_site.occupancy 
_atom_site.B_iso_or_equiv 
_atom_site.pdbx_formal_charge 
_atom_site.auth_seq_id 
_atom_site.auth_comp_id 
_atom_site.auth_asym_id 
_atom_site.auth_atom_id 
_atom_site.pdbx_PDB_model_num 
ATOM   1    O "O5'" . DT  A 1 1   ? -14.810 -22.470 -9.594  1.00 64.46  ? 1   DT  B "O5'" 1 
ATOM   2    C "C5'" . DT  A 1 1   ? -16.159 -21.950 -9.575  1.00 65.50  ? 1   DT  B "C5'" 1 
ATOM   3    C "C4'" . DT  A 1 1   ? -17.043 -22.727 -8.627  1.00 68.60  ? 1   DT  B "C4'" 1 
ATOM   4    O "O4'" . DT  A 1 1   ? -17.194 -24.107 -9.040  1.00 72.71  ? 1   DT  B "O4'" 1 
ATOM   5    C "C3'" . DT  A 1 1   ? -16.550 -22.812 -7.186  1.00 67.83  ? 1   DT  B "C3'" 1 
ATOM   6    O "O3'" . DT  A 1 1   ? -16.912 -21.636 -6.457  1.00 65.47  ? 1   DT  B "O3'" 1 
ATOM   7    C "C2'" . DT  A 1 1   ? -17.282 -24.036 -6.672  1.00 68.37  ? 1   DT  B "C2'" 1 
ATOM   8    C "C1'" . DT  A 1 1   ? -17.305 -24.956 -7.891  1.00 66.00  ? 1   DT  B "C1'" 1 
ATOM   9    N N1    . DT  A 1 1   ? -16.201 -25.959 -7.933  1.00 60.79  ? 1   DT  B N1    1 
ATOM   10   C C2    . DT  A 1 1   ? -16.266 -27.034 -7.070  1.00 62.77  ? 1   DT  B C2    1 
ATOM   11   O O2    . DT  A 1 1   ? -17.184 -27.208 -6.284  1.00 60.17  ? 1   DT  B O2    1 
ATOM   12   N N3    . DT  A 1 1   ? -15.201 -27.901 -7.154  1.00 56.75  ? 1   DT  B N3    1 
ATOM   13   C C4    . DT  A 1 1   ? -14.106 -27.800 -7.992  1.00 52.96  ? 1   DT  B C4    1 
ATOM   14   O O4    . DT  A 1 1   ? -13.238 -28.669 -7.968  1.00 46.77  ? 1   DT  B O4    1 
ATOM   15   C C5    . DT  A 1 1   ? -14.093 -26.639 -8.854  1.00 50.53  ? 1   DT  B C5    1 
ATOM   16   C C7    . DT  A 1 1   ? -12.948 -26.443 -9.796  1.00 47.25  ? 1   DT  B C7    1 
ATOM   17   C C6    . DT  A 1 1   ? -15.126 -25.788 -8.780  1.00 56.92  ? 1   DT  B C6    1 
ATOM   18   P P     . DT  A 1 2   ? -15.995 -21.107 -5.263  1.00 67.63  ? 2   DT  B P     1 
ATOM   19   O OP1   . DT  A 1 2   ? -16.613 -19.885 -4.695  1.00 65.94  ? 2   DT  B OP1   1 
ATOM   20   O OP2   . DT  A 1 2   ? -14.581 -21.113 -5.720  1.00 71.78  ? 2   DT  B OP2   1 
ATOM   21   O "O5'" . DT  A 1 2   ? -16.174 -22.225 -4.143  1.00 71.55  ? 2   DT  B "O5'" 1 
ATOM   22   C "C5'" . DT  A 1 2   ? -17.441 -22.454 -3.501  1.00 63.69  ? 2   DT  B "C5'" 1 
ATOM   23   C "C4'" . DT  A 1 2   ? -17.299 -23.615 -2.549  1.00 59.84  ? 2   DT  B "C4'" 1 
ATOM   24   O "O4'" . DT  A 1 2   ? -16.953 -24.804 -3.288  1.00 52.38  ? 2   DT  B "O4'" 1 
ATOM   25   C "C3'" . DT  A 1 2   ? -16.187 -23.467 -1.513  1.00 55.84  ? 2   DT  B "C3'" 1 
ATOM   26   O "O3'" . DT  A 1 2   ? -16.693 -22.785 -0.369  1.00 54.10  ? 2   DT  B "O3'" 1 
ATOM   27   C "C2'" . DT  A 1 2   ? -15.872 -24.908 -1.172  1.00 53.80  ? 2   DT  B "C2'" 1 
ATOM   28   C "C1'" . DT  A 1 2   ? -16.112 -25.632 -2.483  1.00 51.13  ? 2   DT  B "C1'" 1 
ATOM   29   N N1    . DT  A 1 2   ? -14.883 -25.939 -3.241  1.00 46.47  ? 2   DT  B N1    1 
ATOM   30   C C2    . DT  A 1 2   ? -14.211 -27.089 -2.898  1.00 48.73  ? 2   DT  B C2    1 
ATOM   31   O O2    . DT  A 1 2   ? -14.589 -27.848 -2.021  1.00 47.87  ? 2   DT  B O2    1 
ATOM   32   N N3    . DT  A 1 2   ? -13.102 -27.353 -3.659  1.00 50.49  ? 2   DT  B N3    1 
ATOM   33   C C4    . DT  A 1 2   ? -12.602 -26.594 -4.693  1.00 46.94  ? 2   DT  B C4    1 
ATOM   34   O O4    . DT  A 1 2   ? -11.591 -26.958 -5.275  1.00 49.58  ? 2   DT  B O4    1 
ATOM   35   C C5    . DT  A 1 2   ? -13.340 -25.386 -4.984  1.00 45.89  ? 2   DT  B C5    1 
ATOM   36   C C7    . DT  A 1 2   ? -12.859 -24.484 -6.074  1.00 47.81  ? 2   DT  B C7    1 
ATOM   37   C C6    . DT  A 1 2   ? -14.432 -25.124 -4.256  1.00 43.45  ? 2   DT  B C6    1 
ATOM   38   P P     . DT  A 1 3   ? -15.698 -22.222 0.764   1.00 62.16  ? 3   DT  B P     1 
ATOM   39   O OP1   . DT  A 1 3   ? -16.507 -21.374 1.703   1.00 51.78  ? 3   DT  B OP1   1 
ATOM   40   O OP2   . DT  A 1 3   ? -14.442 -21.687 0.109   1.00 51.19  ? 3   DT  B OP2   1 
ATOM   41   O "O5'" . DT  A 1 3   ? -15.179 -23.537 1.497   1.00 49.03  ? 3   DT  B "O5'" 1 
ATOM   42   C "C5'" . DT  A 1 3   ? -16.047 -24.442 2.191   1.00 45.73  ? 3   DT  B "C5'" 1 
ATOM   43   C "C4'" . DT  A 1 3   ? -15.196 -25.551 2.763   1.00 42.43  ? 3   DT  B "C4'" 1 
ATOM   44   O "O4'" . DT  A 1 3   ? -14.488 -26.226 1.695   1.00 41.59  ? 3   DT  B "O4'" 1 
ATOM   45   C "C3'" . DT  A 1 3   ? -14.130 -25.088 3.769   1.00 39.09  ? 3   DT  B "C3'" 1 
ATOM   46   O "O3'" . DT  A 1 3   ? -14.213 -25.837 4.986   1.00 35.92  ? 3   DT  B "O3'" 1 
ATOM   47   C "C2'" . DT  A 1 3   ? -12.803 -25.309 3.059   1.00 40.03  ? 3   DT  B "C2'" 1 
ATOM   48   C "C1'" . DT  A 1 3   ? -13.110 -26.378 2.027   1.00 42.36  ? 3   DT  B "C1'" 1 
ATOM   49   N N1    . DT  A 1 3   ? -12.334 -26.222 0.781   1.00 45.47  ? 3   DT  B N1    1 
ATOM   50   C C2    . DT  A 1 3   ? -11.533 -27.259 0.352   1.00 43.55  ? 3   DT  B C2    1 
ATOM   51   O O2    . DT  A 1 3   ? -11.425 -28.313 0.952   1.00 40.07  ? 3   DT  B O2    1 
ATOM   52   N N3    . DT  A 1 3   ? -10.851 -27.010 -0.816  1.00 45.37  ? 3   DT  B N3    1 
ATOM   53   C C4    . DT  A 1 3   ? -10.883 -25.849 -1.573  1.00 45.82  ? 3   DT  B C4    1 
ATOM   54   O O4    . DT  A 1 3   ? -10.214 -25.775 -2.604  1.00 43.79  ? 3   DT  B O4    1 
ATOM   55   C C5    . DT  A 1 3   ? -11.742 -24.800 -1.058  1.00 45.09  ? 3   DT  B C5    1 
ATOM   56   C C7    . DT  A 1 3   ? -11.852 -23.508 -1.809  1.00 44.27  ? 3   DT  B C7    1 
ATOM   57   C C6    . DT  A 1 3   ? -12.412 -25.037 0.076   1.00 43.75  ? 3   DT  B C6    1 
ATOM   58   P P     . DA  A 1 4   ? -13.265 -25.495 6.209   1.00 39.41  ? 4   DA  B P     1 
ATOM   59   O OP1   . DA  A 1 4   ? -13.933 -25.949 7.465   1.00 38.21  ? 4   DA  B OP1   1 
ATOM   60   O OP2   . DA  A 1 4   ? -12.826 -24.049 6.096   1.00 35.34  ? 4   DA  B OP2   1 
ATOM   61   O "O5'" . DA  A 1 4   ? -12.002 -26.434 5.944   1.00 36.74  ? 4   DA  B "O5'" 1 
ATOM   62   C "C5'" . DA  A 1 4   ? -12.139 -27.870 5.895   1.00 37.09  ? 4   DA  B "C5'" 1 
ATOM   63   C "C4'" . DA  A 1 4   ? -10.797 -28.502 5.618   1.00 41.04  ? 4   DA  B "C4'" 1 
ATOM   64   O "O4'" . DA  A 1 4   ? -10.405 -28.157 4.264   1.00 45.16  ? 4   DA  B "O4'" 1 
ATOM   65   C "C3'" . DA  A 1 4   ? -9.648  -28.025 6.515   1.00 42.63  ? 4   DA  B "C3'" 1 
ATOM   66   O "O3'" . DA  A 1 4   ? -8.722  -29.089 6.722   1.00 44.34  ? 4   DA  B "O3'" 1 
ATOM   67   C "C2'" . DA  A 1 4   ? -8.922  -27.015 5.638   1.00 43.53  ? 4   DA  B "C2'" 1 
ATOM   68   C "C1'" . DA  A 1 4   ? -9.058  -27.701 4.301   1.00 44.59  ? 4   DA  B "C1'" 1 
ATOM   69   N N9    . DA  A 1 4   ? -8.794  -26.923 3.087   1.00 47.37  ? 4   DA  B N9    1 
ATOM   70   C C8    . DA  A 1 4   ? -9.237  -25.676 2.713   1.00 46.69  ? 4   DA  B C8    1 
ATOM   71   N N7    . DA  A 1 4   ? -8.790  -25.287 1.543   1.00 45.07  ? 4   DA  B N7    1 
ATOM   72   C C5    . DA  A 1 4   ? -8.004  -26.351 1.116   1.00 45.02  ? 4   DA  B C5    1 
ATOM   73   C C6    . DA  A 1 4   ? -7.237  -26.556 -0.043  1.00 45.33  ? 4   DA  B C6    1 
ATOM   74   N N6    . DA  A 1 4   ? -7.153  -25.668 -1.041  1.00 44.08  ? 4   DA  B N6    1 
ATOM   75   N N1    . DA  A 1 4   ? -6.545  -27.714 -0.144  1.00 42.10  ? 4   DA  B N1    1 
ATOM   76   C C2    . DA  A 1 4   ? -6.611  -28.588 0.865   1.00 44.55  ? 4   DA  B C2    1 
ATOM   77   N N3    . DA  A 1 4   ? -7.299  -28.511 2.001   1.00 44.50  ? 4   DA  B N3    1 
ATOM   78   C C4    . DA  A 1 4   ? -7.992  -27.361 2.060   1.00 44.37  ? 4   DA  B C4    1 
ATOM   79   P P     . DA  A 1 5   ? -8.390  -29.647 8.185   1.00 47.51  ? 5   DA  B P     1 
ATOM   80   O OP1   . DA  A 1 5   ? -9.557  -30.437 8.671   1.00 43.71  ? 5   DA  B OP1   1 
ATOM   81   O OP2   . DA  A 1 5   ? -7.736  -28.600 8.982   1.00 36.33  ? 5   DA  B OP2   1 
ATOM   82   O "O5'" . DA  A 1 5   ? -7.169  -30.635 7.907   1.00 46.27  ? 5   DA  B "O5'" 1 
ATOM   83   C "C5'" . DA  A 1 5   ? -7.346  -31.844 7.171   1.00 36.75  ? 5   DA  B "C5'" 1 
ATOM   84   C "C4'" . DA  A 1 5   ? -5.993  -32.304 6.684   1.00 39.81  ? 5   DA  B "C4'" 1 
ATOM   85   O "O4'" . DA  A 1 5   ? -5.598  -31.546 5.516   1.00 37.26  ? 5   DA  B "O4'" 1 
ATOM   86   C "C3'" . DA  A 1 5   ? -4.849  -32.148 7.683   1.00 40.89  ? 5   DA  B "C3'" 1 
ATOM   87   O "O3'" . DA  A 1 5   ? -4.032  -33.317 7.560   1.00 38.76  ? 5   DA  B "O3'" 1 
ATOM   88   C "C2'" . DA  A 1 5   ? -4.179  -30.839 7.276   1.00 38.01  ? 5   DA  B "C2'" 1 
ATOM   89   C "C1'" . DA  A 1 5   ? -4.413  -30.791 5.767   1.00 40.02  ? 5   DA  B "C1'" 1 
ATOM   90   N N9    . DA  A 1 5   ? -4.618  -29.470 5.169   1.00 42.09  ? 5   DA  B N9    1 
ATOM   91   C C8    . DA  A 1 5   ? -5.543  -28.523 5.540   1.00 43.00  ? 5   DA  B C8    1 
ATOM   92   N N7    . DA  A 1 5   ? -5.573  -27.477 4.752   1.00 41.30  ? 5   DA  B N7    1 
ATOM   93   C C5    . DA  A 1 5   ? -4.632  -27.772 3.774   1.00 39.52  ? 5   DA  B C5    1 
ATOM   94   C C6    . DA  A 1 5   ? -4.194  -27.065 2.642   1.00 36.42  ? 5   DA  B C6    1 
ATOM   95   N N6    . DA  A 1 5   ? -4.661  -25.868 2.296   1.00 30.75  ? 5   DA  B N6    1 
ATOM   96   N N1    . DA  A 1 5   ? -3.279  -27.661 1.841   1.00 43.43  ? 5   DA  B N1    1 
ATOM   97   C C2    . DA  A 1 5   ? -2.813  -28.872 2.188   1.00 41.29  ? 5   DA  B C2    1 
ATOM   98   N N3    . DA  A 1 5   ? -3.133  -29.626 3.241   1.00 40.86  ? 5   DA  B N3    1 
ATOM   99   C C4    . DA  A 1 5   ? -4.066  -29.014 3.997   1.00 39.38  ? 5   DA  B C4    1 
ATOM   100  P P     . DC  A 1 6   ? -2.827  -33.557 8.588   1.00 50.25  ? 6   DC  B P     1 
ATOM   101  O OP1   . DC  A 1 6   ? -2.562  -35.026 8.677   1.00 56.16  ? 6   DC  B OP1   1 
ATOM   102  O OP2   . DC  A 1 6   ? -3.084  -32.772 9.825   1.00 44.83  ? 6   DC  B OP2   1 
ATOM   103  O "O5'" . DC  A 1 6   ? -1.574  -32.903 7.850   1.00 48.99  ? 6   DC  B "O5'" 1 
ATOM   104  C "C5'" . DC  A 1 6   ? -1.143  -33.318 6.550   1.00 50.04  ? 6   DC  B "C5'" 1 
ATOM   105  C "C4'" . DC  A 1 6   ? -0.128  -32.326 6.033   1.00 53.51  ? 6   DC  B "C4'" 1 
ATOM   106  O "O4'" . DC  A 1 6   ? -0.777  -31.125 5.568   1.00 51.81  ? 6   DC  B "O4'" 1 
ATOM   107  C "C3'" . DC  A 1 6   ? 0.877   -31.865 7.091   1.00 52.73  ? 6   DC  B "C3'" 1 
ATOM   108  O "O3'" . DC  A 1 6   ? 2.102   -32.559 6.847   1.00 55.45  ? 6   DC  B "O3'" 1 
ATOM   109  C "C2'" . DC  A 1 6   ? 0.968   -30.354 6.913   1.00 49.55  ? 6   DC  B "C2'" 1 
ATOM   110  C "C1'" . DC  A 1 6   ? 0.162   -30.072 5.661   1.00 48.45  ? 6   DC  B "C1'" 1 
ATOM   111  N N1    . DC  A 1 6   ? -0.583  -28.789 5.619   1.00 48.25  ? 6   DC  B N1    1 
ATOM   112  C C2    . DC  A 1 6   ? -0.367  -27.912 4.544   1.00 43.63  ? 6   DC  B C2    1 
ATOM   113  O O2    . DC  A 1 6   ? 0.484   -28.201 3.691   1.00 40.11  ? 6   DC  B O2    1 
ATOM   114  N N3    . DC  A 1 6   ? -1.083  -26.770 4.468   1.00 40.49  ? 6   DC  B N3    1 
ATOM   115  C C4    . DC  A 1 6   ? -1.977  -26.480 5.413   1.00 41.71  ? 6   DC  B C4    1 
ATOM   116  N N4    . DC  A 1 6   ? -2.649  -25.332 5.299   1.00 36.54  ? 6   DC  B N4    1 
ATOM   117  C C5    . DC  A 1 6   ? -2.233  -27.362 6.508   1.00 40.79  ? 6   DC  B C5    1 
ATOM   118  C C6    . DC  A 1 6   ? -1.520  -28.494 6.571   1.00 43.35  ? 6   DC  B C6    1 
ATOM   119  P P     . DA  A 1 7   ? 3.160   -32.714 8.000   1.00 64.83  ? 7   DA  B P     1 
ATOM   120  O OP1   . DA  A 1 7   ? 3.933   -33.938 7.738   1.00 70.09  ? 7   DA  B OP1   1 
ATOM   121  O OP2   . DA  A 1 7   ? 2.506   -32.486 9.301   1.00 56.50  ? 7   DA  B OP2   1 
ATOM   122  O "O5'" . DA  A 1 7   ? 4.146   -31.493 7.750   1.00 65.53  ? 7   DA  B "O5'" 1 
ATOM   123  C "C5'" . DA  A 1 7   ? 4.863   -31.345 6.505   1.00 60.48  ? 7   DA  B "C5'" 1 
ATOM   124  C "C4'" . DA  A 1 7   ? 5.380   -29.930 6.386   1.00 58.11  ? 7   DA  B "C4'" 1 
ATOM   125  O "O4'" . DA  A 1 7   ? 4.279   -28.988 6.288   1.00 56.89  ? 7   DA  B "O4'" 1 
ATOM   126  C "C3'" . DA  A 1 7   ? 6.207   -29.463 7.588   1.00 61.98  ? 7   DA  B "C3'" 1 
ATOM   127  O "O3'" . DA  A 1 7   ? 7.226   -28.609 7.063   1.00 67.25  ? 7   DA  B "O3'" 1 
ATOM   128  C "C2'" . DA  A 1 7   ? 5.203   -28.681 8.421   1.00 57.42  ? 7   DA  B "C2'" 1 
ATOM   129  C "C1'" . DA  A 1 7   ? 4.450   -27.991 7.298   1.00 53.65  ? 7   DA  B "C1'" 1 
ATOM   130  N N9    . DA  A 1 7   ? 3.150   -27.388 7.609   1.00 47.02  ? 7   DA  B N9    1 
ATOM   131  C C8    . DA  A 1 7   ? 2.294   -27.642 8.657   1.00 47.37  ? 7   DA  B C8    1 
ATOM   132  N N7    . DA  A 1 7   ? 1.219   -26.887 8.657   1.00 45.95  ? 7   DA  B N7    1 
ATOM   133  C C5    . DA  A 1 7   ? 1.393   -26.059 7.555   1.00 47.09  ? 7   DA  B C5    1 
ATOM   134  C C6    . DA  A 1 7   ? 0.611   -25.018 7.017   1.00 44.29  ? 7   DA  B C6    1 
ATOM   135  N N6    . DA  A 1 7   ? -0.555  -24.625 7.535   1.00 44.52  ? 7   DA  B N6    1 
ATOM   136  N N1    . DA  A 1 7   ? 1.081   -24.381 5.922   1.00 42.63  ? 7   DA  B N1    1 
ATOM   137  C C2    . DA  A 1 7   ? 2.246   -24.788 5.389   1.00 43.26  ? 7   DA  B C2    1 
ATOM   138  N N3    . DA  A 1 7   ? 3.060   -25.761 5.792   1.00 39.93  ? 7   DA  B N3    1 
ATOM   139  C C4    . DA  A 1 7   ? 2.575   -26.361 6.896   1.00 47.15  ? 7   DA  B C4    1 
ATOM   140  P P     . DG  A 1 8   ? 8.627   -28.494 7.778   1.00 70.22  ? 8   DG  B P     1 
ATOM   141  O OP1   . DG  A 1 8   ? 9.505   -29.558 7.210   1.00 63.19  ? 8   DG  B OP1   1 
ATOM   142  O OP2   . DG  A 1 8   ? 8.393   -28.385 9.242   1.00 58.77  ? 8   DG  B OP2   1 
ATOM   143  O "O5'" . DG  A 1 8   ? 9.142   -27.067 7.291   1.00 64.88  ? 8   DG  B "O5'" 1 
ATOM   144  C "C5'" . DG  A 1 8   ? 9.235   -26.750 5.884   1.00 67.09  ? 8   DG  B "C5'" 1 
ATOM   145  C "C4'" . DG  A 1 8   ? 8.791   -25.325 5.635   1.00 66.75  ? 8   DG  B "C4'" 1 
ATOM   146  O "O4'" . DG  A 1 8   ? 7.389   -25.161 5.971   1.00 64.82  ? 8   DG  B "O4'" 1 
ATOM   147  C "C3'" . DG  A 1 8   ? 9.556   -24.244 6.419   1.00 62.99  ? 8   DG  B "C3'" 1 
ATOM   148  O "O3'" . DG  A 1 8   ? 10.024  -23.241 5.508   1.00 64.49  ? 8   DG  B "O3'" 1 
ATOM   149  C "C2'" . DG  A 1 8   ? 8.527   -23.702 7.390   1.00 60.07  ? 8   DG  B "C2'" 1 
ATOM   150  C "C1'" . DG  A 1 8   ? 7.234   -23.919 6.633   1.00 63.37  ? 8   DG  B "C1'" 1 
ATOM   151  N N9    . DG  A 1 8   ? 6.063   -24.003 7.497   1.00 59.44  ? 8   DG  B N9    1 
ATOM   152  C C8    . DG  A 1 8   ? 5.833   -24.917 8.499   1.00 63.14  ? 8   DG  B C8    1 
ATOM   153  N N7    . DG  A 1 8   ? 4.713   -24.705 9.138   1.00 58.35  ? 8   DG  B N7    1 
ATOM   154  C C5    . DG  A 1 8   ? 4.180   -23.576 8.530   1.00 57.26  ? 8   DG  B C5    1 
ATOM   155  C C6    . DG  A 1 8   ? 2.977   -22.873 8.795   1.00 50.82  ? 8   DG  B C6    1 
ATOM   156  O O6    . DG  A 1 8   ? 2.104   -23.129 9.638   1.00 45.14  ? 8   DG  B O6    1 
ATOM   157  N N1    . DG  A 1 8   ? 2.823   -21.783 7.940   1.00 43.31  ? 8   DG  B N1    1 
ATOM   158  C C2    . DG  A 1 8   ? 3.714   -21.413 6.959   1.00 45.67  ? 8   DG  B C2    1 
ATOM   159  N N2    . DG  A 1 8   ? 3.383   -20.331 6.227   1.00 41.70  ? 8   DG  B N2    1 
ATOM   160  N N3    . DG  A 1 8   ? 4.836   -22.065 6.700   1.00 50.66  ? 8   DG  B N3    1 
ATOM   161  C C4    . DG  A 1 8   ? 5.006   -23.126 7.520   1.00 57.19  ? 8   DG  B C4    1 
ATOM   162  P P     . DT  A 1 9   ? 10.890  -21.979 6.001   1.00 63.09  ? 9   DT  B P     1 
ATOM   163  O OP1   . DT  A 1 9   ? 11.888  -21.668 4.952   1.00 60.48  ? 9   DT  B OP1   1 
ATOM   164  O OP2   . DT  A 1 9   ? 11.264  -22.130 7.431   1.00 56.39  ? 9   DT  B OP2   1 
ATOM   165  O "O5'" . DT  A 1 9   ? 9.806   -20.823 6.012   1.00 66.53  ? 9   DT  B "O5'" 1 
ATOM   166  C "C5'" . DT  A 1 9   ? 9.121   -20.460 4.812   1.00 54.34  ? 9   DT  B "C5'" 1 
ATOM   167  C "C4'" . DT  A 1 9   ? 8.234   -19.289 5.145   1.00 52.01  ? 9   DT  B "C4'" 1 
ATOM   168  O "O4'" . DT  A 1 9   ? 7.246   -19.722 6.110   1.00 48.42  ? 9   DT  B "O4'" 1 
ATOM   169  C "C3'" . DT  A 1 9   ? 8.960   -18.091 5.779   1.00 48.04  ? 9   DT  B "C3'" 1 
ATOM   170  O "O3'" . DT  A 1 9   ? 8.584   -16.952 4.994   1.00 42.29  ? 9   DT  B "O3'" 1 
ATOM   171  C "C2'" . DT  A 1 9   ? 8.475   -18.090 7.223   1.00 47.53  ? 9   DT  B "C2'" 1 
ATOM   172  C "C1'" . DT  A 1 9   ? 7.094   -18.715 7.086   1.00 47.56  ? 9   DT  B "C1'" 1 
ATOM   173  N N1    . DT  A 1 9   ? 6.535   -19.350 8.283   1.00 47.52  ? 9   DT  B N1    1 
ATOM   174  C C2    . DT  A 1 9   ? 5.359   -18.856 8.805   1.00 42.46  ? 9   DT  B C2    1 
ATOM   175  O O2    . DT  A 1 9   ? 4.785   -17.883 8.355   1.00 42.11  ? 9   DT  B O2    1 
ATOM   176  N N3    . DT  A 1 9   ? 4.887   -19.534 9.897   1.00 46.11  ? 9   DT  B N3    1 
ATOM   177  C C4    . DT  A 1 9   ? 5.450   -20.642 10.500  1.00 48.50  ? 9   DT  B C4    1 
ATOM   178  O O4    . DT  A 1 9   ? 4.907   -21.140 11.479  1.00 50.67  ? 9   DT  B O4    1 
ATOM   179  C C5    . DT  A 1 9   ? 6.675   -21.122 9.892   1.00 52.20  ? 9   DT  B C5    1 
ATOM   180  C C7    . DT  A 1 9   ? 7.366   -22.308 10.487  1.00 50.22  ? 9   DT  B C7    1 
ATOM   181  C C6    . DT  A 1 9   ? 7.146   -20.463 8.822   1.00 50.72  ? 9   DT  B C6    1 
ATOM   182  P P     . DT  A 1 10  ? 9.093   -15.488 5.340   1.00 41.44  ? 10  DT  B P     1 
ATOM   183  O OP1   . DT  A 1 10  ? 9.108   -14.715 4.092   1.00 48.39  ? 10  DT  B OP1   1 
ATOM   184  O OP2   . DT  A 1 10  ? 10.274  -15.568 6.225   1.00 41.90  ? 10  DT  B OP2   1 
ATOM   185  O "O5'" . DT  A 1 10  ? 7.915   -14.895 6.221   1.00 42.17  ? 10  DT  B "O5'" 1 
ATOM   186  C "C5'" . DT  A 1 10  ? 6.595   -14.781 5.666   1.00 38.82  ? 10  DT  B "C5'" 1 
ATOM   187  C "C4'" . DT  A 1 10  ? 5.718   -13.975 6.595   1.00 37.01  ? 10  DT  B "C4'" 1 
ATOM   188  O "O4'" . DT  A 1 10  ? 5.303   -14.780 7.725   1.00 34.83  ? 10  DT  B "O4'" 1 
ATOM   189  C "C3'" . DT  A 1 10  ? 6.348   -12.720 7.190   1.00 36.78  ? 10  DT  B "C3'" 1 
ATOM   190  O "O3'" . DT  A 1 10  ? 5.251   -11.821 7.246   1.00 36.96  ? 10  DT  B "O3'" 1 
ATOM   191  C "C2'" . DT  A 1 10  ? 6.744   -13.152 8.593   1.00 36.12  ? 10  DT  B "C2'" 1 
ATOM   192  C "C1'" . DT  A 1 10  ? 5.623   -14.129 8.939   1.00 39.31  ? 10  DT  B "C1'" 1 
ATOM   193  N N1    . DT  A 1 10  ? 5.916   -15.185 9.961   1.00 38.96  ? 10  DT  B N1    1 
ATOM   194  C C2    . DT  A 1 10  ? 4.946   -15.483 10.894  1.00 37.49  ? 10  DT  B C2    1 
ATOM   195  O O2    . DT  A 1 10  ? 3.875   -14.901 10.954  1.00 40.13  ? 10  DT  B O2    1 
ATOM   196  N N3    . DT  A 1 10  ? 5.306   -16.442 11.807  1.00 40.26  ? 10  DT  B N3    1 
ATOM   197  C C4    . DT  A 1 10  ? 6.497   -17.143 11.855  1.00 42.73  ? 10  DT  B C4    1 
ATOM   198  O O4    . DT  A 1 10  ? 6.662   -18.009 12.710  1.00 48.03  ? 10  DT  B O4    1 
ATOM   199  C C5    . DT  A 1 10  ? 7.463   -16.789 10.840  1.00 43.37  ? 10  DT  B C5    1 
ATOM   200  C C7    . DT  A 1 10  ? 8.793   -17.477 10.824  1.00 43.32  ? 10  DT  B C7    1 
ATOM   201  C C6    . DT  A 1 10  ? 7.126   -15.844 9.953   1.00 40.56  ? 10  DT  B C6    1 
ATOM   202  P P     . DA  A 1 11  ? 5.421   -10.274 7.037   1.00 34.52  ? 11  DA  B P     1 
ATOM   203  O OP1   . DA  A 1 11  ? 5.130   -9.978  5.613   1.00 38.55  ? 11  DA  B OP1   1 
ATOM   204  O OP2   . DA  A 1 11  ? 6.690   -9.813  7.643   1.00 33.88  ? 11  DA  B OP2   1 
ATOM   205  O "O5'" . DA  A 1 11  ? 4.251   -9.761  7.972   1.00 36.59  ? 11  DA  B "O5'" 1 
ATOM   206  C "C5'" . DA  A 1 11  ? 2.943   -10.273 7.790   1.00 35.61  ? 11  DA  B "C5'" 1 
ATOM   207  C "C4'" . DA  A 1 11  ? 2.081   -9.888  8.961   1.00 38.85  ? 11  DA  B "C4'" 1 
ATOM   208  O "O4'" . DA  A 1 11  ? 2.475   -10.696 10.083  1.00 39.30  ? 11  DA  B "O4'" 1 
ATOM   209  C "C3'" . DA  A 1 11  ? 2.199   -8.443  9.427   1.00 37.53  ? 11  DA  B "C3'" 1 
ATOM   210  O "O3'" . DA  A 1 11  ? 0.860   -8.065  9.779   1.00 35.53  ? 11  DA  B "O3'" 1 
ATOM   211  C "C2'" . DA  A 1 11  ? 3.246   -8.510  10.534  1.00 41.22  ? 11  DA  B "C2'" 1 
ATOM   212  C "C1'" . DA  A 1 11  ? 3.083   -9.920  11.106  1.00 41.63  ? 11  DA  B "C1'" 1 
ATOM   213  N N9    . DA  A 1 11  ? 4.294   -10.632 11.519  1.00 43.52  ? 11  DA  B N9    1 
ATOM   214  C C8    . DA  A 1 11  ? 5.546   -10.579 10.952  1.00 49.47  ? 11  DA  B C8    1 
ATOM   215  N N7    . DA  A 1 11  ? 6.410   -11.403 11.497  1.00 43.01  ? 11  DA  B N7    1 
ATOM   216  C C5    . DA  A 1 11  ? 5.658   -12.097 12.435  1.00 40.94  ? 11  DA  B C5    1 
ATOM   217  C C6    . DA  A 1 11  ? 5.990   -13.115 13.348  1.00 44.38  ? 11  DA  B C6    1 
ATOM   218  N N6    . DA  A 1 11  ? 7.209   -13.656 13.441  1.00 44.48  ? 11  DA  B N6    1 
ATOM   219  N N1    . DA  A 1 11  ? 5.016   -13.566 14.171  1.00 40.72  ? 11  DA  B N1    1 
ATOM   220  C C2    . DA  A 1 11  ? 3.788   -13.038 14.059  1.00 41.05  ? 11  DA  B C2    1 
ATOM   221  N N3    . DA  A 1 11  ? 3.353   -12.081 13.239  1.00 44.51  ? 11  DA  B N3    1 
ATOM   222  C C4    . DA  A 1 11  ? 4.350   -11.641 12.450  1.00 41.67  ? 11  DA  B C4    1 
ATOM   223  P P     . DA  A 1 12  ? 0.548   -6.603  10.293  1.00 37.31  ? 12  DA  B P     1 
ATOM   224  O OP1   . DA  A 1 12  ? -0.884  -6.312  10.044  1.00 32.77  ? 12  DA  B OP1   1 
ATOM   225  O OP2   . DA  A 1 12  ? 1.592   -5.703  9.755   1.00 39.61  ? 12  DA  B OP2   1 
ATOM   226  O "O5'" . DA  A 1 12  ? 0.781   -6.752  11.864  1.00 39.75  ? 12  DA  B "O5'" 1 
ATOM   227  C "C5'" . DA  A 1 12  ? -0.128  -7.509  12.711  1.00 38.25  ? 12  DA  B "C5'" 1 
ATOM   228  C "C4'" . DA  A 1 12  ? 0.457   -7.700  14.092  1.00 36.80  ? 12  DA  B "C4'" 1 
ATOM   229  O "O4'" . DA  A 1 12  ? 1.733   -8.375  13.979  1.00 37.07  ? 12  DA  B "O4'" 1 
ATOM   230  C "C3'" . DA  A 1 12  ? 0.745   -6.408  14.870  1.00 39.05  ? 12  DA  B "C3'" 1 
ATOM   231  O "O3'" . DA  A 1 12  ? 0.237   -6.480  16.197  1.00 48.79  ? 12  DA  B "O3'" 1 
ATOM   232  C "C2'" . DA  A 1 12  ? 2.261   -6.338  14.908  1.00 38.34  ? 12  DA  B "C2'" 1 
ATOM   233  C "C1'" . DA  A 1 12  ? 2.584   -7.799  14.952  1.00 37.39  ? 12  DA  B "C1'" 1 
ATOM   234  N N9    . DA  A 1 12  ? 3.947   -8.212  14.652  1.00 38.44  ? 12  DA  B N9    1 
ATOM   235  C C8    . DA  A 1 12  ? 4.835   -7.747  13.718  1.00 39.36  ? 12  DA  B C8    1 
ATOM   236  N N7    . DA  A 1 12  ? 5.976   -8.396  13.706  1.00 44.48  ? 12  DA  B N7    1 
ATOM   237  C C5    . DA  A 1 12  ? 5.826   -9.354  14.699  1.00 38.92  ? 12  DA  B C5    1 
ATOM   238  C C6    . DA  A 1 12  ? 6.675   -10.368 15.179  1.00 38.56  ? 12  DA  B C6    1 
ATOM   239  N N6    . DA  A 1 12  ? 7.904   -10.591 14.711  1.00 37.44  ? 12  DA  B N6    1 
ATOM   240  N N1    . DA  A 1 12  ? 6.214   -11.151 16.176  1.00 41.35  ? 12  DA  B N1    1 
ATOM   241  C C2    . DA  A 1 12  ? 4.981   -10.928 16.651  1.00 38.89  ? 12  DA  B C2    1 
ATOM   242  N N3    . DA  A 1 12  ? 4.087   -10.025 16.273  1.00 39.63  ? 12  DA  B N3    1 
ATOM   243  C C4    . DA  A 1 12  ? 4.571   -9.269  15.270  1.00 40.14  ? 12  DA  B C4    1 
ATOM   244  P P     . DG  A 1 13  ? -0.442  -5.172  16.914  1.00 61.01  ? 13  DG  B P     1 
ATOM   245  O OP1   . DG  A 1 13  ? -1.801  -5.008  16.358  1.00 47.05  ? 13  DG  B OP1   1 
ATOM   246  O OP2   . DG  A 1 13  ? 0.531   -4.052  16.830  1.00 54.16  ? 13  DG  B OP2   1 
ATOM   247  O "O5'" . DG  A 1 13  ? -0.491  -5.583  18.464  1.00 65.70  ? 13  DG  B "O5'" 1 
ATOM   248  C "C5'" . DG  A 1 13  ? -0.967  -6.865  18.947  1.00 59.44  ? 13  DG  B "C5'" 1 
ATOM   249  C "C4'" . DG  A 1 13  ? -0.118  -7.362  20.096  1.00 61.42  ? 13  DG  B "C4'" 1 
ATOM   250  O "O4'" . DG  A 1 13  ? 1.067   -8.002  19.581  1.00 61.85  ? 13  DG  B "O4'" 1 
ATOM   251  C "C3'" . DG  A 1 13  ? 0.365   -6.307  21.097  1.00 67.67  ? 13  DG  B "C3'" 1 
ATOM   252  O "O3'" . DG  A 1 13  ? -0.039  -6.656  22.424  1.00 85.68  ? 13  DG  B "O3'" 1 
ATOM   253  C "C2'" . DG  A 1 13  ? 1.882   -6.370  21.030  1.00 64.20  ? 13  DG  B "C2'" 1 
ATOM   254  C "C1'" . DG  A 1 13  ? 2.176   -7.713  20.416  1.00 58.94  ? 13  DG  B "C1'" 1 
ATOM   255  N N9    . DG  A 1 13  ? 3.365   -7.727  19.576  1.00 59.73  ? 13  DG  B N9    1 
ATOM   256  C C8    . DG  A 1 13  ? 3.529   -7.051  18.389  1.00 56.64  ? 13  DG  B C8    1 
ATOM   257  N N7    . DG  A 1 13  ? 4.689   -7.270  17.830  1.00 53.64  ? 13  DG  B N7    1 
ATOM   258  C C5    . DG  A 1 13  ? 5.331   -8.143  18.698  1.00 53.95  ? 13  DG  B C5    1 
ATOM   259  C C6    . DG  A 1 13  ? 6.620   -8.738  18.619  1.00 59.53  ? 13  DG  B C6    1 
ATOM   260  O O6    . DG  A 1 13  ? 7.483   -8.603  17.743  1.00 58.51  ? 13  DG  B O6    1 
ATOM   261  N N1    . DG  A 1 13  ? 6.869   -9.564  19.713  1.00 61.87  ? 13  DG  B N1    1 
ATOM   262  C C2    . DG  A 1 13  ? 5.994   -9.790  20.748  1.00 60.27  ? 13  DG  B C2    1 
ATOM   263  N N2    . DG  A 1 13  ? 6.418   -10.622 21.710  1.00 59.69  ? 13  DG  B N2    1 
ATOM   264  N N3    . DG  A 1 13  ? 4.791   -9.243  20.833  1.00 53.71  ? 13  DG  B N3    1 
ATOM   265  C C4    . DG  A 1 13  ? 4.525   -8.441  19.779  1.00 57.56  ? 13  DG  B C4    1 
ATOM   266  P P     . DT  A 1 14  ? -0.295  -5.535  23.537  1.00 89.82  ? 14  DT  B P     1 
ATOM   267  O OP1   . DT  A 1 14  ? -1.755  -5.534  23.826  1.00 77.81  ? 14  DT  B OP1   1 
ATOM   268  O OP2   . DT  A 1 14  ? 0.359   -4.261  23.116  1.00 84.92  ? 14  DT  B OP2   1 
ATOM   269  O "O5'" . DT  A 1 14  ? 0.595   -6.061  24.753  1.00 86.73  ? 14  DT  B "O5'" 1 
ATOM   270  C "C5'" . DT  A 1 14  ? 1.203   -7.374  24.749  1.00 80.20  ? 14  DT  B "C5'" 1 
ATOM   271  C "C4'" . DT  A 1 14  ? 2.653   -7.364  25.195  1.00 81.54  ? 14  DT  B "C4'" 1 
ATOM   272  O "O4'" . DT  A 1 14  ? 3.501   -7.400  24.028  1.00 76.80  ? 14  DT  B "O4'" 1 
ATOM   273  C "C3'" . DT  A 1 14  ? 3.185   -6.213  26.076  1.00 91.37  ? 14  DT  B "C3'" 1 
ATOM   274  O "O3'" . DT  A 1 14  ? 3.913   -6.734  27.209  1.00 94.23  ? 14  DT  B "O3'" 1 
ATOM   275  C "C2'" . DT  A 1 14  ? 4.168   -5.485  25.166  1.00 86.11  ? 14  DT  B "C2'" 1 
ATOM   276  C "C1'" . DT  A 1 14  ? 4.657   -6.614  24.274  1.00 75.83  ? 14  DT  B "C1'" 1 
ATOM   277  N N1    . DT  A 1 14  ? 5.227   -6.204  22.960  1.00 70.52  ? 14  DT  B N1    1 
ATOM   278  C C2    . DT  A 1 14  ? 6.433   -6.744  22.552  1.00 65.72  ? 14  DT  B C2    1 
ATOM   279  O O2    . DT  A 1 14  ? 7.071   -7.540  23.218  1.00 61.65  ? 14  DT  B O2    1 
ATOM   280  N N3    . DT  A 1 14  ? 6.864   -6.317  21.319  1.00 67.95  ? 14  DT  B N3    1 
ATOM   281  C C4    . DT  A 1 14  ? 6.240   -5.411  20.482  1.00 65.38  ? 14  DT  B C4    1 
ATOM   282  O O4    . DT  A 1 14  ? 6.758   -5.119  19.408  1.00 70.43  ? 14  DT  B O4    1 
ATOM   283  C C5    . DT  A 1 14  ? 4.979   -4.881  20.973  1.00 63.13  ? 14  DT  B C5    1 
ATOM   284  C C7    . DT  A 1 14  ? 4.241   -3.873  20.149  1.00 57.57  ? 14  DT  B C7    1 
ATOM   285  C C6    . DT  A 1 14  ? 4.548   -5.296  22.173  1.00 66.76  ? 14  DT  B C6    1 
ATOM   286  P P     . DA  A 1 15  ? 4.387   -5.795  28.465  1.00 84.49  ? 15  DA  B P     1 
ATOM   287  O OP1   . DA  A 1 15  ? 4.139   -6.573  29.703  1.00 91.40  ? 15  DA  B OP1   1 
ATOM   288  O OP2   . DA  A 1 15  ? 3.756   -4.457  28.341  1.00 81.26  ? 15  DA  B OP2   1 
ATOM   289  O "O5'" . DA  A 1 15  ? 5.976   -5.739  28.290  1.00 80.08  ? 15  DA  B "O5'" 1 
ATOM   290  C "C5'" . DA  A 1 15  ? 6.653   -6.984  28.032  1.00 83.19  ? 15  DA  B "C5'" 1 
ATOM   291  C "C4'" . DA  A 1 15  ? 8.161   -6.894  28.118  1.00 93.66  ? 15  DA  B "C4'" 1 
ATOM   292  O "O4'" . DA  A 1 15  ? 8.694   -6.768  26.780  1.00 94.65  ? 15  DA  B "O4'" 1 
ATOM   293  C "C3'" . DA  A 1 15  ? 8.782   -5.764  28.949  1.00 102.70 ? 15  DA  B "C3'" 1 
ATOM   294  O "O3'" . DA  A 1 15  ? 9.904   -6.270  29.700  1.00 111.06 ? 15  DA  B "O3'" 1 
ATOM   295  C "C2'" . DA  A 1 15  ? 9.188   -4.744  27.902  1.00 95.59  ? 15  DA  B "C2'" 1 
ATOM   296  C "C1'" . DA  A 1 15  ? 9.453   -5.577  26.649  1.00 91.36  ? 15  DA  B "C1'" 1 
ATOM   297  N N9    . DA  A 1 15  ? 9.048   -4.914  25.405  1.00 80.86  ? 15  DA  B N9    1 
ATOM   298  C C8    . DA  A 1 15  ? 7.872   -4.242  25.170  1.00 76.93  ? 15  DA  B C8    1 
ATOM   299  N N7    . DA  A 1 15  ? 7.800   -3.708  23.975  1.00 67.34  ? 15  DA  B N7    1 
ATOM   300  C C5    . DA  A 1 15  ? 9.000   -4.066  23.376  1.00 62.91  ? 15  DA  B C5    1 
ATOM   301  C C6    . DA  A 1 15  ? 9.542   -3.795  22.105  1.00 61.32  ? 15  DA  B C6    1 
ATOM   302  N N6    . DA  A 1 15  ? 8.903   -3.099  21.161  1.00 55.27  ? 15  DA  B N6    1 
ATOM   303  N N1    . DA  A 1 15  ? 10.770  -4.291  21.824  1.00 62.77  ? 15  DA  B N1    1 
ATOM   304  C C2    . DA  A 1 15  ? 11.408  -4.996  22.770  1.00 68.49  ? 15  DA  B C2    1 
ATOM   305  N N3    . DA  A 1 15  ? 11.002  -5.312  24.001  1.00 68.75  ? 15  DA  B N3    1 
ATOM   306  C C4    . DA  A 1 15  ? 9.778   -4.809  24.245  1.00 65.00  ? 15  DA  B C4    1 
ATOM   307  P P     . DT  A 1 16  ? 10.766  -5.314  30.687  1.00 113.44 ? 16  DT  B P     1 
ATOM   308  O OP1   . DT  A 1 16  ? 11.419  -6.172  31.713  1.00 120.99 ? 16  DT  B OP1   1 
ATOM   309  O OP2   . DT  A 1 16  ? 9.907   -4.165  31.107  1.00 98.52  ? 16  DT  B OP2   1 
ATOM   310  O "O5'" . DT  A 1 16  ? 11.960  -4.823  29.755  1.00 101.23 ? 16  DT  B "O5'" 1 
ATOM   311  C "C5'" . DT  A 1 16  ? 12.774  -5.753  29.007  1.00 89.39  ? 16  DT  B "C5'" 1 
ATOM   312  C "C4'" . DT  A 1 16  ? 13.640  -5.007  28.014  1.00 86.06  ? 16  DT  B "C4'" 1 
ATOM   313  O "O4'" . DT  A 1 16  ? 12.837  -4.439  26.948  1.00 86.98  ? 16  DT  B "O4'" 1 
ATOM   314  C "C3'" . DT  A 1 16  ? 14.448  -3.845  28.603  1.00 76.46  ? 16  DT  B "C3'" 1 
ATOM   315  O "O3'" . DT  A 1 16  ? 15.812  -4.073  28.245  1.00 68.48  ? 16  DT  B "O3'" 1 
ATOM   316  C "C2'" . DT  A 1 16  ? 13.843  -2.598  27.964  1.00 79.47  ? 16  DT  B "C2'" 1 
ATOM   317  C "C1'" . DT  A 1 16  ? 13.346  -3.148  26.639  1.00 76.87  ? 16  DT  B "C1'" 1 
ATOM   318  N N1    . DT  A 1 16  ? 12.288  -2.398  25.905  1.00 65.95  ? 16  DT  B N1    1 
ATOM   319  C C2    . DT  A 1 16  ? 12.524  -2.173  24.569  1.00 55.96  ? 16  DT  B C2    1 
ATOM   320  O O2    . DT  A 1 16  ? 13.554  -2.516  24.010  1.00 47.15  ? 16  DT  B O2    1 
ATOM   321  N N3    . DT  A 1 16  ? 11.509  -1.517  23.909  1.00 50.03  ? 16  DT  B N3    1 
ATOM   322  C C4    . DT  A 1 16  ? 10.304  -1.089  24.442  1.00 58.15  ? 16  DT  B C4    1 
ATOM   323  O O4    . DT  A 1 16  ? 9.484   -0.509  23.728  1.00 54.64  ? 16  DT  B O4    1 
ATOM   324  C C5    . DT  A 1 16  ? 10.117  -1.373  25.847  1.00 57.39  ? 16  DT  B C5    1 
ATOM   325  C C7    . DT  A 1 16  ? 8.850   -0.934  26.511  1.00 58.23  ? 16  DT  B C7    1 
ATOM   326  C C6    . DT  A 1 16  ? 11.101  -2.013  26.498  1.00 62.72  ? 16  DT  B C6    1 
ATOM   327  O "O5'" . DA  B 2 1   ? 11.520  6.430   16.465  1.00 51.66  ? 1   DA  C "O5'" 1 
ATOM   328  C "C5'" . DA  B 2 1   ? 12.843  7.004   16.371  1.00 50.04  ? 1   DA  C "C5'" 1 
ATOM   329  C "C4'" . DA  B 2 1   ? 13.916  5.957   16.574  1.00 51.96  ? 1   DA  C "C4'" 1 
ATOM   330  O "O4'" . DA  B 2 1   ? 13.896  5.451   17.934  1.00 51.61  ? 1   DA  C "O4'" 1 
ATOM   331  C "C3'" . DA  B 2 1   ? 13.865  4.734   15.642  1.00 50.80  ? 1   DA  C "C3'" 1 
ATOM   332  O "O3'" . DA  B 2 1   ? 15.192  4.610   15.100  1.00 45.55  ? 1   DA  C "O3'" 1 
ATOM   333  C "C2'" . DA  B 2 1   ? 13.398  3.600   16.546  1.00 52.05  ? 1   DA  C "C2'" 1 
ATOM   334  C "C1'" . DA  B 2 1   ? 13.900  4.028   17.929  1.00 53.46  ? 1   DA  C "C1'" 1 
ATOM   335  N N9    . DA  B 2 1   ? 13.122  3.578   19.086  1.00 51.79  ? 1   DA  C N9    1 
ATOM   336  C C8    . DA  B 2 1   ? 13.606  2.974   20.222  1.00 50.39  ? 1   DA  C C8    1 
ATOM   337  N N7    . DA  B 2 1   ? 12.683  2.722   21.120  1.00 52.35  ? 1   DA  C N7    1 
ATOM   338  C C5    . DA  B 2 1   ? 11.518  3.218   20.548  1.00 51.17  ? 1   DA  C C5    1 
ATOM   339  C C6    . DA  B 2 1   ? 10.183  3.251   20.992  1.00 50.25  ? 1   DA  C C6    1 
ATOM   340  N N6    . DA  B 2 1   ? 9.782   2.754   22.163  1.00 58.50  ? 1   DA  C N6    1 
ATOM   341  N N1    . DA  B 2 1   ? 9.260   3.799   20.174  1.00 48.63  ? 1   DA  C N1    1 
ATOM   342  C C2    . DA  B 2 1   ? 9.658   4.283   18.995  1.00 48.83  ? 1   DA  C C2    1 
ATOM   343  N N3    . DA  B 2 1   ? 10.882  4.316   18.467  1.00 51.63  ? 1   DA  C N3    1 
ATOM   344  C C4    . DA  B 2 1   ? 11.773  3.744   19.295  1.00 48.16  ? 1   DA  C C4    1 
ATOM   345  P P     . DA  B 2 2   ? 15.556  3.548   13.960  1.00 48.97  ? 2   DA  C P     1 
ATOM   346  O OP1   . DA  B 2 2   ? 16.809  3.998   13.319  1.00 44.79  ? 2   DA  C OP1   1 
ATOM   347  O OP2   . DA  B 2 2   ? 14.349  3.288   13.127  1.00 50.16  ? 2   DA  C OP2   1 
ATOM   348  O "O5'" . DA  B 2 2   ? 15.805  2.190   14.774  1.00 51.62  ? 2   DA  C "O5'" 1 
ATOM   349  C "C5'" . DA  B 2 2   ? 17.029  1.919   15.496  1.00 45.58  ? 2   DA  C "C5'" 1 
ATOM   350  C "C4'" . DA  B 2 2   ? 16.982  0.526   16.083  1.00 47.31  ? 2   DA  C "C4'" 1 
ATOM   351  O "O4'" . DA  B 2 2   ? 15.997  0.453   17.141  1.00 45.63  ? 2   DA  C "O4'" 1 
ATOM   352  C "C3'" . DA  B 2 2   ? 16.596  -0.565  15.084  1.00 48.21  ? 2   DA  C "C3'" 1 
ATOM   353  O "O3'" . DA  B 2 2   ? 17.350  -1.734  15.314  1.00 50.33  ? 2   DA  C "O3'" 1 
ATOM   354  C "C2'" . DA  B 2 2   ? 15.154  -0.869  15.417  1.00 44.90  ? 2   DA  C "C2'" 1 
ATOM   355  C "C1'" . DA  B 2 2   ? 15.163  -0.670  16.910  1.00 44.29  ? 2   DA  C "C1'" 1 
ATOM   356  N N9    . DA  B 2 2   ? 13.876  -0.395  17.537  1.00 43.03  ? 2   DA  C N9    1 
ATOM   357  C C8    . DA  B 2 2   ? 12.770  0.261   17.056  1.00 45.63  ? 2   DA  C C8    1 
ATOM   358  N N7    . DA  B 2 2   ? 11.791  0.356   17.925  1.00 42.53  ? 2   DA  C N7    1 
ATOM   359  C C5    . DA  B 2 2   ? 12.292  -0.267  19.058  1.00 43.74  ? 2   DA  C C5    1 
ATOM   360  C C6    . DA  B 2 2   ? 11.733  -0.516  20.324  1.00 41.37  ? 2   DA  C C6    1 
ATOM   361  N N6    . DA  B 2 2   ? 10.513  -0.118  20.686  1.00 41.90  ? 2   DA  C N6    1 
ATOM   362  N N1    . DA  B 2 2   ? 12.499  -1.159  21.231  1.00 42.52  ? 2   DA  C N1    1 
ATOM   363  C C2    . DA  B 2 2   ? 13.735  -1.553  20.870  1.00 47.12  ? 2   DA  C C2    1 
ATOM   364  N N3    . DA  B 2 2   ? 14.359  -1.400  19.702  1.00 49.89  ? 2   DA  C N3    1 
ATOM   365  C C4    . DA  B 2 2   ? 13.576  -0.732  18.833  1.00 46.83  ? 2   DA  C C4    1 
ATOM   366  P P     . DT  B 2 3   ? 17.528  -2.760  14.155  1.00 60.29  ? 3   DT  C P     1 
ATOM   367  O OP1   . DT  B 2 3   ? 18.614  -2.257  13.289  1.00 55.90  ? 3   DT  C OP1   1 
ATOM   368  O OP2   . DT  B 2 3   ? 16.192  -3.057  13.589  1.00 54.45  ? 3   DT  C OP2   1 
ATOM   369  O "O5'" . DT  B 2 3   ? 18.078  -4.032  14.932  1.00 70.58  ? 3   DT  C "O5'" 1 
ATOM   370  C "C5'" . DT  B 2 3   ? 18.752  -3.873  16.199  1.00 68.66  ? 3   DT  C "C5'" 1 
ATOM   371  C "C4'" . DT  B 2 3   ? 17.956  -4.516  17.311  1.00 63.87  ? 3   DT  C "C4'" 1 
ATOM   372  O "O4'" . DT  B 2 3   ? 16.746  -3.797  17.606  1.00 56.52  ? 3   DT  C "O4'" 1 
ATOM   373  C "C3'" . DT  B 2 3   ? 17.467  -5.932  17.035  1.00 65.18  ? 3   DT  C "C3'" 1 
ATOM   374  O "O3'" . DT  B 2 3   ? 18.462  -6.887  17.370  1.00 76.35  ? 3   DT  C "O3'" 1 
ATOM   375  C "C2'" . DT  B 2 3   ? 16.280  -6.076  17.973  1.00 64.90  ? 3   DT  C "C2'" 1 
ATOM   376  C "C1'" . DT  B 2 3   ? 15.989  -4.660  18.432  1.00 56.95  ? 3   DT  C "C1'" 1 
ATOM   377  N N1    . DT  B 2 3   ? 14.582  -4.278  18.336  1.00 51.71  ? 3   DT  C N1    1 
ATOM   378  C C2    . DT  B 2 3   ? 13.806  -4.492  19.448  1.00 52.49  ? 3   DT  C C2    1 
ATOM   379  O O2    . DT  B 2 3   ? 14.242  -4.968  20.479  1.00 53.41  ? 3   DT  C O2    1 
ATOM   380  N N3    . DT  B 2 3   ? 12.496  -4.110  19.315  1.00 52.73  ? 3   DT  C N3    1 
ATOM   381  C C4    . DT  B 2 3   ? 11.895  -3.570  18.196  1.00 45.83  ? 3   DT  C C4    1 
ATOM   382  O O4    . DT  B 2 3   ? 10.713  -3.252  18.235  1.00 43.12  ? 3   DT  C O4    1 
ATOM   383  C C5    . DT  B 2 3   ? 12.757  -3.419  17.044  1.00 46.56  ? 3   DT  C C5    1 
ATOM   384  C C7    . DT  B 2 3   ? 12.185  -2.870  15.775  1.00 44.08  ? 3   DT  C C7    1 
ATOM   385  C C6    . DT  B 2 3   ? 14.039  -3.789  17.166  1.00 49.22  ? 3   DT  C C6    1 
ATOM   386  P P     . DA  B 2 4   ? 18.118  -8.433  17.273  1.00 84.68  ? 4   DA  C P     1 
ATOM   387  O OP1   . DA  B 2 4   ? 19.399  -9.187  17.300  1.00 82.17  ? 4   DA  C OP1   1 
ATOM   388  O OP2   . DA  B 2 4   ? 17.165  -8.610  16.157  1.00 74.82  ? 4   DA  C OP2   1 
ATOM   389  O "O5'" . DA  B 2 4   ? 17.314  -8.710  18.618  1.00 80.17  ? 4   DA  C "O5'" 1 
ATOM   390  C "C5'" . DA  B 2 4   ? 17.988  -8.859  19.869  1.00 74.60  ? 4   DA  C "C5'" 1 
ATOM   391  C "C4'" . DA  B 2 4   ? 17.067  -9.572  20.827  1.00 77.27  ? 4   DA  C "C4'" 1 
ATOM   392  O "O4'" . DA  B 2 4   ? 15.835  -8.832  20.946  1.00 69.47  ? 4   DA  C "O4'" 1 
ATOM   393  C "C3'" . DA  B 2 4   ? 16.676  -10.988 20.395  1.00 74.44  ? 4   DA  C "C3'" 1 
ATOM   394  O "O3'" . DA  B 2 4   ? 16.817  -11.855 21.522  1.00 81.32  ? 4   DA  C "O3'" 1 
ATOM   395  C "C2'" . DA  B 2 4   ? 15.236  -10.853 19.927  1.00 67.89  ? 4   DA  C "C2'" 1 
ATOM   396  C "C1'" . DA  B 2 4   ? 14.730  -9.696  20.754  1.00 70.41  ? 4   DA  C "C1'" 1 
ATOM   397  N N9    . DA  B 2 4   ? 13.695  -8.932  20.074  1.00 72.27  ? 4   DA  C N9    1 
ATOM   398  C C8    . DA  B 2 4   ? 13.755  -8.397  18.810  1.00 64.56  ? 4   DA  C C8    1 
ATOM   399  N N7    . DA  B 2 4   ? 12.679  -7.733  18.469  1.00 62.56  ? 4   DA  C N7    1 
ATOM   400  C C5    . DA  B 2 4   ? 11.853  -7.838  19.579  1.00 56.83  ? 4   DA  C C5    1 
ATOM   401  C C6    . DA  B 2 4   ? 10.562  -7.351  19.848  1.00 52.21  ? 4   DA  C C6    1 
ATOM   402  N N6    . DA  B 2 4   ? 9.851   -6.628  18.982  1.00 50.86  ? 4   DA  C N6    1 
ATOM   403  N N1    . DA  B 2 4   ? 10.026  -7.620  21.060  1.00 54.45  ? 4   DA  C N1    1 
ATOM   404  C C2    . DA  B 2 4   ? 10.744  -8.346  21.930  1.00 55.20  ? 4   DA  C C2    1 
ATOM   405  N N3    . DA  B 2 4   ? 11.965  -8.864  21.790  1.00 58.29  ? 4   DA  C N3    1 
ATOM   406  C C4    . DA  B 2 4   ? 12.470  -8.567  20.580  1.00 61.59  ? 4   DA  C C4    1 
ATOM   407  P P     . DC  B 2 5   ? 16.574  -13.420 21.369  1.00 80.46  ? 5   DC  C P     1 
ATOM   408  O OP1   . DC  B 2 5   ? 17.455  -14.111 22.340  1.00 85.55  ? 5   DC  C OP1   1 
ATOM   409  O OP2   . DC  B 2 5   ? 16.634  -13.770 19.922  1.00 75.01  ? 5   DC  C OP2   1 
ATOM   410  O "O5'" . DC  B 2 5   ? 15.072  -13.597 21.861  1.00 72.08  ? 5   DC  C "O5'" 1 
ATOM   411  C "C5'" . DC  B 2 5   ? 14.612  -13.131 23.144  1.00 68.53  ? 5   DC  C "C5'" 1 
ATOM   412  C "C4'" . DC  B 2 5   ? 13.109  -13.285 23.201  1.00 69.77  ? 5   DC  C "C4'" 1 
ATOM   413  O "O4'" . DC  B 2 5   ? 12.525  -12.338 22.285  1.00 75.63  ? 5   DC  C "O4'" 1 
ATOM   414  C "C3'" . DC  B 2 5   ? 12.563  -14.662 22.779  1.00 74.50  ? 5   DC  C "C3'" 1 
ATOM   415  O "O3'" . DC  B 2 5   ? 11.760  -15.251 23.814  1.00 70.20  ? 5   DC  C "O3'" 1 
ATOM   416  C "C2'" . DC  B 2 5   ? 11.736  -14.379 21.528  1.00 73.82  ? 5   DC  C "C2'" 1 
ATOM   417  C "C1'" . DC  B 2 5   ? 11.357  -12.934 21.743  1.00 71.67  ? 5   DC  C "C1'" 1 
ATOM   418  N N1    . DC  B 2 5   ? 10.971  -12.182 20.538  1.00 60.59  ? 5   DC  C N1    1 
ATOM   419  C C2    . DC  B 2 5   ? 9.782   -11.435 20.544  1.00 51.81  ? 5   DC  C C2    1 
ATOM   420  O O2    . DC  B 2 5   ? 9.058   -11.458 21.549  1.00 46.10  ? 5   DC  C O2    1 
ATOM   421  N N3    . DC  B 2 5   ? 9.448   -10.717 19.450  1.00 56.06  ? 5   DC  C N3    1 
ATOM   422  C C4    . DC  B 2 5   ? 10.249  -10.717 18.380  1.00 60.16  ? 5   DC  C C4    1 
ATOM   423  N N4    . DC  B 2 5   ? 9.876   -9.991  17.322  1.00 61.38  ? 5   DC  C N4    1 
ATOM   424  C C5    . DC  B 2 5   ? 11.466  -11.463 18.347  1.00 61.58  ? 5   DC  C C5    1 
ATOM   425  C C6    . DC  B 2 5   ? 11.790  -12.166 19.440  1.00 64.19  ? 5   DC  C C6    1 
ATOM   426  P P     . DT  B 2 6   ? 11.164  -16.742 23.647  1.00 72.12  ? 6   DT  C P     1 
ATOM   427  O OP1   . DT  B 2 6   ? 10.980  -17.314 25.006  1.00 84.09  ? 6   DT  C OP1   1 
ATOM   428  O OP2   . DT  B 2 6   ? 11.966  -17.487 22.630  1.00 57.72  ? 6   DT  C OP2   1 
ATOM   429  O "O5'" . DT  B 2 6   ? 9.701   -16.480 23.075  1.00 70.55  ? 6   DT  C "O5'" 1 
ATOM   430  C "C5'" . DT  B 2 6   ? 8.721   -15.753 23.852  1.00 67.83  ? 6   DT  C "C5'" 1 
ATOM   431  C "C4'" . DT  B 2 6   ? 7.492   -15.469 23.018  1.00 64.25  ? 6   DT  C "C4'" 1 
ATOM   432  O "O4'" . DT  B 2 6   ? 7.824   -14.601 21.906  1.00 68.16  ? 6   DT  C "O4'" 1 
ATOM   433  C "C3'" . DT  B 2 6   ? 6.835   -16.709 22.402  1.00 66.72  ? 6   DT  C "C3'" 1 
ATOM   434  O "O3'" . DT  B 2 6   ? 5.654   -16.997 23.163  1.00 64.33  ? 6   DT  C "O3'" 1 
ATOM   435  C "C2'" . DT  B 2 6   ? 6.555   -16.324 20.948  1.00 63.40  ? 6   DT  C "C2'" 1 
ATOM   436  C "C1'" . DT  B 2 6   ? 6.897   -14.841 20.858  1.00 57.60  ? 6   DT  C "C1'" 1 
ATOM   437  N N1    . DT  B 2 6   ? 7.522   -14.408 19.590  1.00 49.50  ? 6   DT  C N1    1 
ATOM   438  C C2    . DT  B 2 6   ? 6.870   -13.480 18.795  1.00 46.76  ? 6   DT  C C2    1 
ATOM   439  O O2    . DT  B 2 6   ? 5.788   -12.984 19.087  1.00 38.24  ? 6   DT  C O2    1 
ATOM   440  N N3    . DT  B 2 6   ? 7.546   -13.138 17.644  1.00 40.05  ? 6   DT  C N3    1 
ATOM   441  C C4    . DT  B 2 6   ? 8.777   -13.609 17.225  1.00 45.06  ? 6   DT  C C4    1 
ATOM   442  O O4    . DT  B 2 6   ? 9.267   -13.188 16.179  1.00 45.12  ? 6   DT  C O4    1 
ATOM   443  C C5    . DT  B 2 6   ? 9.398   -14.589 18.105  1.00 46.74  ? 6   DT  C C5    1 
ATOM   444  C C7    . DT  B 2 6   ? 10.728  -15.169 17.736  1.00 47.47  ? 6   DT  C C7    1 
ATOM   445  C C6    . DT  B 2 6   ? 8.749   -14.926 19.227  1.00 46.38  ? 6   DT  C C6    1 
ATOM   446  P P     . DT  B 2 7   ? 4.927   -18.407 23.032  1.00 71.95  ? 7   DT  C P     1 
ATOM   447  O OP1   . DT  B 2 7   ? 4.122   -18.614 24.272  1.00 75.09  ? 7   DT  C OP1   1 
ATOM   448  O OP2   . DT  B 2 7   ? 5.916   -19.430 22.535  1.00 53.15  ? 7   DT  C OP2   1 
ATOM   449  O "O5'" . DT  B 2 7   ? 3.890   -18.205 21.843  1.00 71.12  ? 7   DT  C "O5'" 1 
ATOM   450  C "C5'" . DT  B 2 7   ? 2.743   -17.339 21.950  1.00 70.99  ? 7   DT  C "C5'" 1 
ATOM   451  C "C4'" . DT  B 2 7   ? 2.088   -17.201 20.592  1.00 65.66  ? 7   DT  C "C4'" 1 
ATOM   452  O "O4'" . DT  B 2 7   ? 3.006   -16.582 19.649  1.00 57.24  ? 7   DT  C "O4'" 1 
ATOM   453  C "C3'" . DT  B 2 7   ? 1.679   -18.536 19.956  1.00 62.76  ? 7   DT  C "C3'" 1 
ATOM   454  O "O3'" . DT  B 2 7   ? 0.396   -18.365 19.349  1.00 63.47  ? 7   DT  C "O3'" 1 
ATOM   455  C "C2'" . DT  B 2 7   ? 2.770   -18.786 18.925  1.00 58.61  ? 7   DT  C "C2'" 1 
ATOM   456  C "C1'" . DT  B 2 7   ? 2.999   -17.357 18.463  1.00 54.84  ? 7   DT  C "C1'" 1 
ATOM   457  N N1    . DT  B 2 7   ? 4.217   -17.042 17.693  1.00 53.51  ? 7   DT  C N1    1 
ATOM   458  C C2    . DT  B 2 7   ? 4.156   -15.956 16.840  1.00 48.96  ? 7   DT  C C2    1 
ATOM   459  O O2    . DT  B 2 7   ? 3.170   -15.247 16.733  1.00 40.71  ? 7   DT  C O2    1 
ATOM   460  N N3    . DT  B 2 7   ? 5.305   -15.718 16.134  1.00 44.16  ? 7   DT  C N3    1 
ATOM   461  C C4    . DT  B 2 7   ? 6.480   -16.442 16.182  1.00 50.79  ? 7   DT  C C4    1 
ATOM   462  O O4    . DT  B 2 7   ? 7.435   -16.103 15.486  1.00 48.94  ? 7   DT  C O4    1 
ATOM   463  C C5    . DT  B 2 7   ? 6.472   -17.574 17.088  1.00 54.08  ? 7   DT  C C5    1 
ATOM   464  C C7    . DT  B 2 7   ? 7.707   -18.414 17.214  1.00 54.16  ? 7   DT  C C7    1 
ATOM   465  C C6    . DT  B 2 7   ? 5.355   -17.813 17.788  1.00 49.39  ? 7   DT  C C6    1 
ATOM   466  P P     . DA  B 2 8   ? -0.828  -19.253 19.817  1.00 68.13  ? 8   DA  C P     1 
ATOM   467  O OP1   . DA  B 2 8   ? -1.048  -18.953 21.254  1.00 71.16  ? 8   DA  C OP1   1 
ATOM   468  O OP2   . DA  B 2 8   ? -0.579  -20.639 19.337  1.00 57.73  ? 8   DA  C OP2   1 
ATOM   469  O "O5'" . DA  B 2 8   ? -2.084  -18.602 19.081  1.00 58.85  ? 8   DA  C "O5'" 1 
ATOM   470  C "C5'" . DA  B 2 8   ? -2.430  -17.226 19.326  1.00 56.10  ? 8   DA  C "C5'" 1 
ATOM   471  C "C4'" . DA  B 2 8   ? -2.657  -16.506 18.014  1.00 55.91  ? 8   DA  C "C4'" 1 
ATOM   472  O "O4'" . DA  B 2 8   ? -1.440  -16.419 17.238  1.00 50.19  ? 8   DA  C "O4'" 1 
ATOM   473  C "C3'" . DA  B 2 8   ? -3.681  -17.156 17.091  1.00 53.32  ? 8   DA  C "C3'" 1 
ATOM   474  O "O3'" . DA  B 2 8   ? -4.408  -16.073 16.527  1.00 53.56  ? 8   DA  C "O3'" 1 
ATOM   475  C "C2'" . DA  B 2 8   ? -2.827  -17.939 16.110  1.00 51.42  ? 8   DA  C "C2'" 1 
ATOM   476  C "C1'" . DA  B 2 8   ? -1.575  -17.088 16.001  1.00 48.70  ? 8   DA  C "C1'" 1 
ATOM   477  N N9    . DA  B 2 8   ? -0.319  -17.797 15.757  1.00 51.34  ? 8   DA  C N9    1 
ATOM   478  C C8    . DA  B 2 8   ? 0.091   -19.013 16.243  1.00 54.93  ? 8   DA  C C8    1 
ATOM   479  N N7    . DA  B 2 8   ? 1.303   -19.352 15.868  1.00 50.65  ? 8   DA  C N7    1 
ATOM   480  C C5    . DA  B 2 8   ? 1.725   -18.279 15.097  1.00 48.08  ? 8   DA  C C5    1 
ATOM   481  C C6    . DA  B 2 8   ? 2.918   -18.028 14.395  1.00 51.30  ? 8   DA  C C6    1 
ATOM   482  N N6    . DA  B 2 8   ? 3.952   -18.869 14.366  1.00 56.51  ? 8   DA  C N6    1 
ATOM   483  N N1    . DA  B 2 8   ? 3.014   -16.866 13.713  1.00 50.68  ? 8   DA  C N1    1 
ATOM   484  C C2    . DA  B 2 8   ? 1.979   -16.019 13.743  1.00 51.26  ? 8   DA  C C2    1 
ATOM   485  N N3    . DA  B 2 8   ? 0.805   -16.143 14.363  1.00 56.57  ? 8   DA  C N3    1 
ATOM   486  C C4    . DA  B 2 8   ? 0.742   -17.307 15.034  1.00 54.08  ? 8   DA  C C4    1 
ATOM   487  P P     . DA  B 2 9   ? -5.649  -16.336 15.604  1.00 57.72  ? 9   DA  C P     1 
ATOM   488  O OP1   . DA  B 2 9   ? -6.641  -15.233 15.779  1.00 49.05  ? 9   DA  C OP1   1 
ATOM   489  O OP2   . DA  B 2 9   ? -6.020  -17.764 15.721  1.00 62.66  ? 9   DA  C OP2   1 
ATOM   490  O "O5'" . DA  B 2 9   ? -5.054  -16.122 14.157  1.00 62.06  ? 9   DA  C "O5'" 1 
ATOM   491  C "C5'" . DA  B 2 9   ? -4.404  -14.901 13.787  1.00 54.77  ? 9   DA  C "C5'" 1 
ATOM   492  C "C4'" . DA  B 2 9   ? -3.682  -15.139 12.487  1.00 52.10  ? 9   DA  C "C4'" 1 
ATOM   493  O "O4'" . DA  B 2 9   ? -2.525  -15.977 12.731  1.00 46.57  ? 9   DA  C "O4'" 1 
ATOM   494  C "C3'" . DA  B 2 9   ? -4.532  -15.889 11.448  1.00 57.18  ? 9   DA  C "C3'" 1 
ATOM   495  O "O3'" . DA  B 2 9   ? -4.469  -15.188 10.200  1.00 61.88  ? 9   DA  C "O3'" 1 
ATOM   496  C "C2'" . DA  B 2 9   ? -3.894  -17.269 11.397  1.00 52.07  ? 9   DA  C "C2'" 1 
ATOM   497  C "C1'" . DA  B 2 9   ? -2.456  -16.890 11.651  1.00 50.93  ? 9   DA  C "C1'" 1 
ATOM   498  N N9    . DA  B 2 9   ? -1.543  -17.971 12.010  1.00 50.02  ? 9   DA  C N9    1 
ATOM   499  C C8    . DA  B 2 9   ? -1.783  -19.081 12.781  1.00 54.01  ? 9   DA  C C8    1 
ATOM   500  N N7    . DA  B 2 9   ? -0.745  -19.878 12.897  1.00 52.66  ? 9   DA  C N7    1 
ATOM   501  C C5    . DA  B 2 9   ? 0.236   -19.258 12.138  1.00 46.96  ? 9   DA  C C5    1 
ATOM   502  C C6    . DA  B 2 9   ? 1.571   -19.597 11.858  1.00 49.16  ? 9   DA  C C6    1 
ATOM   503  N N6    . DA  B 2 9   ? 2.173   -20.692 12.323  1.00 44.98  ? 9   DA  C N6    1 
ATOM   504  N N1    . DA  B 2 9   ? 2.277   -18.763 11.059  1.00 52.33  ? 9   DA  C N1    1 
ATOM   505  C C2    . DA  B 2 9   ? 1.677   -17.661 10.591  1.00 50.08  ? 9   DA  C C2    1 
ATOM   506  N N3    . DA  B 2 9   ? 0.429   -17.239 10.781  1.00 49.71  ? 9   DA  C N3    1 
ATOM   507  C C4    . DA  B 2 9   ? -0.245  -18.090 11.575  1.00 48.81  ? 9   DA  C C4    1 
ATOM   508  P P     . DC  B 2 10  ? -5.500  -15.515 9.024   1.00 60.14  ? 10  DC  C P     1 
ATOM   509  O OP1   . DC  B 2 10  ? -6.449  -14.397 8.930   1.00 56.45  ? 10  DC  C OP1   1 
ATOM   510  O OP2   . DC  B 2 10  ? -5.975  -16.929 9.129   1.00 61.46  ? 10  DC  C OP2   1 
ATOM   511  O "O5'" . DC  B 2 10  ? -4.541  -15.566 7.758   1.00 59.91  ? 10  DC  C "O5'" 1 
ATOM   512  C "C5'" . DC  B 2 10  ? -3.687  -14.474 7.446   1.00 46.32  ? 10  DC  C "C5'" 1 
ATOM   513  C "C4'" . DC  B 2 10  ? -2.350  -14.993 6.985   1.00 41.92  ? 10  DC  C "C4'" 1 
ATOM   514  O "O4'" . DC  B 2 10  ? -1.814  -15.920 7.941   1.00 40.71  ? 10  DC  C "O4'" 1 
ATOM   515  C "C3'" . DC  B 2 10  ? -2.331  -15.747 5.661   1.00 39.80  ? 10  DC  C "C3'" 1 
ATOM   516  O "O3'" . DC  B 2 10  ? -2.249  -14.814 4.574   1.00 32.80  ? 10  DC  C "O3'" 1 
ATOM   517  C "C2'" . DC  B 2 10  ? -1.064  -16.577 5.780   1.00 39.74  ? 10  DC  C "C2'" 1 
ATOM   518  C "C1'" . DC  B 2 10  ? -0.811  -16.690 7.294   1.00 41.74  ? 10  DC  C "C1'" 1 
ATOM   519  N N1    . DC  B 2 10  ? -0.833  -18.043 7.886   1.00 44.85  ? 10  DC  C N1    1 
ATOM   520  C C2    . DC  B 2 10  ? 0.316   -18.842 7.796   1.00 47.02  ? 10  DC  C C2    1 
ATOM   521  O O2    . DC  B 2 10  ? 1.317   -18.399 7.209   1.00 39.08  ? 10  DC  C O2    1 
ATOM   522  N N3    . DC  B 2 10  ? 0.306   -20.078 8.354   1.00 47.37  ? 10  DC  C N3    1 
ATOM   523  C C4    . DC  B 2 10  ? -0.791  -20.521 8.976   1.00 44.30  ? 10  DC  C C4    1 
ATOM   524  N N4    . DC  B 2 10  ? -0.754  -21.737 9.515   1.00 45.68  ? 10  DC  C N4    1 
ATOM   525  C C5    . DC  B 2 10  ? -1.979  -19.736 9.065   1.00 43.66  ? 10  DC  C C5    1 
ATOM   526  C C6    . DC  B 2 10  ? -1.959  -18.521 8.505   1.00 43.42  ? 10  DC  C C6    1 
ATOM   527  P P     . DT  B 2 11  ? -2.383  -15.316 3.101   1.00 32.34  ? 11  DT  C P     1 
ATOM   528  O OP1   . DT  B 2 11  ? -2.362  -14.152 2.197   1.00 35.54  ? 11  DT  C OP1   1 
ATOM   529  O OP2   . DT  B 2 11  ? -3.517  -16.273 3.024   1.00 31.89  ? 11  DT  C OP2   1 
ATOM   530  O "O5'" . DT  B 2 11  ? -1.103  -16.255 2.940   1.00 31.30  ? 11  DT  C "O5'" 1 
ATOM   531  C "C5'" . DT  B 2 11  ? 0.154   -15.741 2.548   1.00 32.37  ? 11  DT  C "C5'" 1 
ATOM   532  C "C4'" . DT  B 2 11  ? 1.100   -16.854 2.158   1.00 29.67  ? 11  DT  C "C4'" 1 
ATOM   533  O "O4'" . DT  B 2 11  ? 1.346   -17.722 3.273   1.00 31.38  ? 11  DT  C "O4'" 1 
ATOM   534  C "C3'" . DT  B 2 11  ? 0.573   -17.760 1.060   1.00 31.72  ? 11  DT  C "C3'" 1 
ATOM   535  O "O3'" . DT  B 2 11  ? 0.854   -17.168 -0.202  1.00 26.92  ? 11  DT  C "O3'" 1 
ATOM   536  C "C2'" . DT  B 2 11  ? 1.280   -19.073 1.315   1.00 30.93  ? 11  DT  C "C2'" 1 
ATOM   537  C "C1'" . DT  B 2 11  ? 1.475   -19.077 2.814   1.00 34.43  ? 11  DT  C "C1'" 1 
ATOM   538  N N1    . DT  B 2 11  ? 0.533   -19.917 3.596   1.00 38.55  ? 11  DT  C N1    1 
ATOM   539  C C2    . DT  B 2 11  ? 0.968   -21.162 3.989   1.00 40.78  ? 11  DT  C C2    1 
ATOM   540  O O2    . DT  B 2 11  ? 2.040   -21.633 3.652   1.00 40.24  ? 11  DT  C O2    1 
ATOM   541  N N3    . DT  B 2 11  ? 0.083   -21.854 4.782   1.00 40.70  ? 11  DT  C N3    1 
ATOM   542  C C4    . DT  B 2 11  ? -1.160  -21.431 5.211   1.00 39.18  ? 11  DT  C C4    1 
ATOM   543  O O4    . DT  B 2 11  ? -1.843  -22.166 5.913   1.00 37.69  ? 11  DT  C O4    1 
ATOM   544  C C5    . DT  B 2 11  ? -1.553  -20.114 4.767   1.00 39.63  ? 11  DT  C C5    1 
ATOM   545  C C7    . DT  B 2 11  ? -2.895  -19.583 5.171   1.00 40.10  ? 11  DT  C C7    1 
ATOM   546  C C6    . DT  B 2 11  ? -0.697  -19.431 3.992   1.00 39.24  ? 11  DT  C C6    1 
ATOM   547  P P     . DG  B 2 12  ? 0.029   -17.579 -1.396  1.00 31.85  ? 12  DG  C P     1 
ATOM   548  O OP1   . DG  B 2 12  ? 0.282   -16.596 -2.498  1.00 36.73  ? 12  DG  C OP1   1 
ATOM   549  O OP2   . DG  B 2 12  ? -1.396  -17.819 -0.937  1.00 28.94  ? 12  DG  C OP2   1 
ATOM   550  O "O5'" . DG  B 2 12  ? 0.705   -18.954 -1.810  1.00 33.53  ? 12  DG  C "O5'" 1 
ATOM   551  C "C5'" . DG  B 2 12  ? 2.053   -19.003 -2.321  1.00 35.24  ? 12  DG  C "C5'" 1 
ATOM   552  C "C4'" . DG  B 2 12  ? 2.463   -20.431 -2.599  1.00 32.57  ? 12  DG  C "C4'" 1 
ATOM   553  O "O4'" . DG  B 2 12  ? 2.161   -21.262 -1.453  1.00 37.60  ? 12  DG  C "O4'" 1 
ATOM   554  C "C3'" . DG  B 2 12  ? 1.753   -21.089 -3.778  1.00 33.82  ? 12  DG  C "C3'" 1 
ATOM   555  O "O3'" . DG  B 2 12  ? 2.714   -21.942 -4.412  1.00 36.63  ? 12  DG  C "O3'" 1 
ATOM   556  C "C2'" . DG  B 2 12  ? 0.591   -21.819 -3.128  1.00 32.98  ? 12  DG  C "C2'" 1 
ATOM   557  C "C1'" . DG  B 2 12  ? 1.168   -22.233 -1.787  1.00 32.79  ? 12  DG  C "C1'" 1 
ATOM   558  N N9    . DG  B 2 12  ? 0.204   -22.274 -0.693  1.00 33.00  ? 12  DG  C N9    1 
ATOM   559  C C8    . DG  B 2 12  ? -0.808  -21.377 -0.440  1.00 33.59  ? 12  DG  C C8    1 
ATOM   560  N N7    . DG  B 2 12  ? -1.522  -21.690 0.608   1.00 32.15  ? 12  DG  C N7    1 
ATOM   561  C C5    . DG  B 2 12  ? -0.932  -22.852 1.089   1.00 35.84  ? 12  DG  C C5    1 
ATOM   562  C C6    . DG  B 2 12  ? -1.274  -23.667 2.209   1.00 34.48  ? 12  DG  C C6    1 
ATOM   563  O O6    . DG  B 2 12  ? -2.182  -23.501 3.040   1.00 33.32  ? 12  DG  C O6    1 
ATOM   564  N N1    . DG  B 2 12  ? -0.418  -24.755 2.327   1.00 32.45  ? 12  DG  C N1    1 
ATOM   565  C C2    . DG  B 2 12  ? 0.627   -25.033 1.476   1.00 32.03  ? 12  DG  C C2    1 
ATOM   566  N N2    . DG  B 2 12  ? 1.342   -26.126 1.762   1.00 35.71  ? 12  DG  C N2    1 
ATOM   567  N N3    . DG  B 2 12  ? 0.936   -24.304 0.418   1.00 29.55  ? 12  DG  C N3    1 
ATOM   568  C C4    . DG  B 2 12  ? 0.135   -23.225 0.297   1.00 31.73  ? 12  DG  C C4    1 
ATOM   569  P P     . DT  B 2 13  ? 2.325   -22.850 -5.656  1.00 40.11  ? 13  DT  C P     1 
ATOM   570  O OP1   . DT  B 2 13  ? 3.522   -22.990 -6.474  1.00 46.75  ? 13  DT  C OP1   1 
ATOM   571  O OP2   . DT  B 2 13  ? 1.071   -22.327 -6.241  1.00 42.93  ? 13  DT  C OP2   1 
ATOM   572  O "O5'" . DT  B 2 13  ? 2.018   -24.278 -4.992  1.00 42.23  ? 13  DT  C "O5'" 1 
ATOM   573  C "C5'" . DT  B 2 13  ? 3.032   -24.890 -4.171  1.00 41.48  ? 13  DT  C "C5'" 1 
ATOM   574  C "C4'" . DT  B 2 13  ? 2.599   -26.232 -3.629  1.00 43.16  ? 13  DT  C "C4'" 1 
ATOM   575  O "O4'" . DT  B 2 13  ? 1.621   -26.049 -2.580  1.00 42.10  ? 13  DT  C "O4'" 1 
ATOM   576  C "C3'" . DT  B 2 13  ? 1.971   -27.184 -4.649  1.00 40.62  ? 13  DT  C "C3'" 1 
ATOM   577  O "O3'" . DT  B 2 13  ? 2.638   -28.445 -4.555  1.00 42.16  ? 13  DT  C "O3'" 1 
ATOM   578  C "C2'" . DT  B 2 13  ? 0.507   -27.237 -4.250  1.00 38.36  ? 13  DT  C "C2'" 1 
ATOM   579  C "C1'" . DT  B 2 13  ? 0.553   -26.965 -2.765  1.00 38.71  ? 13  DT  C "C1'" 1 
ATOM   580  N N1    . DT  B 2 13  ? -0.660  -26.369 -2.133  1.00 40.99  ? 13  DT  C N1    1 
ATOM   581  C C2    . DT  B 2 13  ? -1.147  -26.954 -0.982  1.00 38.76  ? 13  DT  C C2    1 
ATOM   582  O O2    . DT  B 2 13  ? -0.676  -27.968 -0.493  1.00 42.74  ? 13  DT  C O2    1 
ATOM   583  N N3    . DT  B 2 13  ? -2.210  -26.308 -0.417  1.00 34.70  ? 13  DT  C N3    1 
ATOM   584  C C4    . DT  B 2 13  ? -2.824  -25.161 -0.865  1.00 35.73  ? 13  DT  C C4    1 
ATOM   585  O O4    . DT  B 2 13  ? -3.778  -24.708 -0.245  1.00 34.56  ? 13  DT  C O4    1 
ATOM   586  C C5    . DT  B 2 13  ? -2.257  -24.585 -2.066  1.00 39.41  ? 13  DT  C C5    1 
ATOM   587  C C7    . DT  B 2 13  ? -2.868  -23.344 -2.638  1.00 37.38  ? 13  DT  C C7    1 
ATOM   588  C C6    . DT  B 2 13  ? -1.212  -25.207 -2.629  1.00 39.79  ? 13  DT  C C6    1 
ATOM   589  P P     . DT  B 2 14  ? 2.336   -29.598 -5.619  1.00 52.32  ? 14  DT  C P     1 
ATOM   590  O OP1   . DT  B 2 14  ? 3.565   -30.409 -5.744  1.00 52.02  ? 14  DT  C OP1   1 
ATOM   591  O OP2   . DT  B 2 14  ? 1.586   -29.026 -6.799  1.00 41.15  ? 14  DT  C OP2   1 
ATOM   592  O "O5'" . DT  B 2 14  ? 1.217   -30.495 -4.935  1.00 52.36  ? 14  DT  C "O5'" 1 
ATOM   593  C "C5'" . DT  B 2 14  ? 1.415   -31.101 -3.660  1.00 52.56  ? 14  DT  C "C5'" 1 
ATOM   594  C "C4'" . DT  B 2 14  ? 0.056   -31.514 -3.158  1.00 58.36  ? 14  DT  C "C4'" 1 
ATOM   595  O "O4'" . DT  B 2 14  ? -0.733  -30.334 -2.885  1.00 56.61  ? 14  DT  C "O4'" 1 
ATOM   596  C "C3'" . DT  B 2 14  ? -0.769  -32.342 -4.156  1.00 60.14  ? 14  DT  C "C3'" 1 
ATOM   597  O "O3'" . DT  B 2 14  ? -0.656  -33.716 -3.755  1.00 61.78  ? 14  DT  C "O3'" 1 
ATOM   598  C "C2'" . DT  B 2 14  ? -2.168  -31.726 -4.088  1.00 61.37  ? 14  DT  C "C2'" 1 
ATOM   599  C "C1'" . DT  B 2 14  ? -2.083  -30.744 -2.920  1.00 55.94  ? 14  DT  C "C1'" 1 
ATOM   600  N N1    . DT  B 2 14  ? -2.931  -29.529 -2.993  1.00 53.64  ? 14  DT  C N1    1 
ATOM   601  C C2    . DT  B 2 14  ? -3.819  -29.308 -1.967  1.00 47.25  ? 14  DT  C C2    1 
ATOM   602  O O2    . DT  B 2 14  ? -3.950  -30.071 -1.029  1.00 45.52  ? 14  DT  C O2    1 
ATOM   603  N N3    . DT  B 2 14  ? -4.563  -28.158 -2.088  1.00 43.66  ? 14  DT  C N3    1 
ATOM   604  C C4    . DT  B 2 14  ? -4.505  -27.229 -3.110  1.00 45.90  ? 14  DT  C C4    1 
ATOM   605  O O4    . DT  B 2 14  ? -5.230  -26.238 -3.080  1.00 43.51  ? 14  DT  C O4    1 
ATOM   606  C C5    . DT  B 2 14  ? -3.551  -27.523 -4.154  1.00 48.27  ? 14  DT  C C5    1 
ATOM   607  C C7    . DT  B 2 14  ? -3.428  -26.580 -5.311  1.00 39.58  ? 14  DT  C C7    1 
ATOM   608  C C6    . DT  B 2 14  ? -2.817  -28.642 -4.043  1.00 52.54  ? 14  DT  C C6    1 
ATOM   609  P P     . DA  B 2 15  ? -1.393  -34.911 -4.550  1.00 57.82  ? 15  DA  C P     1 
ATOM   610  O OP1   . DA  B 2 15  ? -0.584  -36.140 -4.338  1.00 53.43  ? 15  DA  C OP1   1 
ATOM   611  O OP2   . DA  B 2 15  ? -1.750  -34.455 -5.903  1.00 46.60  ? 15  DA  C OP2   1 
ATOM   612  O "O5'" . DA  B 2 15  ? -2.807  -35.005 -3.834  1.00 55.52  ? 15  DA  C "O5'" 1 
ATOM   613  C "C5'" . DA  B 2 15  ? -2.877  -35.129 -2.420  1.00 57.00  ? 15  DA  C "C5'" 1 
ATOM   614  C "C4'" . DA  B 2 15  ? -4.297  -34.882 -1.977  1.00 59.13  ? 15  DA  C "C4'" 1 
ATOM   615  O "O4'" . DA  B 2 15  ? -4.608  -33.485 -2.139  1.00 58.97  ? 15  DA  C "O4'" 1 
ATOM   616  C "C3'" . DA  B 2 15  ? -5.374  -35.643 -2.755  1.00 56.44  ? 15  DA  C "C3'" 1 
ATOM   617  O "O3'" . DA  B 2 15  ? -5.705  -36.789 -1.950  1.00 71.36  ? 15  DA  C "O3'" 1 
ATOM   618  C "C2'" . DA  B 2 15  ? -6.473  -34.607 -2.967  1.00 52.13  ? 15  DA  C "C2'" 1 
ATOM   619  C "C1'" . DA  B 2 15  ? -6.002  -33.383 -2.181  1.00 51.91  ? 15  DA  C "C1'" 1 
ATOM   620  N N9    . DA  B 2 15  ? -6.333  -32.092 -2.774  1.00 49.48  ? 15  DA  C N9    1 
ATOM   621  C C8    . DA  B 2 15  ? -5.848  -31.553 -3.940  1.00 49.03  ? 15  DA  C C8    1 
ATOM   622  N N7    . DA  B 2 15  ? -6.369  -30.386 -4.238  1.00 52.56  ? 15  DA  C N7    1 
ATOM   623  C C5    . DA  B 2 15  ? -7.237  -30.128 -3.185  1.00 48.56  ? 15  DA  C C5    1 
ATOM   624  C C6    . DA  B 2 15  ? -8.092  -29.044 -2.902  1.00 48.62  ? 15  DA  C C6    1 
ATOM   625  N N6    . DA  B 2 15  ? -8.206  -27.969 -3.680  1.00 46.11  ? 15  DA  C N6    1 
ATOM   626  N N1    . DA  B 2 15  ? -8.827  -29.100 -1.770  1.00 46.57  ? 15  DA  C N1    1 
ATOM   627  C C2    . DA  B 2 15  ? -8.715  -30.183 -0.990  1.00 48.22  ? 15  DA  C C2    1 
ATOM   628  N N3    . DA  B 2 15  ? -7.951  -31.263 -1.150  1.00 45.39  ? 15  DA  C N3    1 
ATOM   629  C C4    . DA  B 2 15  ? -7.227  -31.173 -2.278  1.00 48.53  ? 15  DA  C C4    1 
ATOM   630  P P     . DA  B 2 16  ? -6.827  -37.895 -2.410  1.00 67.16  ? 16  DA  C P     1 
ATOM   631  O OP1   . DA  B 2 16  ? -6.611  -39.126 -1.584  1.00 63.69  ? 16  DA  C OP1   1 
ATOM   632  O OP2   . DA  B 2 16  ? -6.931  -37.924 -3.895  1.00 59.86  ? 16  DA  C OP2   1 
ATOM   633  O "O5'" . DA  B 2 16  ? -8.188  -37.221 -1.986  1.00 54.14  ? 16  DA  C "O5'" 1 
ATOM   634  C "C5'" . DA  B 2 16  ? -8.353  -36.853 -0.622  1.00 59.52  ? 16  DA  C "C5'" 1 
ATOM   635  C "C4'" . DA  B 2 16  ? -9.697  -36.189 -0.494  1.00 61.27  ? 16  DA  C "C4'" 1 
ATOM   636  O "O4'" . DA  B 2 16  ? -9.574  -34.846 -1.015  1.00 60.50  ? 16  DA  C "O4'" 1 
ATOM   637  C "C3'" . DA  B 2 16  ? -10.808 -36.882 -1.294  1.00 61.57  ? 16  DA  C "C3'" 1 
ATOM   638  O "O3'" . DA  B 2 16  ? -11.864 -37.359 -0.450  1.00 80.84  ? 16  DA  C "O3'" 1 
ATOM   639  C "C2'" . DA  B 2 16  ? -11.313 -35.811 -2.245  1.00 60.65  ? 16  DA  C "C2'" 1 
ATOM   640  C "C1'" . DA  B 2 16  ? -10.761 -34.512 -1.673  1.00 58.03  ? 16  DA  C "C1'" 1 
ATOM   641  N N9    . DA  B 2 16  ? -10.445 -33.531 -2.702  1.00 53.14  ? 16  DA  C N9    1 
ATOM   642  C C8    . DA  B 2 16  ? -9.723  -33.699 -3.859  1.00 55.93  ? 16  DA  C C8    1 
ATOM   643  N N7    . DA  B 2 16  ? -9.703  -32.638 -4.627  1.00 51.70  ? 16  DA  C N7    1 
ATOM   644  C C5    . DA  B 2 16  ? -10.469 -31.711 -3.933  1.00 50.89  ? 16  DA  C C5    1 
ATOM   645  C C6    . DA  B 2 16  ? -10.841 -30.382 -4.216  1.00 54.45  ? 16  DA  C C6    1 
ATOM   646  N N6    . DA  B 2 16  ? -10.464 -29.724 -5.314  1.00 54.24  ? 16  DA  C N6    1 
ATOM   647  N N1    . DA  B 2 16  ? -11.623 -29.741 -3.315  1.00 56.08  ? 16  DA  C N1    1 
ATOM   648  C C2    . DA  B 2 16  ? -12.008 -30.403 -2.214  1.00 52.79  ? 16  DA  C C2    1 
ATOM   649  N N3    . DA  B 2 16  ? -11.722 -31.648 -1.838  1.00 46.19  ? 16  DA  C N3    1 
ATOM   650  C C4    . DA  B 2 16  ? -10.947 -32.256 -2.754  1.00 52.17  ? 16  DA  C C4    1 
ATOM   651  N N     . MET C 3 1   ? -1.695  20.411  7.965   1.00 74.68  ? 136 MET A N     1 
ATOM   652  C CA    . MET C 3 1   ? -2.523  19.255  7.528   1.00 76.81  ? 136 MET A CA    1 
ATOM   653  C C     . MET C 3 1   ? -3.247  19.638  6.243   1.00 79.10  ? 136 MET A C     1 
ATOM   654  O O     . MET C 3 1   ? -3.895  20.677  6.159   1.00 76.49  ? 136 MET A O     1 
ATOM   655  C CB    . MET C 3 1   ? -3.526  18.810  8.614   1.00 74.36  ? 136 MET A CB    1 
ATOM   656  N N     . ASP C 3 2   ? -3.118  18.773  5.244   1.00 74.70  ? 137 ASP A N     1 
ATOM   657  C CA    . ASP C 3 2   ? -3.855  18.872  3.995   1.00 70.13  ? 137 ASP A CA    1 
ATOM   658  C C     . ASP C 3 2   ? -5.274  18.285  4.223   1.00 70.45  ? 137 ASP A C     1 
ATOM   659  O O     . ASP C 3 2   ? -5.470  17.068  4.342   1.00 60.81  ? 137 ASP A O     1 
ATOM   660  C CB    . ASP C 3 2   ? -3.059  18.128  2.917   1.00 69.83  ? 137 ASP A CB    1 
ATOM   661  C CG    . ASP C 3 2   ? -3.786  17.998  1.585   1.00 69.54  ? 137 ASP A CG    1 
ATOM   662  O OD1   . ASP C 3 2   ? -4.911  18.541  1.428   1.00 63.62  ? 137 ASP A OD1   1 
ATOM   663  O OD2   . ASP C 3 2   ? -3.200  17.319  0.692   1.00 66.57  ? 137 ASP A OD2   1 
ATOM   664  N N     . ASN C 3 3   ? -6.262  19.170  4.297   1.00 68.20  ? 138 ASN A N     1 
ATOM   665  C CA    . ASN C 3 3   ? -7.646  18.761  4.560   1.00 63.42  ? 138 ASN A CA    1 
ATOM   666  C C     . ASN C 3 3   ? -8.500  18.534  3.311   1.00 58.06  ? 138 ASN A C     1 
ATOM   667  O O     . ASN C 3 3   ? -9.539  17.865  3.388   1.00 60.35  ? 138 ASN A O     1 
ATOM   668  C CB    . ASN C 3 3   ? -8.307  19.752  5.527   1.00 63.87  ? 138 ASN A CB    1 
ATOM   669  C CG    . ASN C 3 3   ? -7.784  19.591  6.961   1.00 70.90  ? 138 ASN A CG    1 
ATOM   670  O OD1   . ASN C 3 3   ? -7.962  18.522  7.578   1.00 70.03  ? 138 ASN A OD1   1 
ATOM   671  N ND2   . ASN C 3 3   ? -7.125  20.632  7.489   1.00 66.59  ? 138 ASN A ND2   1 
ATOM   672  N N     . SER C 3 4   ? -8.062  19.051  2.162   1.00 48.37  ? 139 SER A N     1 
ATOM   673  C CA    . SER C 3 4   ? -8.885  18.956  0.966   1.00 48.38  ? 139 SER A CA    1 
ATOM   674  C C     . SER C 3 4   ? -8.737  17.594  0.267   1.00 50.32  ? 139 SER A C     1 
ATOM   675  O O     . SER C 3 4   ? -9.623  17.207  -0.489  1.00 48.45  ? 139 SER A O     1 
ATOM   676  C CB    . SER C 3 4   ? -8.629  20.123  0.005   1.00 44.56  ? 139 SER A CB    1 
ATOM   677  O OG    . SER C 3 4   ? -7.306  20.166  -0.417  1.00 45.83  ? 139 SER A OG    1 
ATOM   678  N N     . VAL C 3 5   ? -7.622  16.900  0.506   1.00 49.99  ? 140 VAL A N     1 
ATOM   679  C CA    . VAL C 3 5   ? -7.356  15.576  -0.059  1.00 46.78  ? 140 VAL A CA    1 
ATOM   680  C C     . VAL C 3 5   ? -6.939  14.630  1.069   1.00 42.16  ? 140 VAL A C     1 
ATOM   681  O O     . VAL C 3 5   ? -6.111  14.969  1.874   1.00 36.69  ? 140 VAL A O     1 
ATOM   682  C CB    . VAL C 3 5   ? -6.243  15.647  -1.110  1.00 49.71  ? 140 VAL A CB    1 
ATOM   683  C CG1   . VAL C 3 5   ? -6.061  14.277  -1.779  1.00 53.12  ? 140 VAL A CG1   1 
ATOM   684  C CG2   . VAL C 3 5   ? -6.583  16.694  -2.174  1.00 49.93  ? 140 VAL A CG2   1 
ATOM   685  N N     . GLU C 3 6   ? -7.502  13.438  1.094   1.00 38.66  ? 141 GLU A N     1 
ATOM   686  C CA    . GLU C 3 6   ? -7.209  12.481  2.136   1.00 36.48  ? 141 GLU A CA    1 
ATOM   687  C C     . GLU C 3 6   ? -5.716  12.131  2.148   1.00 37.42  ? 141 GLU A C     1 
ATOM   688  O O     . GLU C 3 6   ? -5.100  11.916  1.080   1.00 32.27  ? 141 GLU A O     1 
ATOM   689  C CB    . GLU C 3 6   ? -8.086  11.250  1.960   1.00 37.04  ? 141 GLU A CB    1 
ATOM   690  C CG    . GLU C 3 6   ? -9.558  11.557  2.147   1.00 37.00  ? 141 GLU A CG    1 
ATOM   691  C CD    . GLU C 3 6   ? -10.391 10.327  2.342   1.00 40.39  ? 141 GLU A CD    1 
ATOM   692  O OE1   . GLU C 3 6   ? -10.238 9.698   3.432   1.00 49.41  ? 141 GLU A OE1   1 
ATOM   693  O OE2   . GLU C 3 6   ? -11.196 9.989   1.430   1.00 36.44  ? 141 GLU A OE2   1 
ATOM   694  N N     . THR C 3 7   ? -5.140  12.173  3.350   1.00 36.95  ? 142 THR A N     1 
ATOM   695  C CA    . THR C 3 7   ? -3.697  12.021  3.528   1.00 38.16  ? 142 THR A CA    1 
ATOM   696  C C     . THR C 3 7   ? -3.437  11.117  4.726   1.00 36.39  ? 142 THR A C     1 
ATOM   697  O O     . THR C 3 7   ? -4.262  10.978  5.607   1.00 32.00  ? 142 THR A O     1 
ATOM   698  C CB    . THR C 3 7   ? -2.945  13.342  3.776   1.00 38.82  ? 142 THR A CB    1 
ATOM   699  O OG1   . THR C 3 7   ? -3.372  13.901  5.003   1.00 46.61  ? 142 THR A OG1   1 
ATOM   700  C CG2   . THR C 3 7   ? -3.134  14.364  2.654   1.00 40.61  ? 142 THR A CG2   1 
ATOM   701  N N     . ILE C 3 8   ? -2.275  10.486  4.706   1.00 37.49  ? 143 ILE A N     1 
ATOM   702  C CA    . ILE C 3 8   ? -1.828  9.636   5.784   1.00 36.70  ? 143 ILE A CA    1 
ATOM   703  C C     . ILE C 3 8   ? -0.506  10.175  6.265   1.00 37.03  ? 143 ILE A C     1 
ATOM   704  O O     . ILE C 3 8   ? 0.334   10.621  5.452   1.00 36.92  ? 143 ILE A O     1 
ATOM   705  C CB    . ILE C 3 8   ? -1.707  8.147   5.375   1.00 35.77  ? 143 ILE A CB    1 
ATOM   706  C CG1   . ILE C 3 8   ? -1.249  7.327   6.594   1.00 36.03  ? 143 ILE A CG1   1 
ATOM   707  C CG2   . ILE C 3 8   ? -0.721  7.940   4.206   1.00 38.51  ? 143 ILE A CG2   1 
ATOM   708  C CD1   . ILE C 3 8   ? -1.350  5.839   6.405   1.00 33.68  ? 143 ILE A CD1   1 
ATOM   709  N N     . GLU C 3 9   ? -0.318  10.125  7.578   1.00 37.75  ? 144 GLU A N     1 
ATOM   710  C CA    . GLU C 3 9   ? 0.922   10.557  8.165   1.00 40.63  ? 144 GLU A CA    1 
ATOM   711  C C     . GLU C 3 9   ? 1.801   9.321   8.337   1.00 37.88  ? 144 GLU A C     1 
ATOM   712  O O     . GLU C 3 9   ? 1.471   8.418   9.075   1.00 37.64  ? 144 GLU A O     1 
ATOM   713  C CB    . GLU C 3 9   ? 0.650   11.266  9.497   1.00 44.76  ? 144 GLU A CB    1 
ATOM   714  C CG    . GLU C 3 9   ? 1.915   11.821  10.131  1.00 50.46  ? 144 GLU A CG    1 
ATOM   715  C CD    . GLU C 3 9   ? 1.688   12.456  11.497  1.00 54.32  ? 144 GLU A CD    1 
ATOM   716  O OE1   . GLU C 3 9   ? 0.537   12.505  12.004  1.00 49.68  ? 144 GLU A OE1   1 
ATOM   717  O OE2   . GLU C 3 9   ? 2.694   12.896  12.067  1.00 57.34  ? 144 GLU A OE2   1 
ATOM   718  N N     . LEU C 3 10  ? 2.933   9.307   7.654   1.00 41.07  ? 145 LEU A N     1 
ATOM   719  C CA    . LEU C 3 10  ? 3.929   8.258   7.788   1.00 44.44  ? 145 LEU A CA    1 
ATOM   720  C C     . LEU C 3 10  ? 5.091   8.812   8.597   1.00 48.58  ? 145 LEU A C     1 
ATOM   721  O O     . LEU C 3 10  ? 5.701   9.835   8.223   1.00 46.56  ? 145 LEU A O     1 
ATOM   722  C CB    . LEU C 3 10  ? 4.442   7.853   6.427   1.00 41.74  ? 145 LEU A CB    1 
ATOM   723  C CG    . LEU C 3 10  ? 3.441   7.498   5.345   1.00 41.12  ? 145 LEU A CG    1 
ATOM   724  C CD1   . LEU C 3 10  ? 4.229   7.125   4.089   1.00 38.01  ? 145 LEU A CD1   1 
ATOM   725  C CD2   . LEU C 3 10  ? 2.544   6.363   5.842   1.00 40.39  ? 145 LEU A CD2   1 
ATOM   726  N N     . LYS C 3 11  ? 5.375   8.147   9.699   1.00 54.21  ? 146 LYS A N     1 
ATOM   727  C CA    . LYS C 3 11  ? 6.365   8.663   10.634  1.00 64.15  ? 146 LYS A CA    1 
ATOM   728  C C     . LYS C 3 11  ? 7.652   7.827   10.625  1.00 64.71  ? 146 LYS A C     1 
ATOM   729  O O     . LYS C 3 11  ? 7.640   6.587   10.764  1.00 47.72  ? 146 LYS A O     1 
ATOM   730  C CB    . LYS C 3 11  ? 5.764   8.734   12.031  1.00 63.60  ? 146 LYS A CB    1 
ATOM   731  C CG    . LYS C 3 11  ? 4.314   9.239   12.062  1.00 63.55  ? 146 LYS A CG    1 
ATOM   732  C CD    . LYS C 3 11  ? 3.577   8.806   13.315  1.00 56.96  ? 146 LYS A CD    1 
ATOM   733  C CE    . LYS C 3 11  ? 2.837   9.988   13.898  1.00 59.36  ? 146 LYS A CE    1 
ATOM   734  N NZ    . LYS C 3 11  ? 1.863   9.626   14.971  1.00 59.30  ? 146 LYS A NZ    1 
ATOM   735  N N     . ARG C 3 12  ? 8.750   8.547   10.432  1.00 69.37  ? 147 ARG A N     1 
ATOM   736  C CA    . ARG C 3 12  ? 10.091  8.009   10.491  1.00 81.39  ? 147 ARG A CA    1 
ATOM   737  C C     . ARG C 3 12  ? 10.819  8.899   11.518  1.00 90.11  ? 147 ARG A C     1 
ATOM   738  O O     . ARG C 3 12  ? 11.516  9.850   11.149  1.00 87.89  ? 147 ARG A O     1 
ATOM   739  C CB    . ARG C 3 12  ? 10.776  8.148   9.128   1.00 83.75  ? 147 ARG A CB    1 
ATOM   740  C CG    . ARG C 3 12  ? 10.239  7.300   8.000   1.00 82.41  ? 147 ARG A CG    1 
ATOM   741  C CD    . ARG C 3 12  ? 10.891  7.712   6.684   1.00 81.41  ? 147 ARG A CD    1 
ATOM   742  N NE    . ARG C 3 12  ? 12.327  7.480   6.591   1.00 79.24  ? 147 ARG A NE    1 
ATOM   743  C CZ    . ARG C 3 12  ? 12.926  6.304   6.368   1.00 76.54  ? 147 ARG A CZ    1 
ATOM   744  N NH1   . ARG C 3 12  ? 12.277  5.139   6.267   1.00 84.45  ? 147 ARG A NH1   1 
ATOM   745  N NH2   . ARG C 3 12  ? 14.234  6.282   6.273   1.00 74.89  ? 147 ARG A NH2   1 
ATOM   746  N N     . GLY C 3 13  ? 10.633  8.617   12.803  1.00 85.45  ? 148 GLY A N     1 
ATOM   747  C CA    . GLY C 3 13  ? 11.174  9.472   13.865  1.00 84.94  ? 148 GLY A CA    1 
ATOM   748  C C     . GLY C 3 13  ? 10.269  10.668  14.170  1.00 87.72  ? 148 GLY A C     1 
ATOM   749  O O     . GLY C 3 13  ? 9.036   10.572  14.106  1.00 85.95  ? 148 GLY A O     1 
ATOM   750  N N     . SER C 3 14  ? 10.888  11.803  14.484  1.00 86.32  ? 149 SER A N     1 
ATOM   751  C CA    . SER C 3 14  ? 10.176  13.049  14.763  1.00 82.07  ? 149 SER A CA    1 
ATOM   752  C C     . SER C 3 14  ? 9.707   13.630  13.447  1.00 84.41  ? 149 SER A C     1 
ATOM   753  O O     . SER C 3 14  ? 8.966   14.606  13.416  1.00 74.76  ? 149 SER A O     1 
ATOM   754  C CB    . SER C 3 14  ? 11.098  14.065  15.466  1.00 73.65  ? 149 SER A CB    1 
ATOM   755  N N     . ASN C 3 15  ? 10.193  13.040  12.359  1.00 84.53  ? 150 ASN A N     1 
ATOM   756  C CA    . ASN C 3 15  ? 9.851   13.475  11.034  1.00 80.61  ? 150 ASN A CA    1 
ATOM   757  C C     . ASN C 3 15  ? 8.566   12.790  10.588  1.00 75.20  ? 150 ASN A C     1 
ATOM   758  O O     . ASN C 3 15  ? 8.319   11.622  10.852  1.00 72.57  ? 150 ASN A O     1 
ATOM   759  C CB    . ASN C 3 15  ? 10.998  13.182  10.057  1.00 78.82  ? 150 ASN A CB    1 
ATOM   760  C CG    . ASN C 3 15  ? 12.362  13.657  10.568  1.00 75.07  ? 150 ASN A CG    1 
ATOM   761  O OD1   . ASN C 3 15  ? 13.366  12.986  10.370  1.00 72.58  ? 150 ASN A OD1   1 
ATOM   762  N ND2   . ASN C 3 15  ? 12.395  14.804  11.240  1.00 74.37  ? 150 ASN A ND2   1 
ATOM   763  N N     . SER C 3 16  ? 7.720   13.561  9.943   1.00 76.20  ? 151 SER A N     1 
ATOM   764  C CA    . SER C 3 16  ? 6.479   13.056  9.434   1.00 72.43  ? 151 SER A CA    1 
ATOM   765  C C     . SER C 3 16  ? 6.446   13.434  7.988   1.00 69.51  ? 151 SER A C     1 
ATOM   766  O O     . SER C 3 16  ? 6.903   14.513  7.573   1.00 63.66  ? 151 SER A O     1 
ATOM   767  C CB    . SER C 3 16  ? 5.301   13.674  10.162  1.00 66.34  ? 151 SER A CB    1 
ATOM   768  O OG    . SER C 3 16  ? 5.209   13.122  11.447  1.00 71.47  ? 151 SER A OG    1 
ATOM   769  N N     . VAL C 3 17  ? 5.893   12.527  7.215   1.00 61.17  ? 152 VAL A N     1 
ATOM   770  C CA    . VAL C 3 17  ? 5.696   12.780  5.817   1.00 53.28  ? 152 VAL A CA    1 
ATOM   771  C C     . VAL C 3 17  ? 4.185   12.685  5.678   1.00 48.11  ? 152 VAL A C     1 
ATOM   772  O O     . VAL C 3 17  ? 3.587   11.731  6.062   1.00 44.06  ? 152 VAL A O     1 
ATOM   773  C CB    . VAL C 3 17  ? 6.496   11.769  4.946   1.00 53.60  ? 152 VAL A CB    1 
ATOM   774  C CG1   . VAL C 3 17  ? 6.363   12.133  3.486   1.00 55.58  ? 152 VAL A CG1   1 
ATOM   775  C CG2   . VAL C 3 17  ? 7.974   11.732  5.315   1.00 54.83  ? 152 VAL A CG2   1 
ATOM   776  N N     . TYR C 3 18  ? 3.521   13.688  5.161   1.00 48.98  ? 153 TYR A N     1 
ATOM   777  C CA    . TYR C 3 18  ? 2.106   13.495  4.914   1.00 45.11  ? 153 TYR A CA    1 
ATOM   778  C C     . TYR C 3 18  ? 2.019   13.096  3.461   1.00 42.84  ? 153 TYR A C     1 
ATOM   779  O O     . TYR C 3 18  ? 2.589   13.782  2.614   1.00 43.90  ? 153 TYR A O     1 
ATOM   780  C CB    . TYR C 3 18  ? 1.345   14.765  5.206   1.00 50.63  ? 153 TYR A CB    1 
ATOM   781  C CG    . TYR C 3 18  ? 1.032   14.929  6.671   1.00 58.78  ? 153 TYR A CG    1 
ATOM   782  C CD1   . TYR C 3 18  ? 1.916   15.582  7.528   1.00 69.99  ? 153 TYR A CD1   1 
ATOM   783  C CD2   . TYR C 3 18  ? -0.152  14.438  7.207   1.00 62.58  ? 153 TYR A CD2   1 
ATOM   784  C CE1   . TYR C 3 18  ? 1.623   15.739  8.877   1.00 73.39  ? 153 TYR A CE1   1 
ATOM   785  C CE2   . TYR C 3 18  ? -0.449  14.590  8.543   1.00 69.95  ? 153 TYR A CE2   1 
ATOM   786  C CZ    . TYR C 3 18  ? 0.439   15.239  9.372   1.00 76.24  ? 153 TYR A CZ    1 
ATOM   787  O OH    . TYR C 3 18  ? 0.146   15.381  10.704  1.00 83.46  ? 153 TYR A OH    1 
ATOM   788  N N     . VAL C 3 19  ? 1.375   11.967  3.182   1.00 36.72  ? 154 VAL A N     1 
ATOM   789  C CA    . VAL C 3 19  ? 1.264   11.467  1.817   1.00 40.91  ? 154 VAL A CA    1 
ATOM   790  C C     . VAL C 3 19  ? -0.214  11.387  1.444   1.00 37.96  ? 154 VAL A C     1 
ATOM   791  O O     . VAL C 3 19  ? -1.001  10.841  2.213   1.00 41.88  ? 154 VAL A O     1 
ATOM   792  C CB    . VAL C 3 19  ? 1.948   10.063  1.645   1.00 39.59  ? 154 VAL A CB    1 
ATOM   793  C CG1   . VAL C 3 19  ? 1.918   9.630   0.176   1.00 39.96  ? 154 VAL A CG1   1 
ATOM   794  C CG2   . VAL C 3 19  ? 3.409   10.109  2.115   1.00 38.73  ? 154 VAL A CG2   1 
ATOM   795  N N     . GLN C 3 20  ? -0.593  11.883  0.269   1.00 35.68  ? 155 GLN A N     1 
ATOM   796  C CA    . GLN C 3 20  ? -1.994  11.700  -0.197  1.00 40.03  ? 155 GLN A CA    1 
ATOM   797  C C     . GLN C 3 20  ? -2.291  10.229  -0.459  1.00 34.00  ? 155 GLN A C     1 
ATOM   798  O O     . GLN C 3 20  ? -1.459  9.536   -1.033  1.00 33.56  ? 155 GLN A O     1 
ATOM   799  C CB    . GLN C 3 20  ? -2.300  12.536  -1.445  1.00 44.76  ? 155 GLN A CB    1 
ATOM   800  C CG    . GLN C 3 20  ? -2.321  14.018  -1.123  1.00 53.43  ? 155 GLN A CG    1 
ATOM   801  C CD    . GLN C 3 20  ? -2.563  14.902  -2.320  1.00 64.42  ? 155 GLN A CD    1 
ATOM   802  O OE1   . GLN C 3 20  ? -2.609  14.444  -3.473  1.00 64.04  ? 155 GLN A OE1   1 
ATOM   803  N NE2   . GLN C 3 20  ? -2.730  16.193  -2.049  1.00 71.65  ? 155 GLN A NE2   1 
ATOM   804  N N     . TYR C 3 21  ? -3.458  9.759   -0.040  1.00 32.47  ? 156 TYR A N     1 
ATOM   805  C CA    . TYR C 3 21  ? -3.859  8.341   -0.251  1.00 31.30  ? 156 TYR A CA    1 
ATOM   806  C C     . TYR C 3 21  ? -3.524  7.844   -1.628  1.00 29.72  ? 156 TYR A C     1 
ATOM   807  O O     . TYR C 3 21  ? -2.795  6.862   -1.772  1.00 31.25  ? 156 TYR A O     1 
ATOM   808  C CB    . TYR C 3 21  ? -5.328  8.187   -0.019  1.00 33.05  ? 156 TYR A CB    1 
ATOM   809  C CG    . TYR C 3 21  ? -5.790  8.110   1.436   1.00 32.34  ? 156 TYR A CG    1 
ATOM   810  C CD1   . TYR C 3 21  ? -4.945  8.415   2.509   1.00 36.69  ? 156 TYR A CD1   1 
ATOM   811  C CD2   . TYR C 3 21  ? -7.099  7.726   1.731   1.00 30.91  ? 156 TYR A CD2   1 
ATOM   812  C CE1   . TYR C 3 21  ? -5.394  8.328   3.847   1.00 37.33  ? 156 TYR A CE1   1 
ATOM   813  C CE2   . TYR C 3 21  ? -7.559  7.662   3.046   1.00 35.26  ? 156 TYR A CE2   1 
ATOM   814  C CZ    . TYR C 3 21  ? -6.697  7.957   4.108   1.00 35.66  ? 156 TYR A CZ    1 
ATOM   815  O OH    . TYR C 3 21  ? -7.150  7.882   5.412   1.00 41.31  ? 156 TYR A OH    1 
ATOM   816  N N     . ASP C 3 22  ? -3.968  8.569   -2.648  1.00 29.14  ? 157 ASP A N     1 
ATOM   817  C CA    . ASP C 3 22  ? -3.761  8.106   -4.014  1.00 30.94  ? 157 ASP A CA    1 
ATOM   818  C C     . ASP C 3 22  ? -2.379  8.319   -4.610  1.00 33.05  ? 157 ASP A C     1 
ATOM   819  O O     . ASP C 3 22  ? -2.166  7.945   -5.768  1.00 35.34  ? 157 ASP A O     1 
ATOM   820  C CB    . ASP C 3 22  ? -4.878  8.597   -4.909  1.00 30.13  ? 157 ASP A CB    1 
ATOM   821  C CG    . ASP C 3 22  ? -6.194  7.844   -4.667  1.00 28.13  ? 157 ASP A CG    1 
ATOM   822  O OD1   . ASP C 3 22  ? -6.269  6.958   -3.797  1.00 23.86  ? 157 ASP A OD1   1 
ATOM   823  O OD2   . ASP C 3 22  ? -7.171  8.116   -5.403  1.00 32.16  ? 157 ASP A OD2   1 
ATOM   824  N N     . ASP C 3 23  ? -1.438  8.863   -3.837  1.00 32.23  ? 158 ASP A N     1 
ATOM   825  C CA    . ASP C 3 23  ? -0.013  8.832   -4.213  1.00 35.84  ? 158 ASP A CA    1 
ATOM   826  C C     . ASP C 3 23  ? 0.552   7.426   -4.037  1.00 34.41  ? 158 ASP A C     1 
ATOM   827  O O     . ASP C 3 23  ? 1.597   7.105   -4.609  1.00 32.86  ? 158 ASP A O     1 
ATOM   828  C CB    . ASP C 3 23  ? 0.837   9.749   -3.308  1.00 43.29  ? 158 ASP A CB    1 
ATOM   829  C CG    . ASP C 3 23  ? 0.591   11.251  -3.533  1.00 52.46  ? 158 ASP A CG    1 
ATOM   830  O OD1   . ASP C 3 23  ? 0.164   11.645  -4.664  1.00 46.31  ? 158 ASP A OD1   1 
ATOM   831  O OD2   . ASP C 3 23  ? 0.906   12.034  -2.569  1.00 66.91  ? 158 ASP A OD2   1 
ATOM   832  N N     . ILE C 3 24  ? -0.131  6.614   -3.211  1.00 29.53  ? 159 ILE A N     1 
ATOM   833  C CA    . ILE C 3 24  ? 0.362   5.322   -2.773  1.00 28.25  ? 159 ILE A CA    1 
ATOM   834  C C     . ILE C 3 24  ? -0.196  4.225   -3.667  1.00 27.08  ? 159 ILE A C     1 
ATOM   835  O O     . ILE C 3 24  ? -1.396  4.104   -3.802  1.00 25.24  ? 159 ILE A O     1 
ATOM   836  C CB    . ILE C 3 24  ? -0.016  5.086   -1.310  1.00 29.03  ? 159 ILE A CB    1 
ATOM   837  C CG1   . ILE C 3 24  ? 0.649   6.182   -0.453  1.00 32.10  ? 159 ILE A CG1   1 
ATOM   838  C CG2   . ILE C 3 24  ? 0.311   3.664   -0.864  1.00 28.87  ? 159 ILE A CG2   1 
ATOM   839  C CD1   . ILE C 3 24  ? 0.130   6.182   0.968   1.00 34.77  ? 159 ILE A CD1   1 
ATOM   840  N N     . MET C 3 25  ? 0.700   3.453   -4.299  1.00 26.88  ? 160 MET A N     1 
ATOM   841  C CA    . MET C 3 25  ? 0.299   2.296   -5.103  1.00 27.28  ? 160 MET A CA    1 
ATOM   842  C C     . MET C 3 25  ? -0.090  1.118   -4.164  1.00 26.66  ? 160 MET A C     1 
ATOM   843  O O     . MET C 3 25  ? -1.188  0.526   -4.280  1.00 23.02  ? 160 MET A O     1 
ATOM   844  C CB    . MET C 3 25  ? 1.424   1.854   -6.044  1.00 27.51  ? 160 MET A CB    1 
ATOM   845  C CG    . MET C 3 25  ? 2.017   2.896   -7.000  1.00 31.03  ? 160 MET A CG    1 
ATOM   846  S SD    . MET C 3 25  ? 0.858   3.653   -8.183  1.00 32.52  ? 160 MET A SD    1 
ATOM   847  C CE    . MET C 3 25  ? 0.748   5.262   -7.468  1.00 32.07  ? 160 MET A CE    1 
ATOM   848  N N     . PHE C 3 26  ? 0.848   0.778   -3.279  1.00 28.38  ? 161 PHE A N     1 
ATOM   849  C CA    . PHE C 3 26  ? 0.686   -0.248  -2.265  1.00 27.69  ? 161 PHE A CA    1 
ATOM   850  C C     . PHE C 3 26  ? 1.669   -0.102  -1.100  1.00 27.92  ? 161 PHE A C     1 
ATOM   851  O O     . PHE C 3 26  ? 2.634   0.649   -1.178  1.00 25.34  ? 161 PHE A O     1 
ATOM   852  C CB    . PHE C 3 26  ? 0.825   -1.612  -2.897  1.00 26.54  ? 161 PHE A CB    1 
ATOM   853  C CG    . PHE C 3 26  ? 2.196   -1.911  -3.483  1.00 27.76  ? 161 PHE A CG    1 
ATOM   854  C CD1   . PHE C 3 26  ? 2.540   -1.536  -4.801  1.00 30.46  ? 161 PHE A CD1   1 
ATOM   855  C CD2   . PHE C 3 26  ? 3.122   -2.633  -2.753  1.00 27.52  ? 161 PHE A CD2   1 
ATOM   856  C CE1   . PHE C 3 26  ? 3.778   -1.859  -5.336  1.00 27.00  ? 161 PHE A CE1   1 
ATOM   857  C CE2   . PHE C 3 26  ? 4.353   -2.987  -3.293  1.00 27.33  ? 161 PHE A CE2   1 
ATOM   858  C CZ    . PHE C 3 26  ? 4.681   -2.614  -4.587  1.00 26.16  ? 161 PHE A CZ    1 
ATOM   859  N N     . PHE C 3 27  ? 1.358   -0.787  0.003   1.00 29.25  ? 162 PHE A N     1 
ATOM   860  C CA    . PHE C 3 27  ? 2.271   -0.974  1.117   1.00 27.25  ? 162 PHE A CA    1 
ATOM   861  C C     . PHE C 3 27  ? 2.718   -2.425  1.111   1.00 27.46  ? 162 PHE A C     1 
ATOM   862  O O     . PHE C 3 27  ? 1.946   -3.306  0.778   1.00 27.39  ? 162 PHE A O     1 
ATOM   863  C CB    . PHE C 3 27  ? 1.581   -0.715  2.424   1.00 27.31  ? 162 PHE A CB    1 
ATOM   864  C CG    . PHE C 3 27  ? 0.940   0.645   2.550   1.00 26.95  ? 162 PHE A CG    1 
ATOM   865  C CD1   . PHE C 3 27  ? 1.644   1.708   3.091   1.00 29.56  ? 162 PHE A CD1   1 
ATOM   866  C CD2   . PHE C 3 27  ? -0.401  0.830   2.224   1.00 28.23  ? 162 PHE A CD2   1 
ATOM   867  C CE1   . PHE C 3 27  ? 1.055   2.949   3.256   1.00 26.16  ? 162 PHE A CE1   1 
ATOM   868  C CE2   . PHE C 3 27  ? -1.017  2.058   2.391   1.00 28.73  ? 162 PHE A CE2   1 
ATOM   869  C CZ    . PHE C 3 27  ? -0.288  3.118   2.921   1.00 27.21  ? 162 PHE A CZ    1 
ATOM   870  N N     . GLU C 3 28  ? 3.950   -2.661  1.524   1.00 28.50  ? 163 GLU A N     1 
ATOM   871  C CA    . GLU C 3 28  ? 4.547   -3.992  1.580   1.00 30.03  ? 163 GLU A CA    1 
ATOM   872  C C     . GLU C 3 28  ? 5.216   -4.134  2.985   1.00 30.91  ? 163 GLU A C     1 
ATOM   873  O O     . GLU C 3 28  ? 5.641   -3.197  3.585   1.00 32.64  ? 163 GLU A O     1 
ATOM   874  C CB    . GLU C 3 28  ? 5.625   -4.070  0.468   1.00 32.30  ? 163 GLU A CB    1 
ATOM   875  C CG    . GLU C 3 28  ? 6.325   -5.423  0.435   1.00 35.57  ? 163 GLU A CG    1 
ATOM   876  C CD    . GLU C 3 28  ? 7.372   -5.567  -0.622  1.00 37.27  ? 163 GLU A CD    1 
ATOM   877  O OE1   . GLU C 3 28  ? 7.710   -4.574  -1.283  1.00 40.13  ? 163 GLU A OE1   1 
ATOM   878  O OE2   . GLU C 3 28  ? 7.858   -6.703  -0.702  1.00 45.25  ? 163 GLU A OE2   1 
ATOM   879  N N     . SER C 3 29  ? 5.349   -5.260  3.587   1.00 28.98  ? 164 SER A N     1 
ATOM   880  C CA    A SER C 3 29  ? 6.163   -5.291  4.784   0.50 28.86  ? 164 SER A CA    1 
ATOM   881  C CA    B SER C 3 29  ? 6.168   -5.336  4.779   0.50 29.28  ? 164 SER A CA    1 
ATOM   882  C C     . SER C 3 29  ? 7.649   -5.169  4.419   1.00 31.02  ? 164 SER A C     1 
ATOM   883  O O     . SER C 3 29  ? 8.097   -5.711  3.393   1.00 31.60  ? 164 SER A O     1 
ATOM   884  C CB    A SER C 3 29  ? 5.907   -6.591  5.496   0.50 28.81  ? 164 SER A CB    1 
ATOM   885  C CB    B SER C 3 29  ? 5.982   -6.711  5.374   0.50 29.37  ? 164 SER A CB    1 
ATOM   886  O OG    A SER C 3 29  ? 6.040   -7.686  4.620   0.50 27.64  ? 164 SER A OG    1 
ATOM   887  O OG    B SER C 3 29  ? 4.646   -6.943  5.770   0.50 29.84  ? 164 SER A OG    1 
ATOM   888  N N     . SER C 3 30  ? 8.407   -4.475  5.281   1.00 31.30  ? 165 SER A N     1 
ATOM   889  C CA    . SER C 3 30  ? 9.817   -4.292  5.109   1.00 32.66  ? 165 SER A CA    1 
ATOM   890  C C     . SER C 3 30  ? 10.548  -5.559  5.503   1.00 35.87  ? 165 SER A C     1 
ATOM   891  O O     . SER C 3 30  ? 10.019  -6.376  6.257   1.00 31.61  ? 165 SER A O     1 
ATOM   892  C CB    . SER C 3 30  ? 10.310  -3.149  6.000   1.00 30.59  ? 165 SER A CB    1 
ATOM   893  O OG    . SER C 3 30  ? 11.703  -2.924  5.779   1.00 29.25  ? 165 SER A OG    1 
ATOM   894  N N     . THR C 3 31  ? 11.786  -5.689  5.035   1.00 37.40  ? 166 THR A N     1 
ATOM   895  C CA    . THR C 3 31  ? 12.688  -6.716  5.562   1.00 39.99  ? 166 THR A CA    1 
ATOM   896  C C     . THR C 3 31  ? 13.108  -6.339  7.005   1.00 44.83  ? 166 THR A C     1 
ATOM   897  O O     . THR C 3 31  ? 13.455  -7.219  7.801   1.00 49.94  ? 166 THR A O     1 
ATOM   898  C CB    . THR C 3 31  ? 13.937  -6.847  4.695   1.00 41.74  ? 166 THR A CB    1 
ATOM   899  O OG1   . THR C 3 31  ? 14.577  -5.579  4.628   1.00 42.34  ? 166 THR A OG1   1 
ATOM   900  C CG2   . THR C 3 31  ? 13.573  -7.294  3.276   1.00 42.91  ? 166 THR A CG2   1 
ATOM   901  N N     . LYS C 3 32  ? 13.031  -5.046  7.341   1.00 42.97  ? 167 LYS A N     1 
ATOM   902  C CA    . LYS C 3 32  ? 13.273  -4.561  8.687   1.00 41.90  ? 167 LYS A CA    1 
ATOM   903  C C     . LYS C 3 32  ? 12.011  -4.696  9.519   1.00 39.02  ? 167 LYS A C     1 
ATOM   904  O O     . LYS C 3 32  ? 10.967  -4.190  9.164   1.00 39.47  ? 167 LYS A O     1 
ATOM   905  C CB    . LYS C 3 32  ? 13.720  -3.078  8.707   1.00 44.61  ? 167 LYS A CB    1 
ATOM   906  C CG    . LYS C 3 32  ? 14.903  -2.697  7.801   1.00 49.38  ? 167 LYS A CG    1 
ATOM   907  C CD    . LYS C 3 32  ? 15.272  -1.239  8.086   1.00 54.74  ? 167 LYS A CD    1 
ATOM   908  C CE    . LYS C 3 32  ? 16.462  -0.742  7.289   1.00 54.69  ? 167 LYS A CE    1 
ATOM   909  N NZ    . LYS C 3 32  ? 16.091  0.095   6.130   1.00 49.82  ? 167 LYS A NZ    1 
ATOM   910  N N     . SER C 3 33  ? 12.150  -5.332  10.676  1.00 41.14  ? 168 SER A N     1 
ATOM   911  C CA    . SER C 3 33  ? 11.032  -5.710  11.527  1.00 39.03  ? 168 SER A CA    1 
ATOM   912  C C     . SER C 3 33  ? 10.189  -4.513  11.938  1.00 37.07  ? 168 SER A C     1 
ATOM   913  O O     . SER C 3 33  ? 10.724  -3.473  12.324  1.00 36.92  ? 168 SER A O     1 
ATOM   914  C CB    . SER C 3 33  ? 11.581  -6.446  12.776  1.00 40.92  ? 168 SER A CB    1 
ATOM   915  O OG    . SER C 3 33  ? 10.566  -6.673  13.783  1.00 48.58  ? 168 SER A OG    1 
ATOM   916  N N     . HIS C 3 34  ? 8.874   -4.662  11.847  1.00 34.63  ? 169 HIS A N     1 
ATOM   917  C CA    . HIS C 3 34  ? 7.889   -3.632  12.246  1.00 33.53  ? 169 HIS A CA    1 
ATOM   918  C C     . HIS C 3 34  ? 7.800   -2.423  11.354  1.00 32.94  ? 169 HIS A C     1 
ATOM   919  O O     . HIS C 3 34  ? 7.084   -1.442  11.677  1.00 30.83  ? 169 HIS A O     1 
ATOM   920  C CB    . HIS C 3 34  ? 8.079   -3.188  13.687  1.00 34.87  ? 169 HIS A CB    1 
ATOM   921  C CG    . HIS C 3 34  ? 7.579   -4.196  14.662  1.00 43.54  ? 169 HIS A CG    1 
ATOM   922  N ND1   . HIS C 3 34  ? 8.312   -5.312  15.006  1.00 43.81  ? 169 HIS A ND1   1 
ATOM   923  C CD2   . HIS C 3 34  ? 6.405   -4.280  15.337  1.00 41.18  ? 169 HIS A CD2   1 
ATOM   924  C CE1   . HIS C 3 34  ? 7.615   -6.026  15.864  1.00 41.76  ? 169 HIS A CE1   1 
ATOM   925  N NE2   . HIS C 3 34  ? 6.460   -5.421  16.086  1.00 41.41  ? 169 HIS A NE2   1 
ATOM   926  N N     . ARG C 3 35  ? 8.491   -2.496  10.226  1.00 32.57  ? 170 ARG A N     1 
ATOM   927  C CA    . ARG C 3 35  ? 8.457   -1.412  9.299   1.00 35.58  ? 170 ARG A CA    1 
ATOM   928  C C     . ARG C 3 35  ? 7.771   -1.869  8.030   1.00 35.34  ? 170 ARG A C     1 
ATOM   929  O O     . ARG C 3 35  ? 7.741   -3.040  7.662   1.00 35.29  ? 170 ARG A O     1 
ATOM   930  C CB    . ARG C 3 35  ? 9.861   -0.865  9.046   1.00 37.28  ? 170 ARG A CB    1 
ATOM   931  C CG    . ARG C 3 35  ? 10.298  0.112   10.127  1.00 38.74  ? 170 ARG A CG    1 
ATOM   932  C CD    . ARG C 3 35  ? 11.780  0.018   10.385  1.00 40.55  ? 170 ARG A CD    1 
ATOM   933  N NE    . ARG C 3 35  ? 12.079  -1.170  11.189  1.00 44.32  ? 170 ARG A NE    1 
ATOM   934  C CZ    . ARG C 3 35  ? 13.253  -1.449  11.754  1.00 47.68  ? 170 ARG A CZ    1 
ATOM   935  N NH1   . ARG C 3 35  ? 14.321  -0.651  11.611  1.00 46.89  ? 170 ARG A NH1   1 
ATOM   936  N NH2   . ARG C 3 35  ? 13.366  -2.566  12.464  1.00 51.88  ? 170 ARG A NH2   1 
ATOM   937  N N     . LEU C 3 36  ? 7.192   -0.885  7.376   1.00 34.69  ? 171 LEU A N     1 
ATOM   938  C CA    . LEU C 3 36  ? 6.525   -1.072  6.130   1.00 30.50  ? 171 LEU A CA    1 
ATOM   939  C C     . LEU C 3 36  ? 7.211   -0.159  5.153   1.00 29.68  ? 171 LEU A C     1 
ATOM   940  O O     . LEU C 3 36  ? 7.903   0.728   5.538   1.00 28.18  ? 171 LEU A O     1 
ATOM   941  C CB    . LEU C 3 36  ? 5.059   -0.655  6.285   1.00 29.00  ? 171 LEU A CB    1 
ATOM   942  C CG    . LEU C 3 36  ? 4.259   -1.401  7.359   1.00 26.36  ? 171 LEU A CG    1 
ATOM   943  C CD1   . LEU C 3 36  ? 2.878   -0.792  7.418   1.00 26.67  ? 171 LEU A CD1   1 
ATOM   944  C CD2   . LEU C 3 36  ? 4.197   -2.895  7.058   1.00 26.97  ? 171 LEU A CD2   1 
ATOM   945  N N     . ILE C 3 37  ? 6.959   -0.391  3.882   1.00 30.23  ? 172 ILE A N     1 
ATOM   946  C CA    . ILE C 3 37  ? 7.367   0.462   2.803   1.00 28.61  ? 172 ILE A CA    1 
ATOM   947  C C     . ILE C 3 37  ? 6.127   0.844   2.022   1.00 26.33  ? 172 ILE A C     1 
ATOM   948  O O     . ILE C 3 37  ? 5.485   -0.013  1.458   1.00 28.80  ? 172 ILE A O     1 
ATOM   949  C CB    . ILE C 3 37  ? 8.377   -0.269  1.865   1.00 29.65  ? 172 ILE A CB    1 
ATOM   950  C CG1   . ILE C 3 37  ? 9.554   -0.830  2.700   1.00 31.00  ? 172 ILE A CG1   1 
ATOM   951  C CG2   . ILE C 3 37  ? 8.833   0.713   0.767   1.00 30.60  ? 172 ILE A CG2   1 
ATOM   952  C CD1   . ILE C 3 37  ? 10.456  -1.700  1.896   1.00 33.99  ? 172 ILE A CD1   1 
ATOM   953  N N     . ALA C 3 38  ? 5.832   2.137   1.982   1.00 27.57  ? 173 ALA A N     1 
ATOM   954  C CA    . ALA C 3 38  ? 4.884   2.733   1.053   1.00 28.69  ? 173 ALA A CA    1 
ATOM   955  C C     . ALA C 3 38  ? 5.523   2.920   -0.310  1.00 31.98  ? 173 ALA A C     1 
ATOM   956  O O     . ALA C 3 38  ? 6.538   3.588   -0.441  1.00 31.33  ? 173 ALA A O     1 
ATOM   957  C CB    . ALA C 3 38  ? 4.376   4.082   1.573   1.00 28.77  ? 173 ALA A CB    1 
ATOM   958  N N     . HIS C 3 39  ? 4.944   2.256   -1.316  1.00 31.99  ? 174 HIS A N     1 
ATOM   959  C CA    . HIS C 3 39  ? 5.355   2.418   -2.687  1.00 30.82  ? 174 HIS A CA    1 
ATOM   960  C C     . HIS C 3 39  ? 4.491   3.507   -3.342  1.00 33.46  ? 174 HIS A C     1 
ATOM   961  O O     . HIS C 3 39  ? 3.295   3.284   -3.623  1.00 37.15  ? 174 HIS A O     1 
ATOM   962  C CB    . HIS C 3 39  ? 5.215   1.098   -3.417  1.00 26.77  ? 174 HIS A CB    1 
ATOM   963  C CG    . HIS C 3 39  ? 6.237   0.103   -3.029  1.00 27.75  ? 174 HIS A CG    1 
ATOM   964  N ND1   . HIS C 3 39  ? 7.287   -0.244  -3.844  1.00 29.60  ? 174 HIS A ND1   1 
ATOM   965  C CD2   . HIS C 3 39  ? 6.399   -0.603  -1.883  1.00 29.44  ? 174 HIS A CD2   1 
ATOM   966  C CE1   . HIS C 3 39  ? 8.039   -1.147  -3.227  1.00 31.43  ? 174 HIS A CE1   1 
ATOM   967  N NE2   . HIS C 3 39  ? 7.518   -1.384  -2.038  1.00 29.29  ? 174 HIS A NE2   1 
ATOM   968  N N     . LEU C 3 40  ? 5.088   4.680   -3.552  1.00 33.20  ? 175 LEU A N     1 
ATOM   969  C CA    . LEU C 3 40  ? 4.408   5.821   -4.203  1.00 35.66  ? 175 LEU A CA    1 
ATOM   970  C C     . LEU C 3 40  ? 4.731   5.830   -5.678  1.00 33.55  ? 175 LEU A C     1 
ATOM   971  O O     . LEU C 3 40  ? 5.502   4.999   -6.148  1.00 33.74  ? 175 LEU A O     1 
ATOM   972  C CB    . LEU C 3 40  ? 4.871   7.150   -3.614  1.00 38.86  ? 175 LEU A CB    1 
ATOM   973  C CG    . LEU C 3 40  ? 4.351   7.634   -2.267  1.00 39.53  ? 175 LEU A CG    1 
ATOM   974  C CD1   . LEU C 3 40  ? 4.643   6.627   -1.157  1.00 38.81  ? 175 LEU A CD1   1 
ATOM   975  C CD2   . LEU C 3 40  ? 5.014   8.977   -1.979  1.00 40.25  ? 175 LEU A CD2   1 
ATOM   976  N N     . ASP C 3 41  ? 4.138   6.752   -6.412  1.00 38.60  ? 176 ASP A N     1 
ATOM   977  C CA    . ASP C 3 41  ? 4.389   6.884   -7.839  1.00 39.16  ? 176 ASP A CA    1 
ATOM   978  C C     . ASP C 3 41  ? 5.821   6.648   -8.242  1.00 40.72  ? 176 ASP A C     1 
ATOM   979  O O     . ASP C 3 41  ? 6.086   5.810   -9.099  1.00 40.70  ? 176 ASP A O     1 
ATOM   980  C CB    . ASP C 3 41  ? 4.039   8.284   -8.263  1.00 50.20  ? 176 ASP A CB    1 
ATOM   981  C CG    . ASP C 3 41  ? 2.913   8.335   -9.196  1.00 54.01  ? 176 ASP A CG    1 
ATOM   982  O OD1   . ASP C 3 41  ? 2.785   7.448   -10.073 1.00 50.02  ? 176 ASP A OD1   1 
ATOM   983  O OD2   . ASP C 3 41  ? 2.156   9.317   -9.063  1.00 69.48  ? 176 ASP A OD2   1 
ATOM   984  N N     . ASN C 3 42  ? 6.751   7.403   -7.664  1.00 42.54  ? 177 ASN A N     1 
ATOM   985  C CA    . ASN C 3 42  ? 8.183   7.246   -8.010  1.00 46.39  ? 177 ASN A CA    1 
ATOM   986  C C     . ASN C 3 42  ? 9.091   7.151   -6.809  1.00 42.95  ? 177 ASN A C     1 
ATOM   987  O O     . ASN C 3 42  ? 10.287  7.257   -6.961  1.00 41.69  ? 177 ASN A O     1 
ATOM   988  C CB    . ASN C 3 42  ? 8.688   8.425   -8.842  1.00 54.09  ? 177 ASN A CB    1 
ATOM   989  C CG    . ASN C 3 42  ? 7.717   8.852   -9.901  1.00 66.62  ? 177 ASN A CG    1 
ATOM   990  O OD1   . ASN C 3 42  ? 7.405   8.091   -10.825 1.00 85.40  ? 177 ASN A OD1   1 
ATOM   991  N ND2   . ASN C 3 42  ? 7.215   10.072  -9.774  1.00 76.11  ? 177 ASN A ND2   1 
ATOM   992  N N     . ARG C 3 43  ? 8.542   7.012   -5.606  1.00 41.90  ? 178 ARG A N     1 
ATOM   993  C CA    . ARG C 3 43  ? 9.364   6.945   -4.405  1.00 40.63  ? 178 ARG A CA    1 
ATOM   994  C C     . ARG C 3 43  ? 8.867   5.869   -3.485  1.00 34.74  ? 178 ARG A C     1 
ATOM   995  O O     . ARG C 3 43  ? 7.750   5.473   -3.576  1.00 34.58  ? 178 ARG A O     1 
ATOM   996  C CB    . ARG C 3 43  ? 9.292   8.276   -3.684  1.00 43.15  ? 178 ARG A CB    1 
ATOM   997  C CG    . ARG C 3 43  ? 9.827   9.516   -4.432  1.00 53.10  ? 178 ARG A CG    1 
ATOM   998  C CD    . ARG C 3 43  ? 9.331   10.771  -3.719  1.00 57.92  ? 178 ARG A CD    1 
ATOM   999  N NE    . ARG C 3 43  ? 10.075  11.990  -4.044  1.00 72.29  ? 178 ARG A NE    1 
ATOM   1000 C CZ    . ARG C 3 43  ? 9.896   12.728  -5.140  1.00 77.15  ? 178 ARG A CZ    1 
ATOM   1001 N NH1   . ARG C 3 43  ? 9.011   12.360  -6.068  1.00 92.31  ? 178 ARG A NH1   1 
ATOM   1002 N NH2   . ARG C 3 43  ? 10.602  13.846  -5.321  1.00 68.98  ? 178 ARG A NH2   1 
ATOM   1003 N N     . GLN C 3 44  ? 9.714   5.447   -2.574  1.00 33.29  ? 179 GLN A N     1 
ATOM   1004 C CA    . GLN C 3 44  ? 9.367   4.509   -1.536  1.00 27.89  ? 179 GLN A CA    1 
ATOM   1005 C C     . GLN C 3 44  ? 9.712   5.139   -0.217  1.00 27.26  ? 179 GLN A C     1 
ATOM   1006 O O     . GLN C 3 44  ? 10.741  5.749   -0.099  1.00 27.54  ? 179 GLN A O     1 
ATOM   1007 C CB    . GLN C 3 44  ? 10.160  3.265   -1.710  1.00 28.13  ? 179 GLN A CB    1 
ATOM   1008 C CG    . GLN C 3 44  ? 9.902   2.536   -3.022  1.00 32.43  ? 179 GLN A CG    1 
ATOM   1009 C CD    . GLN C 3 44  ? 10.802  3.012   -4.168  1.00 36.75  ? 179 GLN A CD    1 
ATOM   1010 O OE1   . GLN C 3 44  ? 10.314  3.423   -5.231  1.00 44.14  ? 179 GLN A OE1   1 
ATOM   1011 N NE2   . GLN C 3 44  ? 12.113  2.973   -3.956  1.00 32.89  ? 179 GLN A NE2   1 
ATOM   1012 N N     . ILE C 3 45  ? 8.826   5.013   0.759   1.00 27.28  ? 180 ILE A N     1 
ATOM   1013 C CA    . ILE C 3 45  ? 8.972   5.545   2.072   1.00 25.79  ? 180 ILE A CA    1 
ATOM   1014 C C     . ILE C 3 45  ? 8.811   4.419   3.072   1.00 29.17  ? 180 ILE A C     1 
ATOM   1015 O O     . ILE C 3 45  ? 7.760   3.767   3.153   1.00 28.62  ? 180 ILE A O     1 
ATOM   1016 C CB    . ILE C 3 45  ? 7.915   6.627   2.365   1.00 26.98  ? 180 ILE A CB    1 
ATOM   1017 C CG1   . ILE C 3 45  ? 7.941   7.708   1.285   1.00 28.46  ? 180 ILE A CG1   1 
ATOM   1018 C CG2   . ILE C 3 45  ? 8.226   7.285   3.687   1.00 28.15  ? 180 ILE A CG2   1 
ATOM   1019 C CD1   . ILE C 3 45  ? 6.876   8.783   1.445   1.00 31.69  ? 180 ILE A CD1   1 
ATOM   1020 N N     . GLU C 3 46  ? 9.867   4.178   3.839   1.00 31.62  ? 181 GLU A N     1 
ATOM   1021 C CA    . GLU C 3 46  ? 9.850   3.192   4.930   1.00 32.86  ? 181 GLU A CA    1 
ATOM   1022 C C     . GLU C 3 46  ? 9.387   3.871   6.226   1.00 33.73  ? 181 GLU A C     1 
ATOM   1023 O O     . GLU C 3 46  ? 9.843   4.949   6.566   1.00 36.71  ? 181 GLU A O     1 
ATOM   1024 C CB    . GLU C 3 46  ? 11.225  2.522   5.079   1.00 33.11  ? 181 GLU A CB    1 
ATOM   1025 C CG    . GLU C 3 46  ? 11.278  1.422   6.125   1.00 33.62  ? 181 GLU A CG    1 
ATOM   1026 C CD    . GLU C 3 46  ? 12.624  0.715   6.180   1.00 36.17  ? 181 GLU A CD    1 
ATOM   1027 O OE1   . GLU C 3 46  ? 13.603  1.421   6.501   1.00 41.57  ? 181 GLU A OE1   1 
ATOM   1028 O OE2   . GLU C 3 46  ? 12.709  -0.535  5.991   1.00 35.43  ? 181 GLU A OE2   1 
ATOM   1029 N N     . PHE C 3 47  ? 8.475   3.239   6.949   1.00 31.80  ? 182 PHE A N     1 
ATOM   1030 C CA    . PHE C 3 47  ? 7.982   3.778   8.202   1.00 30.10  ? 182 PHE A CA    1 
ATOM   1031 C C     . PHE C 3 47  ? 7.519   2.637   9.145   1.00 32.24  ? 182 PHE A C     1 
ATOM   1032 O O     . PHE C 3 47  ? 7.386   1.491   8.738   1.00 33.72  ? 182 PHE A O     1 
ATOM   1033 C CB    . PHE C 3 47  ? 6.854   4.750   7.891   1.00 26.29  ? 182 PHE A CB    1 
ATOM   1034 C CG    . PHE C 3 47  ? 5.633   4.098   7.323   1.00 27.07  ? 182 PHE A CG    1 
ATOM   1035 C CD1   . PHE C 3 47  ? 5.600   3.699   6.008   1.00 27.51  ? 182 PHE A CD1   1 
ATOM   1036 C CD2   . PHE C 3 47  ? 4.510   3.879   8.104   1.00 28.74  ? 182 PHE A CD2   1 
ATOM   1037 C CE1   . PHE C 3 47  ? 4.505   3.079   5.479   1.00 27.36  ? 182 PHE A CE1   1 
ATOM   1038 C CE2   . PHE C 3 47  ? 3.401   3.246   7.579   1.00 25.57  ? 182 PHE A CE2   1 
ATOM   1039 C CZ    . PHE C 3 47  ? 3.395   2.844   6.274   1.00 24.77  ? 182 PHE A CZ    1 
ATOM   1040 N N     . TYR C 3 48  ? 7.251   2.973   10.393  1.00 33.58  ? 183 TYR A N     1 
ATOM   1041 C CA    . TYR C 3 48  ? 6.677   2.063   11.369  1.00 30.56  ? 183 TYR A CA    1 
ATOM   1042 C C     . TYR C 3 48  ? 5.178   2.094   11.269  1.00 28.65  ? 183 TYR A C     1 
ATOM   1043 O O     . TYR C 3 48  ? 4.539   3.119   11.396  1.00 29.14  ? 183 TYR A O     1 
ATOM   1044 C CB    . TYR C 3 48  ? 7.085   2.496   12.789  1.00 33.49  ? 183 TYR A CB    1 
ATOM   1045 C CG    . TYR C 3 48  ? 8.495   2.167   13.107  1.00 35.68  ? 183 TYR A CG    1 
ATOM   1046 C CD1   . TYR C 3 48  ? 9.516   3.058   12.806  1.00 38.70  ? 183 TYR A CD1   1 
ATOM   1047 C CD2   . TYR C 3 48  ? 8.836   0.928   13.676  1.00 40.51  ? 183 TYR A CD2   1 
ATOM   1048 C CE1   . TYR C 3 48  ? 10.845  2.745   13.077  1.00 40.70  ? 183 TYR A CE1   1 
ATOM   1049 C CE2   . TYR C 3 48  ? 10.174  0.588   13.952  1.00 40.72  ? 183 TYR A CE2   1 
ATOM   1050 C CZ    . TYR C 3 48  ? 11.174  1.513   13.674  1.00 43.09  ? 183 TYR A CZ    1 
ATOM   1051 O OH    . TYR C 3 48  ? 12.495  1.196   13.918  1.00 41.44  ? 183 TYR A OH    1 
ATOM   1052 N N     . GLY C 3 49  ? 4.604   0.930   11.074  1.00 29.93  ? 184 GLY A N     1 
ATOM   1053 C CA    . GLY C 3 49  ? 3.157   0.740   11.201  1.00 27.92  ? 184 GLY A CA    1 
ATOM   1054 C C     . GLY C 3 49  ? 2.812   -0.703  10.903  1.00 27.56  ? 184 GLY A C     1 
ATOM   1055 O O     . GLY C 3 49  ? 3.702   -1.539  10.776  1.00 27.44  ? 184 GLY A O     1 
ATOM   1056 N N     . ASN C 3 50  ? 1.524   -1.002  10.789  1.00 29.49  ? 185 ASN A N     1 
ATOM   1057 C CA    . ASN C 3 50  ? 1.094   -2.345  10.495  1.00 32.89  ? 185 ASN A CA    1 
ATOM   1058 C C     . ASN C 3 50  ? 0.020   -2.368  9.403   1.00 31.86  ? 185 ASN A C     1 
ATOM   1059 O O     . ASN C 3 50  ? -0.792  -1.467  9.272   1.00 33.70  ? 185 ASN A O     1 
ATOM   1060 C CB    . ASN C 3 50  ? 0.634   -3.107  11.794  1.00 36.06  ? 185 ASN A CB    1 
ATOM   1061 C CG    . ASN C 3 50  ? -0.623  -2.521  12.404  1.00 33.92  ? 185 ASN A CG    1 
ATOM   1062 O OD1   . ASN C 3 50  ? -1.725  -2.896  12.065  1.00 37.50  ? 185 ASN A OD1   1 
ATOM   1063 N ND2   . ASN C 3 50  ? -0.452  -1.545  13.243  1.00 36.83  ? 185 ASN A ND2   1 
ATOM   1064 N N     . LEU C 3 51  ? 0.007   -3.462  8.658   1.00 30.86  ? 186 LEU A N     1 
ATOM   1065 C CA    . LEU C 3 51  ? -0.832  -3.595  7.511   1.00 31.60  ? 186 LEU A CA    1 
ATOM   1066 C C     . LEU C 3 51  ? -2.294  -3.664  7.871   1.00 33.95  ? 186 LEU A C     1 
ATOM   1067 O O     . LEU C 3 51  ? -3.129  -3.065  7.188   1.00 38.03  ? 186 LEU A O     1 
ATOM   1068 C CB    . LEU C 3 51  ? -0.385  -4.822  6.685   1.00 32.72  ? 186 LEU A CB    1 
ATOM   1069 C CG    . LEU C 3 51  ? 1.017   -4.771  6.045   1.00 31.31  ? 186 LEU A CG    1 
ATOM   1070 C CD1   . LEU C 3 51  ? 1.363   -6.142  5.497   1.00 33.56  ? 186 LEU A CD1   1 
ATOM   1071 C CD2   . LEU C 3 51  ? 1.135   -3.735  4.942   1.00 31.13  ? 186 LEU A CD2   1 
ATOM   1072 N N     . LYS C 3 52  ? -2.620  -4.392  8.933   1.00 37.06  ? 187 LYS A N     1 
ATOM   1073 C CA    . LYS C 3 52  ? -4.008  -4.433  9.465   1.00 38.95  ? 187 LYS A CA    1 
ATOM   1074 C C     . LYS C 3 52  ? -4.620  -3.034  9.640   1.00 33.25  ? 187 LYS A C     1 
ATOM   1075 O O     . LYS C 3 52  ? -5.697  -2.762  9.164   1.00 31.83  ? 187 LYS A O     1 
ATOM   1076 C CB    . LYS C 3 52  ? -4.044  -5.199  10.793  1.00 43.45  ? 187 LYS A CB    1 
ATOM   1077 C CG    . LYS C 3 52  ? -5.390  -5.280  11.519  1.00 56.65  ? 187 LYS A CG    1 
ATOM   1078 C CD    . LYS C 3 52  ? -6.447  -6.072  10.764  1.00 65.69  ? 187 LYS A CD    1 
ATOM   1079 C CE    . LYS C 3 52  ? -7.641  -6.456  11.656  1.00 76.36  ? 187 LYS A CE    1 
ATOM   1080 N NZ    . LYS C 3 52  ? -8.949  -6.781  10.955  1.00 73.82  ? 187 LYS A NZ    1 
ATOM   1081 N N     . GLU C 3 53  ? -3.907  -2.156  10.316  1.00 32.99  ? 188 GLU A N     1 
ATOM   1082 C CA    . GLU C 3 53  ? -4.419  -0.842  10.606  1.00 34.92  ? 188 GLU A CA    1 
ATOM   1083 C C     . GLU C 3 53  ? -4.633  -0.042  9.323   1.00 32.60  ? 188 GLU A C     1 
ATOM   1084 O O     . GLU C 3 53  ? -5.622  0.638   9.184   1.00 37.13  ? 188 GLU A O     1 
ATOM   1085 C CB    . GLU C 3 53  ? -3.514  -0.135  11.622  1.00 38.57  ? 188 GLU A CB    1 
ATOM   1086 C CG    . GLU C 3 53  ? -3.946  1.286   11.976  1.00 46.41  ? 188 GLU A CG    1 
ATOM   1087 C CD    . GLU C 3 53  ? -3.424  2.347   10.993  1.00 55.03  ? 188 GLU A CD    1 
ATOM   1088 O OE1   . GLU C 3 53  ? -2.371  2.115   10.338  1.00 52.84  ? 188 GLU A OE1   1 
ATOM   1089 O OE2   . GLU C 3 53  ? -4.068  3.429   10.876  1.00 66.97  ? 188 GLU A OE2   1 
ATOM   1090 N N     . LEU C 3 54  ? -3.728  -0.161  8.369   1.00 34.75  ? 189 LEU A N     1 
ATOM   1091 C CA    . LEU C 3 54  ? -3.869  0.567   7.106   1.00 35.72  ? 189 LEU A CA    1 
ATOM   1092 C C     . LEU C 3 54  ? -5.097  0.097   6.302   1.00 34.45  ? 189 LEU A C     1 
ATOM   1093 O O     . LEU C 3 54  ? -5.783  0.909   5.646   1.00 31.86  ? 189 LEU A O     1 
ATOM   1094 C CB    . LEU C 3 54  ? -2.592  0.443   6.254   1.00 37.12  ? 189 LEU A CB    1 
ATOM   1095 C CG    . LEU C 3 54  ? -1.300  1.004   6.851   1.00 40.86  ? 189 LEU A CG    1 
ATOM   1096 C CD1   . LEU C 3 54  ? -0.068  0.627   6.030   1.00 40.68  ? 189 LEU A CD1   1 
ATOM   1097 C CD2   . LEU C 3 54  ? -1.415  2.511   7.052   1.00 37.56  ? 189 LEU A CD2   1 
ATOM   1098 N N     . SER C 3 55  ? -5.361  -1.201  6.334   1.00 30.98  ? 190 SER A N     1 
ATOM   1099 C CA    . SER C 3 55  ? -6.526  -1.753  5.643   1.00 32.69  ? 190 SER A CA    1 
ATOM   1100 C C     . SER C 3 55  ? -7.833  -1.241  6.279   1.00 39.81  ? 190 SER A C     1 
ATOM   1101 O O     . SER C 3 55  ? -8.854  -1.100  5.601   1.00 46.70  ? 190 SER A O     1 
ATOM   1102 C CB    . SER C 3 55  ? -6.489  -3.293  5.649   1.00 31.33  ? 190 SER A CB    1 
ATOM   1103 O OG    . SER C 3 55  ? -6.728  -3.828  6.943   1.00 32.17  ? 190 SER A OG    1 
ATOM   1104 N N     . GLN C 3 56  ? -7.814  -0.980  7.579   1.00 45.23  ? 191 GLN A N     1 
ATOM   1105 C CA    . GLN C 3 56  ? -9.003  -0.422  8.265   1.00 48.75  ? 191 GLN A CA    1 
ATOM   1106 C C     . GLN C 3 56  ? -9.234  1.062   8.038   1.00 46.29  ? 191 GLN A C     1 
ATOM   1107 O O     . GLN C 3 56  ? -10.311 1.548   8.356   1.00 41.66  ? 191 GLN A O     1 
ATOM   1108 C CB    . GLN C 3 56  ? -8.911  -0.678  9.752   1.00 51.34  ? 191 GLN A CB    1 
ATOM   1109 C CG    . GLN C 3 56  ? -9.040  -2.170  10.058  1.00 56.25  ? 191 GLN A CG    1 
ATOM   1110 C CD    . GLN C 3 56  ? -8.634  -2.506  11.472  1.00 64.50  ? 191 GLN A CD    1 
ATOM   1111 O OE1   . GLN C 3 56  ? -7.862  -1.772  12.108  1.00 60.79  ? 191 GLN A OE1   1 
ATOM   1112 N NE2   . GLN C 3 56  ? -9.154  -3.612  11.980  1.00 72.25  ? 191 GLN A NE2   1 
ATOM   1113 N N     . LEU C 3 57  ? -8.228  1.762   7.501   1.00 43.05  ? 192 LEU A N     1 
ATOM   1114 C CA    . LEU C 3 57  ? -8.314  3.203   7.228   1.00 40.21  ? 192 LEU A CA    1 
ATOM   1115 C C     . LEU C 3 57  ? -9.350  3.595   6.200   1.00 37.16  ? 192 LEU A C     1 
ATOM   1116 O O     . LEU C 3 57  ? -9.949  4.641   6.318   1.00 33.08  ? 192 LEU A O     1 
ATOM   1117 C CB    . LEU C 3 57  ? -6.983  3.770   6.722   1.00 40.58  ? 192 LEU A CB    1 
ATOM   1118 C CG    . LEU C 3 57  ? -6.005  4.488   7.645   1.00 42.51  ? 192 LEU A CG    1 
ATOM   1119 C CD1   . LEU C 3 57  ? -4.829  4.914   6.749   1.00 40.41  ? 192 LEU A CD1   1 
ATOM   1120 C CD2   . LEU C 3 57  ? -6.625  5.682   8.394   1.00 38.29  ? 192 LEU A CD2   1 
ATOM   1121 N N     . ASP C 3 58  ? -9.546  2.776   5.175   1.00 39.11  ? 193 ASP A N     1 
ATOM   1122 C CA    . ASP C 3 58  ? -10.327 3.183   3.991   1.00 36.90  ? 193 ASP A CA    1 
ATOM   1123 C C     . ASP C 3 58  ? -10.590 1.971   3.133   1.00 34.48  ? 193 ASP A C     1 
ATOM   1124 O O     . ASP C 3 58  ? -9.769  1.069   3.058   1.00 39.26  ? 193 ASP A O     1 
ATOM   1125 C CB    . ASP C 3 58  ? -9.543  4.222   3.187   1.00 39.60  ? 193 ASP A CB    1 
ATOM   1126 C CG    . ASP C 3 58  ? -10.389 4.936   2.190   1.00 42.22  ? 193 ASP A CG    1 
ATOM   1127 O OD1   . ASP C 3 58  ? -10.727 4.357   1.127   1.00 39.43  ? 193 ASP A OD1   1 
ATOM   1128 O OD2   . ASP C 3 58  ? -10.705 6.101   2.481   1.00 51.42  ? 193 ASP A OD2   1 
ATOM   1129 N N     . ASP C 3 59  ? -11.736 1.934   2.492   1.00 35.51  ? 194 ASP A N     1 
ATOM   1130 C CA    . ASP C 3 59  ? -12.090 0.800   1.666   1.00 35.60  ? 194 ASP A CA    1 
ATOM   1131 C C     . ASP C 3 59  ? -11.135 0.563   0.545   1.00 31.84  ? 194 ASP A C     1 
ATOM   1132 O O     . ASP C 3 59  ? -11.007 -0.577  0.094   1.00 30.53  ? 194 ASP A O     1 
ATOM   1133 C CB    . ASP C 3 59  ? -13.491 0.953   1.086   1.00 43.57  ? 194 ASP A CB    1 
ATOM   1134 C CG    . ASP C 3 59  ? -14.584 0.461   2.052   1.00 57.01  ? 194 ASP A CG    1 
ATOM   1135 O OD1   . ASP C 3 59  ? -14.392 0.519   3.296   1.00 53.31  ? 194 ASP A OD1   1 
ATOM   1136 O OD2   . ASP C 3 59  ? -15.635 -0.012  1.549   1.00 68.46  ? 194 ASP A OD2   1 
ATOM   1137 N N     . ARG C 3 60  ? -10.460 1.611   0.087   1.00 30.82  ? 195 ARG A N     1 
ATOM   1138 C CA    . ARG C 3 60  ? -9.615  1.484   -1.075  1.00 29.91  ? 195 ARG A CA    1 
ATOM   1139 C C     . ARG C 3 60  ? -8.356  0.681   -0.737  1.00 31.74  ? 195 ARG A C     1 
ATOM   1140 O O     . ARG C 3 60  ? -7.714  0.135   -1.643  1.00 31.84  ? 195 ARG A O     1 
ATOM   1141 C CB    . ARG C 3 60  ? -9.266  2.835   -1.680  1.00 30.72  ? 195 ARG A CB    1 
ATOM   1142 C CG    . ARG C 3 60  ? -8.162  3.580   -0.956  1.00 33.32  ? 195 ARG A CG    1 
ATOM   1143 C CD    . ARG C 3 60  ? -7.994  4.984   -1.476  1.00 34.04  ? 195 ARG A CD    1 
ATOM   1144 N NE    . ARG C 3 60  ? -9.067  5.857   -1.000  1.00 37.53  ? 195 ARG A NE    1 
ATOM   1145 C CZ    . ARG C 3 60  ? -9.205  7.149   -1.297  1.00 36.19  ? 195 ARG A CZ    1 
ATOM   1146 N NH1   . ARG C 3 60  ? -8.337  7.753   -2.078  1.00 33.39  ? 195 ARG A NH1   1 
ATOM   1147 N NH2   . ARG C 3 60  ? -10.233 7.840   -0.795  1.00 36.95  ? 195 ARG A NH2   1 
ATOM   1148 N N     . PHE C 3 61  ? -8.032  0.603   0.546   1.00 29.67  ? 196 PHE A N     1 
ATOM   1149 C CA    . PHE C 3 61  ? -6.903  -0.100  1.015   1.00 32.27  ? 196 PHE A CA    1 
ATOM   1150 C C     . PHE C 3 61  ? -7.311  -1.498  1.402   1.00 35.38  ? 196 PHE A C     1 
ATOM   1151 O O     . PHE C 3 61  ? -7.918  -1.683  2.447   1.00 37.30  ? 196 PHE A O     1 
ATOM   1152 C CB    . PHE C 3 61  ? -6.248  0.645   2.204   1.00 30.90  ? 196 PHE A CB    1 
ATOM   1153 C CG    . PHE C 3 61  ? -5.692  1.977   1.837   1.00 30.37  ? 196 PHE A CG    1 
ATOM   1154 C CD1   . PHE C 3 61  ? -4.780  2.104   0.843   1.00 30.33  ? 196 PHE A CD1   1 
ATOM   1155 C CD2   . PHE C 3 61  ? -6.057  3.121   2.542   1.00 36.52  ? 196 PHE A CD2   1 
ATOM   1156 C CE1   . PHE C 3 61  ? -4.240  3.341   0.530   1.00 30.47  ? 196 PHE A CE1   1 
ATOM   1157 C CE2   . PHE C 3 61  ? -5.548  4.372   2.197   1.00 31.70  ? 196 PHE A CE2   1 
ATOM   1158 C CZ    . PHE C 3 61  ? -4.643  4.476   1.193   1.00 28.26  ? 196 PHE A CZ    1 
ATOM   1159 N N     . PHE C 3 62  ? -6.945  -2.468  0.545   1.00 39.77  ? 197 PHE A N     1 
ATOM   1160 C CA    . PHE C 3 62  ? -7.336  -3.870  0.688   1.00 34.96  ? 197 PHE A CA    1 
ATOM   1161 C C     . PHE C 3 62  ? -6.124  -4.798  0.912   1.00 32.71  ? 197 PHE A C     1 
ATOM   1162 O O     . PHE C 3 62  ? -5.131  -4.753  0.178   1.00 27.23  ? 197 PHE A O     1 
ATOM   1163 C CB    . PHE C 3 62  ? -8.062  -4.302  -0.563  1.00 34.65  ? 197 PHE A CB    1 
ATOM   1164 C CG    . PHE C 3 62  ? -8.462  -5.755  -0.556  1.00 38.13  ? 197 PHE A CG    1 
ATOM   1165 C CD1   . PHE C 3 62  ? -9.475  -6.214  0.300   1.00 38.11  ? 197 PHE A CD1   1 
ATOM   1166 C CD2   . PHE C 3 62  ? -7.818  -6.683  -1.399  1.00 37.42  ? 197 PHE A CD2   1 
ATOM   1167 C CE1   . PHE C 3 62  ? -9.822  -7.574  0.308   1.00 41.58  ? 197 PHE A CE1   1 
ATOM   1168 C CE2   . PHE C 3 62  ? -8.171  -8.034  -1.386  1.00 37.57  ? 197 PHE A CE2   1 
ATOM   1169 C CZ    . PHE C 3 62  ? -9.167  -8.485  -0.539  1.00 39.67  ? 197 PHE A CZ    1 
ATOM   1170 N N     . ARG C 3 63  ? -6.249  -5.645  1.931   1.00 31.57  ? 198 ARG A N     1 
ATOM   1171 C CA    . ARG C 3 63  ? -5.278  -6.691  2.234   1.00 30.26  ? 198 ARG A CA    1 
ATOM   1172 C C     . ARG C 3 63  ? -5.323  -7.833  1.182   1.00 31.35  ? 198 ARG A C     1 
ATOM   1173 O O     . ARG C 3 63  ? -6.037  -8.824  1.350   1.00 29.21  ? 198 ARG A O     1 
ATOM   1174 C CB    . ARG C 3 63  ? -5.566  -7.260  3.613   1.00 28.87  ? 198 ARG A CB    1 
ATOM   1175 C CG    . ARG C 3 63  ? -4.462  -8.135  4.198   1.00 30.08  ? 198 ARG A CG    1 
ATOM   1176 C CD    . ARG C 3 63  ? -3.268  -7.295  4.580   1.00 29.30  ? 198 ARG A CD    1 
ATOM   1177 N NE    . ARG C 3 63  ? -2.268  -8.036  5.308   1.00 30.45  ? 198 ARG A NE    1 
ATOM   1178 C CZ    . ARG C 3 63  ? -2.171  -8.094  6.631   1.00 29.05  ? 198 ARG A CZ    1 
ATOM   1179 N NH1   . ARG C 3 63  ? -3.028  -7.485  7.400   1.00 29.21  ? 198 ARG A NH1   1 
ATOM   1180 N NH2   . ARG C 3 63  ? -1.195  -8.766  7.182   1.00 29.53  ? 198 ARG A NH2   1 
ATOM   1181 N N     . CYS C 3 64  ? -4.553  -7.682  0.100   1.00 29.01  ? 199 CYS A N     1 
ATOM   1182 C CA    . CYS C 3 64  ? -4.538  -8.686  -0.953  1.00 27.51  ? 199 CYS A CA    1 
ATOM   1183 C C     . CYS C 3 64  ? -3.601  -9.859  -0.692  1.00 25.34  ? 199 CYS A C     1 
ATOM   1184 O O     . CYS C 3 64  ? -3.590  -10.821 -1.466  1.00 29.99  ? 199 CYS A O     1 
ATOM   1185 C CB    . CYS C 3 64  ? -4.202  -8.036  -2.306  1.00 31.17  ? 199 CYS A CB    1 
ATOM   1186 S SG    . CYS C 3 64  ? -2.474  -7.534  -2.529  1.00 29.85  ? 199 CYS A SG    1 
ATOM   1187 N N     . HIS C 3 65  ? -2.869  -9.820  0.413   1.00 25.66  ? 200 HIS A N     1 
ATOM   1188 C CA    . HIS C 3 65  ? -1.851  -10.803 0.750   1.00 26.41  ? 200 HIS A CA    1 
ATOM   1189 C C     . HIS C 3 65  ? -1.435  -10.524 2.177   1.00 27.12  ? 200 HIS A C     1 
ATOM   1190 O O     . HIS C 3 65  ? -1.494  -9.378  2.651   1.00 29.00  ? 200 HIS A O     1 
ATOM   1191 C CB    . HIS C 3 65  ? -0.643  -10.628 -0.178  1.00 30.43  ? 200 HIS A CB    1 
ATOM   1192 C CG    . HIS C 3 65  ? 0.376   -11.739 -0.125  1.00 28.74  ? 200 HIS A CG    1 
ATOM   1193 N ND1   . HIS C 3 65  ? 1.368   -11.798 0.830   1.00 31.20  ? 200 HIS A ND1   1 
ATOM   1194 C CD2   . HIS C 3 65  ? 0.619   -12.759 -0.978  1.00 27.28  ? 200 HIS A CD2   1 
ATOM   1195 C CE1   . HIS C 3 65  ? 2.138   -12.847 0.600   1.00 30.94  ? 200 HIS A CE1   1 
ATOM   1196 N NE2   . HIS C 3 65  ? 1.685   -13.466 -0.476  1.00 28.56  ? 200 HIS A NE2   1 
ATOM   1197 N N     . ASN C 3 66  ? -0.993  -11.545 2.885   1.00 26.23  ? 201 ASN A N     1 
ATOM   1198 C CA    . ASN C 3 66  ? -0.401  -11.282 4.211   1.00 28.75  ? 201 ASN A CA    1 
ATOM   1199 C C     . ASN C 3 66  ? 0.669   -10.136 4.286   1.00 30.20  ? 201 ASN A C     1 
ATOM   1200 O O     . ASN C 3 66  ? 0.732   -9.435  5.282   1.00 29.79  ? 201 ASN A O     1 
ATOM   1201 C CB    . ASN C 3 66  ? 0.181   -12.564 4.801   1.00 30.70  ? 201 ASN A CB    1 
ATOM   1202 C CG    . ASN C 3 66  ? 0.225   -12.577 6.347   1.00 30.40  ? 201 ASN A CG    1 
ATOM   1203 O OD1   . ASN C 3 66  ? -0.630  -12.013 7.028   1.00 30.32  ? 201 ASN A OD1   1 
ATOM   1204 N ND2   . ASN C 3 66  ? 1.235   -13.264 6.892   1.00 27.85  ? 201 ASN A ND2   1 
ATOM   1205 N N     . SER C 3 67  ? 1.415   -9.897  3.203   1.00 30.53  ? 202 SER A N     1 
ATOM   1206 C CA    . SER C 3 67  ? 2.531   -8.960  3.159   1.00 29.85  ? 202 SER A CA    1 
ATOM   1207 C C     . SER C 3 67  ? 2.196   -7.674  2.364   1.00 28.73  ? 202 SER A C     1 
ATOM   1208 O O     . SER C 3 67  ? 3.038   -6.786  2.316   1.00 26.35  ? 202 SER A O     1 
ATOM   1209 C CB    . SER C 3 67  ? 3.814   -9.582  2.524   1.00 29.52  ? 202 SER A CB    1 
ATOM   1210 O OG    . SER C 3 67  ? 4.244   -10.746 3.167   1.00 28.49  ? 202 SER A OG    1 
ATOM   1211 N N     . PHE C 3 68  ? 0.999   -7.582  1.750   1.00 27.71  ? 203 PHE A N     1 
ATOM   1212 C CA    . PHE C 3 68  ? 0.608   -6.436  0.922   1.00 26.54  ? 203 PHE A CA    1 
ATOM   1213 C C     . PHE C 3 68  ? -0.773  -5.834  1.261   1.00 25.34  ? 203 PHE A C     1 
ATOM   1214 O O     . PHE C 3 68  ? -1.750  -6.540  1.466   1.00 27.39  ? 203 PHE A O     1 
ATOM   1215 C CB    . PHE C 3 68  ? 0.691   -6.785  -0.558  1.00 28.42  ? 203 PHE A CB    1 
ATOM   1216 C CG    . PHE C 3 68  ? 2.070   -7.246  -1.011  1.00 28.92  ? 203 PHE A CG    1 
ATOM   1217 C CD1   . PHE C 3 68  ? 3.070   -6.326  -1.349  1.00 28.24  ? 203 PHE A CD1   1 
ATOM   1218 C CD2   . PHE C 3 68  ? 2.376   -8.611  -1.083  1.00 29.09  ? 203 PHE A CD2   1 
ATOM   1219 C CE1   . PHE C 3 68  ? 4.305   -6.764  -1.817  1.00 26.82  ? 203 PHE A CE1   1 
ATOM   1220 C CE2   . PHE C 3 68  ? 3.634   -9.039  -1.488  1.00 28.53  ? 203 PHE A CE2   1 
ATOM   1221 C CZ    . PHE C 3 68  ? 4.594   -8.122  -1.854  1.00 26.15  ? 203 PHE A CZ    1 
ATOM   1222 N N     . VAL C 3 69  ? -0.814  -4.509  1.374   1.00 26.05  ? 204 VAL A N     1 
ATOM   1223 C CA    . VAL C 3 69  ? -2.042  -3.723  1.266   1.00 28.67  ? 204 VAL A CA    1 
ATOM   1224 C C     . VAL C 3 69  ? -1.973  -2.875  -0.019  1.00 28.64  ? 204 VAL A C     1 
ATOM   1225 O O     . VAL C 3 69  ? -1.080  -2.062  -0.173  1.00 29.49  ? 204 VAL A O     1 
ATOM   1226 C CB    . VAL C 3 69  ? -2.287  -2.841  2.503   1.00 26.94  ? 204 VAL A CB    1 
ATOM   1227 C CG1   . VAL C 3 69  ? -3.449  -1.903  2.261   1.00 25.55  ? 204 VAL A CG1   1 
ATOM   1228 C CG2   . VAL C 3 69  ? -2.560  -3.719  3.726   1.00 28.09  ? 204 VAL A CG2   1 
ATOM   1229 N N     . VAL C 3 70  ? -2.942  -3.065  -0.914  1.00 29.80  ? 205 VAL A N     1 
ATOM   1230 C CA    . VAL C 3 70  ? -2.999  -2.346  -2.185  1.00 29.15  ? 205 VAL A CA    1 
ATOM   1231 C C     . VAL C 3 70  ? -4.010  -1.203  -2.107  1.00 30.45  ? 205 VAL A C     1 
ATOM   1232 O O     . VAL C 3 70  ? -5.003  -1.280  -1.380  1.00 31.50  ? 205 VAL A O     1 
ATOM   1233 C CB    . VAL C 3 70  ? -3.349  -3.269  -3.365  1.00 28.10  ? 205 VAL A CB    1 
ATOM   1234 C CG1   . VAL C 3 70  ? -2.354  -4.399  -3.419  1.00 30.80  ? 205 VAL A CG1   1 
ATOM   1235 C CG2   . VAL C 3 70  ? -4.738  -3.885  -3.240  1.00 29.70  ? 205 VAL A CG2   1 
ATOM   1236 N N     . ASN C 3 71  ? -3.715  -0.147  -2.852  1.00 30.50  ? 206 ASN A N     1 
ATOM   1237 C CA    . ASN C 3 71  ? -4.631  0.919   -3.093  1.00 30.11  ? 206 ASN A CA    1 
ATOM   1238 C C     . ASN C 3 71  ? -5.389  0.604   -4.355  1.00 28.83  ? 206 ASN A C     1 
ATOM   1239 O O     . ASN C 3 71  ? -4.860  0.772   -5.447  1.00 25.05  ? 206 ASN A O     1 
ATOM   1240 C CB    . ASN C 3 71  ? -3.919  2.271   -3.224  1.00 29.52  ? 206 ASN A CB    1 
ATOM   1241 C CG    . ASN C 3 71  ? -4.887  3.437   -3.297  1.00 28.35  ? 206 ASN A CG    1 
ATOM   1242 O OD1   . ASN C 3 71  ? -6.049  3.250   -3.596  1.00 28.94  ? 206 ASN A OD1   1 
ATOM   1243 N ND2   . ASN C 3 71  ? -4.398  4.655   -3.000  1.00 29.45  ? 206 ASN A ND2   1 
ATOM   1244 N N     . ARG C 3 72  ? -6.669  0.250   -4.186  1.00 29.45  ? 207 ARG A N     1 
ATOM   1245 C CA    . ARG C 3 72  ? -7.548  -0.105  -5.311  1.00 31.26  ? 207 ARG A CA    1 
ATOM   1246 C C     . ARG C 3 72  ? -7.603  0.960   -6.423  1.00 31.07  ? 207 ARG A C     1 
ATOM   1247 O O     . ARG C 3 72  ? -7.773  0.634   -7.610  1.00 27.88  ? 207 ARG A O     1 
ATOM   1248 C CB    . ARG C 3 72  ? -8.981  -0.441  -4.829  1.00 30.43  ? 207 ARG A CB    1 
ATOM   1249 C CG    . ARG C 3 72  ? -9.121  -1.830  -4.173  1.00 32.87  ? 207 ARG A CG    1 
ATOM   1250 C CD    . ARG C 3 72  ? -10.457 -2.021  -3.460  1.00 33.56  ? 207 ARG A CD    1 
ATOM   1251 N NE    . ARG C 3 72  ? -10.767 -3.431  -3.182  1.00 35.31  ? 207 ARG A NE    1 
ATOM   1252 C CZ    . ARG C 3 72  ? -11.339 -3.902  -2.075  1.00 34.85  ? 207 ARG A CZ    1 
ATOM   1253 N NH1   . ARG C 3 72  ? -11.655 -3.098  -1.057  1.00 36.03  ? 207 ARG A NH1   1 
ATOM   1254 N NH2   . ARG C 3 72  ? -11.586 -5.194  -1.986  1.00 34.53  ? 207 ARG A NH2   1 
ATOM   1255 N N     . HIS C 3 73  ? -7.469  2.227   -6.046  1.00 30.10  ? 208 HIS A N     1 
ATOM   1256 C CA    . HIS C 3 73  ? -7.596  3.310   -7.004  1.00 28.14  ? 208 HIS A CA    1 
ATOM   1257 C C     . HIS C 3 73  ? -6.448  3.320   -8.002  1.00 32.49  ? 208 HIS A C     1 
ATOM   1258 O O     . HIS C 3 73  ? -6.565  3.943   -9.047  1.00 33.23  ? 208 HIS A O     1 
ATOM   1259 C CB    . HIS C 3 73  ? -7.576  4.626   -6.225  1.00 31.35  ? 208 HIS A CB    1 
ATOM   1260 C CG    . HIS C 3 73  ? -8.845  4.901   -5.484  1.00 30.18  ? 208 HIS A CG    1 
ATOM   1261 N ND1   . HIS C 3 73  ? -9.138  6.137   -4.950  1.00 29.91  ? 208 HIS A ND1   1 
ATOM   1262 C CD2   . HIS C 3 73  ? -9.895  4.097   -5.194  1.00 29.04  ? 208 HIS A CD2   1 
ATOM   1263 C CE1   . HIS C 3 73  ? -10.318 6.078   -4.358  1.00 32.09  ? 208 HIS A CE1   1 
ATOM   1264 N NE2   . HIS C 3 73  ? -10.798 4.856   -4.497  1.00 31.32  ? 208 HIS A NE2   1 
ATOM   1265 N N     . ASN C 3 74  ? -5.293  2.723   -7.626  1.00 33.25  ? 209 ASN A N     1 
ATOM   1266 C CA    . ASN C 3 74  ? -4.086  2.757   -8.431  1.00 29.08  ? 209 ASN A CA    1 
ATOM   1267 C C     . ASN C 3 74  ? -3.755  1.433   -9.120  1.00 28.73  ? 209 ASN A C     1 
ATOM   1268 O O     . ASN C 3 74  ? -2.734  1.326   -9.800  1.00 24.74  ? 209 ASN A O     1 
ATOM   1269 C CB    . ASN C 3 74  ? -2.942  3.223   -7.567  1.00 29.55  ? 209 ASN A CB    1 
ATOM   1270 C CG    . ASN C 3 74  ? -2.959  4.703   -7.360  1.00 30.05  ? 209 ASN A CG    1 
ATOM   1271 O OD1   . ASN C 3 74  ? -3.251  5.452   -8.288  1.00 29.86  ? 209 ASN A OD1   1 
ATOM   1272 N ND2   . ASN C 3 74  ? -2.636  5.147   -6.159  1.00 32.10  ? 209 ASN A ND2   1 
ATOM   1273 N N     . ILE C 3 75  ? -4.650  0.461   -8.984  1.00 27.86  ? 210 ILE A N     1 
ATOM   1274 C CA    . ILE C 3 75  ? -4.591  -0.775  -9.769  1.00 29.49  ? 210 ILE A CA    1 
ATOM   1275 C C     . ILE C 3 75  ? -4.892  -0.492  -11.217 1.00 29.59  ? 210 ILE A C     1 
ATOM   1276 O O     . ILE C 3 75  ? -5.915  0.030   -11.546 1.00 27.24  ? 210 ILE A O     1 
ATOM   1277 C CB    . ILE C 3 75  ? -5.560  -1.862  -9.221  1.00 25.01  ? 210 ILE A CB    1 
ATOM   1278 C CG1   . ILE C 3 75  ? -5.100  -2.281  -7.811  1.00 25.06  ? 210 ILE A CG1   1 
ATOM   1279 C CG2   . ILE C 3 75  ? -5.575  -3.113  -10.093 1.00 26.39  ? 210 ILE A CG2   1 
ATOM   1280 C CD1   . ILE C 3 75  ? -6.002  -3.294  -7.114  1.00 25.09  ? 210 ILE A CD1   1 
ATOM   1281 N N     . GLU C 3 76  ? -3.997  -0.907  -12.081 1.00 33.62  ? 211 GLU A N     1 
ATOM   1282 C CA    . GLU C 3 76  ? -4.240  -0.851  -13.509 1.00 37.77  ? 211 GLU A CA    1 
ATOM   1283 C C     . GLU C 3 76  ? -4.869  -2.160  -14.040 1.00 37.64  ? 211 GLU A C     1 
ATOM   1284 O O     . GLU C 3 76  ? -5.806  -2.122  -14.845 1.00 39.66  ? 211 GLU A O     1 
ATOM   1285 C CB    . GLU C 3 76  ? -2.911  -0.621  -14.197 1.00 42.58  ? 211 GLU A CB    1 
ATOM   1286 C CG    . GLU C 3 76  ? -3.016  -0.517  -15.696 1.00 51.83  ? 211 GLU A CG    1 
ATOM   1287 C CD    . GLU C 3 76  ? -1.816  0.149   -16.293 1.00 60.59  ? 211 GLU A CD    1 
ATOM   1288 O OE1   . GLU C 3 76  ? -1.780  1.401   -16.261 1.00 61.43  ? 211 GLU A OE1   1 
ATOM   1289 O OE2   . GLU C 3 76  ? -0.917  -0.588  -16.753 1.00 66.44  ? 211 GLU A OE2   1 
ATOM   1290 N N     . SER C 3 77  ? -4.281  -3.297  -13.656 1.00 37.21  ? 212 SER A N     1 
ATOM   1291 C CA    . SER C 3 77  ? -4.756  -4.618  -14.047 1.00 33.55  ? 212 SER A CA    1 
ATOM   1292 C C     . SER C 3 77  ? -4.336  -5.659  -13.058 1.00 32.45  ? 212 SER A C     1 
ATOM   1293 O O     . SER C 3 77  ? -3.499  -5.387  -12.193 1.00 30.75  ? 212 SER A O     1 
ATOM   1294 C CB    . SER C 3 77  ? -4.213  -4.984  -15.416 1.00 35.44  ? 212 SER A CB    1 
ATOM   1295 O OG    . SER C 3 77  ? -2.815  -5.129  -15.429 1.00 36.09  ? 212 SER A OG    1 
ATOM   1296 N N     . ILE C 3 78  ? -4.919  -6.847  -13.192 1.00 33.89  ? 213 ILE A N     1 
ATOM   1297 C CA    . ILE C 3 78  ? -4.547  -7.998  -12.402 1.00 34.78  ? 213 ILE A CA    1 
ATOM   1298 C C     . ILE C 3 78  ? -4.322  -9.206  -13.327 1.00 38.11  ? 213 ILE A C     1 
ATOM   1299 O O     . ILE C 3 78  ? -5.130  -9.498  -14.207 1.00 38.94  ? 213 ILE A O     1 
ATOM   1300 C CB    . ILE C 3 78  ? -5.617  -8.315  -11.355 1.00 39.71  ? 213 ILE A CB    1 
ATOM   1301 C CG1   . ILE C 3 78  ? -5.771  -7.124  -10.385 1.00 39.97  ? 213 ILE A CG1   1 
ATOM   1302 C CG2   . ILE C 3 78  ? -5.248  -9.537  -10.525 1.00 39.45  ? 213 ILE A CG2   1 
ATOM   1303 C CD1   . ILE C 3 78  ? -7.087  -7.086  -9.660  1.00 38.93  ? 213 ILE A CD1   1 
ATOM   1304 N N     . ASP C 3 79  ? -3.216  -9.918  -13.115 1.00 35.73  ? 214 ASP A N     1 
ATOM   1305 C CA    . ASP C 3 79  ? -3.006  -11.236 -13.716 1.00 33.79  ? 214 ASP A CA    1 
ATOM   1306 C C     . ASP C 3 79  ? -3.444  -12.176 -12.632 1.00 34.48  ? 214 ASP A C     1 
ATOM   1307 O O     . ASP C 3 79  ? -2.680  -12.520 -11.771 1.00 38.73  ? 214 ASP A O     1 
ATOM   1308 C CB    . ASP C 3 79  ? -1.514  -11.408 -14.093 1.00 36.01  ? 214 ASP A CB    1 
ATOM   1309 C CG    . ASP C 3 79  ? -1.177  -12.767 -14.690 1.00 36.82  ? 214 ASP A CG    1 
ATOM   1310 O OD1   . ASP C 3 79  ? -1.984  -13.729 -14.545 1.00 37.49  ? 214 ASP A OD1   1 
ATOM   1311 O OD2   . ASP C 3 79  ? -0.076  -12.851 -15.293 1.00 31.31  ? 214 ASP A OD2   1 
ATOM   1312 N N     . SER C 3 80  ? -4.701  -12.569 -12.652 1.00 35.01  ? 215 SER A N     1 
ATOM   1313 C CA    . SER C 3 80  ? -5.269  -13.367 -11.579 1.00 34.66  ? 215 SER A CA    1 
ATOM   1314 C C     . SER C 3 80  ? -4.817  -14.824 -11.643 1.00 37.50  ? 215 SER A C     1 
ATOM   1315 O O     . SER C 3 80  ? -4.789  -15.494 -10.615 1.00 38.13  ? 215 SER A O     1 
ATOM   1316 C CB    . SER C 3 80  ? -6.798  -13.300 -11.547 1.00 34.61  ? 215 SER A CB    1 
ATOM   1317 O OG    . SER C 3 80  ? -7.338  -13.780 -12.754 1.00 33.29  ? 215 SER A OG    1 
ATOM   1318 N N     . LYS C 3 81  ? -4.420  -15.299 -12.822 1.00 46.06  ? 216 LYS A N     1 
ATOM   1319 C CA    . LYS C 3 81  ? -3.828  -16.637 -12.965 1.00 49.83  ? 216 LYS A CA    1 
ATOM   1320 C C     . LYS C 3 81  ? -2.525  -16.755 -12.132 1.00 49.68  ? 216 LYS A C     1 
ATOM   1321 O O     . LYS C 3 81  ? -2.421  -17.667 -11.299 1.00 44.98  ? 216 LYS A O     1 
ATOM   1322 C CB    . LYS C 3 81  ? -3.576  -16.960 -14.439 1.00 58.04  ? 216 LYS A CB    1 
ATOM   1323 C CG    . LYS C 3 81  ? -3.153  -18.404 -14.710 1.00 70.36  ? 216 LYS A CG    1 
ATOM   1324 C CD    . LYS C 3 81  ? -2.795  -18.595 -16.186 1.00 81.26  ? 216 LYS A CD    1 
ATOM   1325 C CE    . LYS C 3 81  ? -2.346  -20.006 -16.526 1.00 82.50  ? 216 LYS A CE    1 
ATOM   1326 N NZ    . LYS C 3 81  ? -3.537  -20.883 -16.715 1.00 85.34  ? 216 LYS A NZ    1 
ATOM   1327 N N     . GLU C 3 82  ? -1.592  -15.811 -12.319 1.00 42.00  ? 217 GLU A N     1 
ATOM   1328 C CA    . GLU C 3 82  ? -0.322  -15.763 -11.558 1.00 36.91  ? 217 GLU A CA    1 
ATOM   1329 C C     . GLU C 3 82  ? -0.416  -14.987 -10.273 1.00 33.14  ? 217 GLU A C     1 
ATOM   1330 O O     . GLU C 3 82  ? 0.501   -15.027 -9.486  1.00 29.48  ? 217 GLU A O     1 
ATOM   1331 C CB    . GLU C 3 82  ? 0.835   -15.157 -12.392 1.00 45.73  ? 217 GLU A CB    1 
ATOM   1332 C CG    . GLU C 3 82  ? 1.051   -15.772 -13.794 1.00 50.22  ? 217 GLU A CG    1 
ATOM   1333 C CD    . GLU C 3 82  ? 1.048   -17.315 -13.789 1.00 60.08  ? 217 GLU A CD    1 
ATOM   1334 O OE1   . GLU C 3 82  ? 1.650   -17.908 -12.852 1.00 54.45  ? 217 GLU A OE1   1 
ATOM   1335 O OE2   . GLU C 3 82  ? 0.435   -17.952 -14.708 1.00 77.38  ? 217 GLU A OE2   1 
ATOM   1336 N N     . ARG C 3 83  ? -1.552  -14.313 -10.050 1.00 32.75  ? 218 ARG A N     1 
ATOM   1337 C CA    . ARG C 3 83  ? -1.843  -13.544 -8.850  1.00 29.48  ? 218 ARG A CA    1 
ATOM   1338 C C     . ARG C 3 83  ? -0.921  -12.387 -8.653  1.00 27.14  ? 218 ARG A C     1 
ATOM   1339 O O     . ARG C 3 83  ? -0.350  -12.209 -7.588  1.00 28.41  ? 218 ARG A O     1 
ATOM   1340 C CB    . ARG C 3 83  ? -1.874  -14.411 -7.598  1.00 32.65  ? 218 ARG A CB    1 
ATOM   1341 C CG    . ARG C 3 83  ? -2.816  -15.615 -7.729  1.00 34.72  ? 218 ARG A CG    1 
ATOM   1342 C CD    . ARG C 3 83  ? -2.975  -16.334 -6.422  1.00 33.14  ? 218 ARG A CD    1 
ATOM   1343 N NE    . ARG C 3 83  ? -1.687  -16.468 -5.745  1.00 39.60  ? 218 ARG A NE    1 
ATOM   1344 C CZ    . ARG C 3 83  ? -0.750  -17.405 -5.984  1.00 41.94  ? 218 ARG A CZ    1 
ATOM   1345 N NH1   . ARG C 3 83  ? -0.934  -18.378 -6.884  1.00 41.91  ? 218 ARG A NH1   1 
ATOM   1346 N NH2   . ARG C 3 83  ? 0.387   -17.380 -5.275  1.00 40.39  ? 218 ARG A NH2   1 
ATOM   1347 N N     . ILE C 3 84  ? -0.820  -11.569 -9.692  1.00 26.74  ? 219 ILE A N     1 
ATOM   1348 C CA    . ILE C 3 84  ? 0.022   -10.385 -9.677  1.00 26.50  ? 219 ILE A CA    1 
ATOM   1349 C C     . ILE C 3 84  ? -0.867  -9.197  -9.927  1.00 25.78  ? 219 ILE A C     1 
ATOM   1350 O O     . ILE C 3 84  ? -1.659  -9.182  -10.891 1.00 27.72  ? 219 ILE A O     1 
ATOM   1351 C CB    . ILE C 3 84  ? 1.132   -10.462 -10.748 1.00 26.75  ? 219 ILE A CB    1 
ATOM   1352 C CG1   . ILE C 3 84  ? 2.048   -11.660 -10.465 1.00 27.69  ? 219 ILE A CG1   1 
ATOM   1353 C CG2   . ILE C 3 84  ? 1.952   -9.203  -10.750 1.00 28.71  ? 219 ILE A CG2   1 
ATOM   1354 C CD1   . ILE C 3 84  ? 2.806   -12.069 -11.692 1.00 29.28  ? 219 ILE A CD1   1 
ATOM   1355 N N     . VAL C 3 85  ? -0.678  -8.175  -9.097  1.00 25.76  ? 220 VAL A N     1 
ATOM   1356 C CA    . VAL C 3 85  ? -1.371  -6.902  -9.239  1.00 26.28  ? 220 VAL A CA    1 
ATOM   1357 C C     . VAL C 3 85  ? -0.434  -5.875  -9.828  1.00 26.31  ? 220 VAL A C     1 
ATOM   1358 O O     . VAL C 3 85  ? 0.612   -5.608  -9.264  1.00 27.75  ? 220 VAL A O     1 
ATOM   1359 C CB    . VAL C 3 85  ? -1.908  -6.412  -7.880  1.00 26.14  ? 220 VAL A CB    1 
ATOM   1360 C CG1   . VAL C 3 85  ? -2.827  -5.221  -8.036  1.00 27.77  ? 220 VAL A CG1   1 
ATOM   1361 C CG2   . VAL C 3 85  ? -2.653  -7.534  -7.159  1.00 25.96  ? 220 VAL A CG2   1 
ATOM   1362 N N     . TYR C 3 86  ? -0.847  -5.288  -10.954 1.00 29.40  ? 221 TYR A N     1 
ATOM   1363 C CA    . TYR C 3 86  ? -0.140  -4.217  -11.628 1.00 27.35  ? 221 TYR A CA    1 
ATOM   1364 C C     . TYR C 3 86  ? -0.737  -2.845  -11.324 1.00 27.03  ? 221 TYR A C     1 
ATOM   1365 O O     . TYR C 3 86  ? -1.974  -2.677  -11.282 1.00 31.41  ? 221 TYR A O     1 
ATOM   1366 C CB    . TYR C 3 86  ? -0.162  -4.493  -13.117 1.00 27.62  ? 221 TYR A CB    1 
ATOM   1367 C CG    . TYR C 3 86  ? 0.595   -5.753  -13.478 1.00 30.22  ? 221 TYR A CG    1 
ATOM   1368 C CD1   . TYR C 3 86  ? 1.978   -5.744  -13.662 1.00 31.59  ? 221 TYR A CD1   1 
ATOM   1369 C CD2   . TYR C 3 86  ? -0.089  -6.950  -13.650 1.00 34.57  ? 221 TYR A CD2   1 
ATOM   1370 C CE1   . TYR C 3 86  ? 2.651   -6.913  -13.946 1.00 33.23  ? 221 TYR A CE1   1 
ATOM   1371 C CE2   . TYR C 3 86  ? 0.566   -8.118  -13.956 1.00 36.60  ? 221 TYR A CE2   1 
ATOM   1372 C CZ    . TYR C 3 86  ? 1.925   -8.087  -14.116 1.00 36.39  ? 221 TYR A CZ    1 
ATOM   1373 O OH    . TYR C 3 86  ? 2.497   -9.259  -14.447 1.00 36.29  ? 221 TYR A OH    1 
ATOM   1374 N N     . PHE C 3 87  ? 0.154   -1.870  -11.150 1.00 26.16  ? 222 PHE A N     1 
ATOM   1375 C CA    . PHE C 3 87  ? -0.197  -0.521  -10.792 1.00 26.69  ? 222 PHE A CA    1 
ATOM   1376 C C     . PHE C 3 87  ? 0.075   0.479   -11.913 1.00 30.75  ? 222 PHE A C     1 
ATOM   1377 O O     . PHE C 3 87  ? 0.858   0.244   -12.814 1.00 34.39  ? 222 PHE A O     1 
ATOM   1378 C CB    . PHE C 3 87  ? 0.529   -0.136  -9.510  1.00 27.06  ? 222 PHE A CB    1 
ATOM   1379 C CG    . PHE C 3 87  ? 0.106   -0.989  -8.340  1.00 27.18  ? 222 PHE A CG    1 
ATOM   1380 C CD1   . PHE C 3 87  ? -1.012  -0.654  -7.596  1.00 25.50  ? 222 PHE A CD1   1 
ATOM   1381 C CD2   . PHE C 3 87  ? 0.748   -2.178  -8.081  1.00 28.40  ? 222 PHE A CD2   1 
ATOM   1382 C CE1   . PHE C 3 87  ? -1.453  -1.486  -6.591  1.00 27.77  ? 222 PHE A CE1   1 
ATOM   1383 C CE2   . PHE C 3 87  ? 0.314   -3.023  -7.077  1.00 29.43  ? 222 PHE A CE2   1 
ATOM   1384 C CZ    . PHE C 3 87  ? -0.787  -2.688  -6.337  1.00 27.16  ? 222 PHE A CZ    1 
ATOM   1385 N N     . LYS C 3 88  ? -0.559  1.626   -11.830 1.00 32.16  ? 223 LYS A N     1 
ATOM   1386 C CA    . LYS C 3 88  ? -0.356  2.637   -12.833 1.00 40.95  ? 223 LYS A CA    1 
ATOM   1387 C C     . LYS C 3 88  ? 1.099   3.086   -13.109 1.00 39.08  ? 223 LYS A C     1 
ATOM   1388 O O     . LYS C 3 88  ? 1.359   3.517   -14.222 1.00 36.03  ? 223 LYS A O     1 
ATOM   1389 C CB    . LYS C 3 88  ? -1.204  3.863   -12.511 1.00 44.39  ? 223 LYS A CB    1 
ATOM   1390 C CG    . LYS C 3 88  ? -0.732  4.695   -11.341 1.00 48.12  ? 223 LYS A CG    1 
ATOM   1391 C CD    . LYS C 3 88  ? -1.670  5.884   -11.206 1.00 54.50  ? 223 LYS A CD    1 
ATOM   1392 C CE    . LYS C 3 88  ? -1.058  6.951   -10.352 1.00 61.69  ? 223 LYS A CE    1 
ATOM   1393 N NZ    . LYS C 3 88  ? -1.689  8.273   -10.498 1.00 67.06  ? 223 LYS A NZ    1 
ATOM   1394 N N     . ASN C 3 89  ? 1.994   3.011   -12.103 1.00 34.69  ? 224 ASN A N     1 
ATOM   1395 C CA    . ASN C 3 89  ? 3.431   3.354   -12.268 1.00 33.35  ? 224 ASN A CA    1 
ATOM   1396 C C     . ASN C 3 89  ? 4.317   2.232   -12.814 1.00 36.37  ? 224 ASN A C     1 
ATOM   1397 O O     . ASN C 3 89  ? 5.526   2.367   -12.822 1.00 33.36  ? 224 ASN A O     1 
ATOM   1398 C CB    . ASN C 3 89  ? 4.001   3.863   -10.942 1.00 31.75  ? 224 ASN A CB    1 
ATOM   1399 C CG    . ASN C 3 89  ? 4.166   2.762   -9.884  1.00 33.29  ? 224 ASN A CG    1 
ATOM   1400 O OD1   . ASN C 3 89  ? 3.621   1.646   -10.001 1.00 31.63  ? 224 ASN A OD1   1 
ATOM   1401 N ND2   . ASN C 3 89  ? 4.929   3.080   -8.829  1.00 30.04  ? 224 ASN A ND2   1 
ATOM   1402 N N     . LYS C 3 90  ? 3.707   1.100   -13.193 1.00 39.55  ? 225 LYS A N     1 
ATOM   1403 C CA    . LYS C 3 90  ? 4.390   -0.096  -13.718 1.00 40.07  ? 225 LYS A CA    1 
ATOM   1404 C C     . LYS C 3 90  ? 4.958   -1.042  -12.687 1.00 36.50  ? 225 LYS A C     1 
ATOM   1405 O O     . LYS C 3 90  ? 5.456   -2.114  -13.057 1.00 33.53  ? 225 LYS A O     1 
ATOM   1406 C CB    . LYS C 3 90  ? 5.482   0.209   -14.759 1.00 51.08  ? 225 LYS A CB    1 
ATOM   1407 C CG    . LYS C 3 90  ? 5.141   1.243   -15.819 1.00 60.13  ? 225 LYS A CG    1 
ATOM   1408 C CD    . LYS C 3 90  ? 3.993   0.793   -16.700 1.00 69.66  ? 225 LYS A CD    1 
ATOM   1409 C CE    . LYS C 3 90  ? 3.627   1.880   -17.707 1.00 73.35  ? 225 LYS A CE    1 
ATOM   1410 N NZ    . LYS C 3 90  ? 2.249   1.700   -18.260 1.00 72.09  ? 225 LYS A NZ    1 
ATOM   1411 N N     . GLU C 3 91  ? 4.885   -0.701  -11.402 1.00 34.27  ? 226 GLU A N     1 
ATOM   1412 C CA    . GLU C 3 91  ? 5.195   -1.688  -10.373 1.00 32.26  ? 226 GLU A CA    1 
ATOM   1413 C C     . GLU C 3 91  ? 4.144   -2.761  -10.324 1.00 29.05  ? 226 GLU A C     1 
ATOM   1414 O O     . GLU C 3 91  ? 3.081   -2.659  -10.928 1.00 31.56  ? 226 GLU A O     1 
ATOM   1415 C CB    . GLU C 3 91  ? 5.299   -1.070  -8.980  1.00 32.90  ? 226 GLU A CB    1 
ATOM   1416 C CG    . GLU C 3 91  ? 6.498   -0.149  -8.767  1.00 36.78  ? 226 GLU A CG    1 
ATOM   1417 C CD    . GLU C 3 91  ? 6.622   0.335   -7.326  1.00 33.19  ? 226 GLU A CD    1 
ATOM   1418 O OE1   . GLU C 3 91  ? 5.918   1.292   -6.912  1.00 35.61  ? 226 GLU A OE1   1 
ATOM   1419 O OE2   . GLU C 3 91  ? 7.422   -0.244  -6.588  1.00 30.06  ? 226 GLU A OE2   1 
ATOM   1420 N N     . HIS C 3 92  ? 4.463   -3.807  -9.584  1.00 31.17  ? 227 HIS A N     1 
ATOM   1421 C CA    . HIS C 3 92  ? 3.522   -4.869  -9.287  1.00 33.35  ? 227 HIS A CA    1 
ATOM   1422 C C     . HIS C 3 92  ? 3.778   -5.454  -7.902  1.00 32.50  ? 227 HIS A C     1 
ATOM   1423 O O     . HIS C 3 92  ? 4.880   -5.298  -7.323  1.00 27.29  ? 227 HIS A O     1 
ATOM   1424 C CB    . HIS C 3 92  ? 3.592   -5.975  -10.349 1.00 35.98  ? 227 HIS A CB    1 
ATOM   1425 C CG    . HIS C 3 92  ? 4.869   -6.742  -10.345 1.00 42.57  ? 227 HIS A CG    1 
ATOM   1426 N ND1   . HIS C 3 92  ? 5.982   -6.341  -11.056 1.00 46.33  ? 227 HIS A ND1   1 
ATOM   1427 C CD2   . HIS C 3 92  ? 5.215   -7.890  -9.710  1.00 46.71  ? 227 HIS A CD2   1 
ATOM   1428 C CE1   . HIS C 3 92  ? 6.955   -7.207  -10.861 1.00 44.69  ? 227 HIS A CE1   1 
ATOM   1429 N NE2   . HIS C 3 92  ? 6.515   -8.155  -10.053 1.00 49.29  ? 227 HIS A NE2   1 
ATOM   1430 N N     . CYS C 3 93  ? 2.771   -6.160  -7.403  1.00 31.28  ? 228 CYS A N     1 
ATOM   1431 C CA    . CYS C 3 93  ? 2.879   -6.875  -6.130  1.00 30.77  ? 228 CYS A CA    1 
ATOM   1432 C C     . CYS C 3 93  ? 2.110   -8.186  -6.208  1.00 31.29  ? 228 CYS A C     1 
ATOM   1433 O O     . CYS C 3 93  ? 1.586   -8.530  -7.246  1.00 31.10  ? 228 CYS A O     1 
ATOM   1434 C CB    . CYS C 3 93  ? 2.444   -6.001  -4.946  1.00 31.39  ? 228 CYS A CB    1 
ATOM   1435 S SG    . CYS C 3 93  ? 0.659   -5.783  -4.714  1.00 31.07  ? 228 CYS A SG    1 
ATOM   1436 N N     . TYR C 3 94  ? 2.116   -8.949  -5.120  1.00 34.15  ? 229 TYR A N     1 
ATOM   1437 C CA    . TYR C 3 94  ? 1.567   -10.284 -5.124  1.00 34.63  ? 229 TYR A CA    1 
ATOM   1438 C C     . TYR C 3 94  ? 0.238   -10.307 -4.361  1.00 32.03  ? 229 TYR A C     1 
ATOM   1439 O O     . TYR C 3 94  ? 0.024   -9.528  -3.409  1.00 26.96  ? 229 TYR A O     1 
ATOM   1440 C CB    . TYR C 3 94  ? 2.611   -11.289 -4.651  1.00 40.96  ? 229 TYR A CB    1 
ATOM   1441 C CG    . TYR C 3 94  ? 3.762   -11.224 -5.599  1.00 51.34  ? 229 TYR A CG    1 
ATOM   1442 C CD1   . TYR C 3 94  ? 3.777   -11.985 -6.769  1.00 55.20  ? 229 TYR A CD1   1 
ATOM   1443 C CD2   . TYR C 3 94  ? 4.776   -10.288 -5.401  1.00 58.22  ? 229 TYR A CD2   1 
ATOM   1444 C CE1   . TYR C 3 94  ? 4.807   -11.855 -7.680  1.00 62.72  ? 229 TYR A CE1   1 
ATOM   1445 C CE2   . TYR C 3 94  ? 5.805   -10.135 -6.308  1.00 67.03  ? 229 TYR A CE2   1 
ATOM   1446 C CZ    . TYR C 3 94  ? 5.830   -10.919 -7.442  1.00 70.77  ? 229 TYR A CZ    1 
ATOM   1447 O OH    . TYR C 3 94  ? 6.879   -10.751 -8.329  1.00 73.63  ? 229 TYR A OH    1 
ATOM   1448 N N     . ALA C 3 95  ? -0.694  -11.112 -4.887  1.00 29.09  ? 230 ALA A N     1 
ATOM   1449 C CA    . ALA C 3 95  ? -1.928  -11.430 -4.191  1.00 31.00  ? 230 ALA A CA    1 
ATOM   1450 C C     . ALA C 3 95  ? -1.922  -12.891 -3.740  1.00 29.74  ? 230 ALA A C     1 
ATOM   1451 O O     . ALA C 3 95  ? -1.356  -13.731 -4.425  1.00 30.45  ? 230 ALA A O     1 
ATOM   1452 C CB    . ALA C 3 95  ? -3.094  -11.144 -5.070  1.00 30.24  ? 230 ALA A CB    1 
ATOM   1453 N N     . SER C 3 96  ? -2.518  -13.179 -2.582  1.00 28.99  ? 231 SER A N     1 
ATOM   1454 C CA    . SER C 3 96  ? -2.504  -14.534 -2.053  1.00 27.91  ? 231 SER A CA    1 
ATOM   1455 C C     . SER C 3 96  ? -3.579  -15.346 -2.703  1.00 28.61  ? 231 SER A C     1 
ATOM   1456 O O     . SER C 3 96  ? -4.566  -14.820 -3.259  1.00 33.16  ? 231 SER A O     1 
ATOM   1457 C CB    . SER C 3 96  ? -2.618  -14.553 -0.530  1.00 30.44  ? 231 SER A CB    1 
ATOM   1458 O OG    . SER C 3 96  ? -3.835  -14.038 -0.039  1.00 31.01  ? 231 SER A OG    1 
ATOM   1459 N N     . VAL C 3 97  ? -3.405  -16.644 -2.663  1.00 30.21  ? 232 VAL A N     1 
ATOM   1460 C CA    . VAL C 3 97  ? -4.427  -17.558 -3.206  1.00 31.39  ? 232 VAL A CA    1 
ATOM   1461 C C     . VAL C 3 97  ? -5.794  -17.253 -2.606  1.00 32.97  ? 232 VAL A C     1 
ATOM   1462 O O     . VAL C 3 97  ? -6.804  -17.231 -3.325  1.00 36.70  ? 232 VAL A O     1 
ATOM   1463 C CB    . VAL C 3 97  ? -4.026  -19.028 -2.999  1.00 31.16  ? 232 VAL A CB    1 
ATOM   1464 C CG1   . VAL C 3 97  ? -5.202  -19.972 -3.237  1.00 33.64  ? 232 VAL A CG1   1 
ATOM   1465 C CG2   . VAL C 3 97  ? -2.878  -19.395 -3.943  1.00 31.27  ? 232 VAL A CG2   1 
ATOM   1466 N N     . ARG C 3 98  ? -5.823  -16.992 -1.303  1.00 33.62  ? 233 ARG A N     1 
ATOM   1467 C CA    . ARG C 3 98  ? -7.113  -16.768 -0.617  1.00 33.76  ? 233 ARG A CA    1 
ATOM   1468 C C     . ARG C 3 98  ? -7.729  -15.406 -0.829  1.00 33.95  ? 233 ARG A C     1 
ATOM   1469 O O     . ARG C 3 98  ? -8.930  -15.266 -0.661  1.00 40.40  ? 233 ARG A O     1 
ATOM   1470 C CB    . ARG C 3 98  ? -6.954  -17.026 0.876   1.00 30.84  ? 233 ARG A CB    1 
ATOM   1471 C CG    . ARG C 3 98  ? -6.826  -18.509 1.170   1.00 32.23  ? 233 ARG A CG    1 
ATOM   1472 C CD    . ARG C 3 98  ? -6.343  -18.760 2.607   1.00 34.36  ? 233 ARG A CD    1 
ATOM   1473 N NE    . ARG C 3 98  ? -5.994  -20.161 2.863   1.00 34.66  ? 233 ARG A NE    1 
ATOM   1474 C CZ    . ARG C 3 98  ? -4.905  -20.796 2.400   1.00 38.71  ? 233 ARG A CZ    1 
ATOM   1475 N NH1   . ARG C 3 98  ? -4.009  -20.181 1.612   1.00 40.85  ? 233 ARG A NH1   1 
ATOM   1476 N NH2   . ARG C 3 98  ? -4.701  -22.077 2.715   1.00 35.30  ? 233 ARG A NH2   1 
ATOM   1477 N N     . ASN C 3 99  ? -6.934  -14.394 -1.185  1.00 31.67  ? 234 ASN A N     1 
ATOM   1478 C CA    . ASN C 3 99  ? -7.469  -13.028 -1.286  1.00 30.92  ? 234 ASN A CA    1 
ATOM   1479 C C     . ASN C 3 99  ? -7.590  -12.480 -2.679  1.00 30.40  ? 234 ASN A C     1 
ATOM   1480 O O     . ASN C 3 99  ? -8.246  -11.478 -2.878  1.00 33.30  ? 234 ASN A O     1 
ATOM   1481 C CB    . ASN C 3 99  ? -6.579  -12.069 -0.504  1.00 35.10  ? 234 ASN A CB    1 
ATOM   1482 C CG    . ASN C 3 99  ? -6.418  -12.465 0.938   1.00 37.23  ? 234 ASN A CG    1 
ATOM   1483 O OD1   . ASN C 3 99  ? -7.072  -13.372 1.387   1.00 44.15  ? 234 ASN A OD1   1 
ATOM   1484 N ND2   . ASN C 3 99  ? -5.526  -11.802 1.658   1.00 36.22  ? 234 ASN A ND2   1 
ATOM   1485 N N     . VAL C 3 100 ? -6.914  -13.100 -3.638  1.00 31.06  ? 235 VAL A N     1 
ATOM   1486 C CA    . VAL C 3 100 ? -6.803  -12.526 -4.960  1.00 29.98  ? 235 VAL A CA    1 
ATOM   1487 C C     . VAL C 3 100 ? -8.188  -12.234 -5.571  1.00 33.73  ? 235 VAL A C     1 
ATOM   1488 O O     . VAL C 3 100 ? -8.378  -11.150 -6.170  1.00 30.14  ? 235 VAL A O     1 
ATOM   1489 C CB    . VAL C 3 100 ? -5.909  -13.362 -5.904  1.00 28.43  ? 235 VAL A CB    1 
ATOM   1490 C CG1   . VAL C 3 100 ? -6.424  -14.804 -6.095  1.00 27.95  ? 235 VAL A CG1   1 
ATOM   1491 C CG2   . VAL C 3 100 ? -5.770  -12.648 -7.250  1.00 29.20  ? 235 VAL A CG2   1 
ATOM   1492 N N     . LYS C 3 101 ? -9.146  -13.154 -5.405  1.00 36.28  ? 236 LYS A N     1 
ATOM   1493 C CA    . LYS C 3 101 ? -10.456 -12.976 -6.075  1.00 41.97  ? 236 LYS A CA    1 
ATOM   1494 C C     . LYS C 3 101 ? -11.295 -11.794 -5.560  1.00 39.48  ? 236 LYS A C     1 
ATOM   1495 O O     . LYS C 3 101 ? -12.137 -11.250 -6.277  1.00 41.00  ? 236 LYS A O     1 
ATOM   1496 C CB    . LYS C 3 101 ? -11.278 -14.268 -6.035  1.00 44.68  ? 236 LYS A CB    1 
ATOM   1497 C CG    . LYS C 3 101 ? -10.696 -15.322 -6.970  1.00 49.04  ? 236 LYS A CG    1 
ATOM   1498 C CD    . LYS C 3 101 ? -11.647 -16.497 -7.171  1.00 53.55  ? 236 LYS A CD    1 
ATOM   1499 C CE    . LYS C 3 101 ? -10.927 -17.727 -7.718  1.00 56.39  ? 236 LYS A CE    1 
ATOM   1500 N NZ    . LYS C 3 101 ? -11.663 -18.936 -7.228  1.00 59.97  ? 236 LYS A NZ    1 
ATOM   1501 N N     . LYS C 3 102 ? -10.980 -11.369 -4.345  1.00 42.01  ? 237 LYS A N     1 
ATOM   1502 C CA    . LYS C 3 102 ? -11.748 -10.399 -3.580  1.00 38.40  ? 237 LYS A CA    1 
ATOM   1503 C C     . LYS C 3 102 ? -11.266 -8.994  -3.791  1.00 37.25  ? 237 LYS A C     1 
ATOM   1504 O O     . LYS C 3 102 ? -11.838 -8.060  -3.272  1.00 41.54  ? 237 LYS A O     1 
ATOM   1505 C CB    . LYS C 3 102 ? -11.665 -10.779 -2.104  1.00 37.68  ? 237 LYS A CB    1 
ATOM   1506 C CG    . LYS C 3 102 ? -12.064 -12.238 -1.865  1.00 39.81  ? 237 LYS A CG    1 
ATOM   1507 C CD    . LYS C 3 102 ? -11.994 -12.699 -0.428  1.00 46.25  ? 237 LYS A CD    1 
ATOM   1508 C CE    . LYS C 3 102 ? -12.749 -14.024 -0.345  1.00 52.37  ? 237 LYS A CE    1 
ATOM   1509 N NZ    . LYS C 3 102 ? -12.553 -14.702 0.944   1.00 51.19  ? 237 LYS A NZ    1 
ATOM   1510 N N     . ILE C 3 103 ? -10.222 -8.827  -4.577  1.00 40.86  ? 238 ILE A N     1 
ATOM   1511 C CA    . ILE C 3 103 ? -9.674  -7.512  -4.851  1.00 43.19  ? 238 ILE A CA    1 
ATOM   1512 C C     . ILE C 3 103 ? -10.720 -6.609  -5.482  1.00 38.13  ? 238 ILE A C     1 
ATOM   1513 O O     . ILE C 3 103 ? -10.783 -5.437  -5.109  1.00 44.76  ? 238 ILE A O     1 
ATOM   1514 C CB    . ILE C 3 103 ? -8.410  -7.594  -5.753  1.00 46.54  ? 238 ILE A CB    1 
ATOM   1515 C CG1   . ILE C 3 103 ? -7.248  -8.229  -4.968  1.00 42.97  ? 238 ILE A CG1   1 
ATOM   1516 C CG2   . ILE C 3 103 ? -7.991  -6.203  -6.239  1.00 46.11  ? 238 ILE A CG2   1 
ATOM   1517 C CD1   . ILE C 3 103 ? -6.066  -8.673  -5.824  1.00 45.65  ? 238 ILE A CD1   1 
ATOM   1518 O OXT   . ILE C 3 103 ? -11.518 -6.988  -6.311  1.00 32.86  ? 238 ILE A OXT   1 
HETATM 1519 C C1    . EDO D 4 .   ? 9.212   -9.406  3.669   1.00 53.84  ? 301 EDO A C1    1 
HETATM 1520 O O1    . EDO D 4 .   ? 9.010   -10.778 4.007   1.00 56.01  ? 301 EDO A O1    1 
HETATM 1521 C C2    . EDO D 4 .   ? 9.237   -9.301  2.154   1.00 55.86  ? 301 EDO A C2    1 
HETATM 1522 O O2    . EDO D 4 .   ? 7.908   -9.037  1.665   1.00 53.10  ? 301 EDO A O2    1 
HETATM 1523 O O     . HOH E 5 .   ? -9.724  -26.135 -7.007  1.00 44.09  ? 101 HOH B O     1 
HETATM 1524 O O     . HOH E 5 .   ? -12.656 -26.350 9.923   1.00 37.05  ? 102 HOH B O     1 
HETATM 1525 O O     . HOH E 5 .   ? 2.483   -34.991 11.061  1.00 48.37  ? 103 HOH B O     1 
HETATM 1526 O O     . HOH F 5 .   ? 17.592  -0.656  11.293  1.00 46.32  ? 101 HOH C O     1 
HETATM 1527 O O     . HOH F 5 .   ? -3.682  -17.569 0.582   1.00 28.02  ? 102 HOH C O     1 
HETATM 1528 O O     . HOH F 5 .   ? -1.406  -23.953 -5.931  1.00 41.41  ? 103 HOH C O     1 
HETATM 1529 O O     . HOH F 5 .   ? 1.681   -20.416 24.585  1.00 45.74  ? 104 HOH C O     1 
HETATM 1530 O O     . HOH F 5 .   ? 16.467  -4.433  10.556  1.00 51.35  ? 105 HOH C O     1 
HETATM 1531 O O     . HOH G 5 .   ? -10.139 -1.766  3.260   1.00 46.97  ? 401 HOH A O     1 
HETATM 1532 O O     . HOH G 5 .   ? -2.146  9.908   9.356   1.00 41.94  ? 402 HOH A O     1 
HETATM 1533 O O     . HOH G 5 .   ? 9.837   -5.379  1.467   1.00 37.02  ? 403 HOH A O     1 
HETATM 1534 O O     . HOH G 5 .   ? 6.990   9.904   -6.804  1.00 46.96  ? 404 HOH A O     1 
HETATM 1535 O O     . HOH G 5 .   ? -8.561  -5.586  3.397   1.00 26.00  ? 405 HOH A O     1 
HETATM 1536 O O     . HOH G 5 .   ? 14.590  1.899   10.590  1.00 32.43  ? 406 HOH A O     1 
HETATM 1537 O O     . HOH G 5 .   ? -9.383  -15.443 -3.782  1.00 40.43  ? 407 HOH A O     1 
HETATM 1538 O O     . HOH G 5 .   ? 3.824   -4.172  11.824  1.00 45.07  ? 408 HOH A O     1 
HETATM 1539 O O     . HOH G 5 .   ? -7.108  12.188  5.401   1.00 42.38  ? 409 HOH A O     1 
HETATM 1540 O O     . HOH G 5 .   ? 7.347   -4.013  -9.305  1.00 34.57  ? 410 HOH A O     1 
HETATM 1541 O O     . HOH G 5 .   ? 10.088  -2.415  -1.077  1.00 48.61  ? 411 HOH A O     1 
HETATM 1542 O O     . HOH G 5 .   ? -10.627 15.121  3.211   1.00 51.77  ? 412 HOH A O     1 
HETATM 1543 O O     . HOH G 5 .   ? -5.162  -2.186  14.226  1.00 53.88  ? 413 HOH A O     1 
HETATM 1544 O O     . HOH G 5 .   ? -0.805  7.229   12.065  1.00 46.97  ? 414 HOH A O     1 
# 
